data_9CKH
# 
_entry.id   9CKH 
# 
_audit_conform.dict_name       mmcif_pdbx.dic 
_audit_conform.dict_version    5.404 
_audit_conform.dict_location   http://mmcif.pdb.org/dictionaries/ascii/mmcif_pdbx.dic 
# 
loop_
_database_2.database_id 
_database_2.database_code 
_database_2.pdbx_database_accession 
_database_2.pdbx_DOI 
PDB   9CKH         pdb_00009ckh 10.2210/pdb9ckh/pdb 
WWPDB D_1000285739 ?            ?                   
# 
_pdbx_audit_revision_history.ordinal             1 
_pdbx_audit_revision_history.data_content_type   'Structure model' 
_pdbx_audit_revision_history.major_revision      1 
_pdbx_audit_revision_history.minor_revision      0 
_pdbx_audit_revision_history.revision_date       2025-07-30 
_pdbx_audit_revision_history.part_number         ? 
# 
_pdbx_audit_revision_details.ordinal             1 
_pdbx_audit_revision_details.revision_ordinal    1 
_pdbx_audit_revision_details.data_content_type   'Structure model' 
_pdbx_audit_revision_details.provider            repository 
_pdbx_audit_revision_details.type                'Initial release' 
_pdbx_audit_revision_details.description         ? 
_pdbx_audit_revision_details.details             ? 
# 
_pdbx_database_status.status_code                     REL 
_pdbx_database_status.status_code_sf                  REL 
_pdbx_database_status.status_code_mr                  ? 
_pdbx_database_status.entry_id                        9CKH 
_pdbx_database_status.recvd_initial_deposition_date   2024-07-08 
_pdbx_database_status.SG_entry                        N 
_pdbx_database_status.deposit_site                    RCSB 
_pdbx_database_status.process_site                    RCSB 
_pdbx_database_status.status_code_cs                  ? 
_pdbx_database_status.status_code_nmr_data            ? 
_pdbx_database_status.methods_development_category    ? 
_pdbx_database_status.pdb_format_compatible           Y 
# 
_pdbx_database_related.db_name        PDB 
_pdbx_database_related.details        'Similar motif without Ag+' 
_pdbx_database_related.db_id          9C6U 
_pdbx_database_related.content_type   unspecified 
# 
_pdbx_contact_author.id                 2 
_pdbx_contact_author.email              rs17@nyu.edu 
_pdbx_contact_author.name_first         Ruojie 
_pdbx_contact_author.name_last          Sha 
_pdbx_contact_author.name_mi            ? 
_pdbx_contact_author.role               'principal investigator/group leader' 
_pdbx_contact_author.identifier_ORCID   0000-0002-0807-734X 
# 
loop_
_audit_author.name 
_audit_author.pdbx_ordinal 
_audit_author.identifier_ORCID 
'Vecchioni, S.'      1 0000-0001-8243-650X 
'Jong, M.A.'         2 ?                   
'Woloszyn, K.'       3 0000-0003-1200-583X 
'Sha, R.'            4 0000-0002-0807-734X 
'Ohayon, Y.P.'       5 0000-0001-7500-4282 
'Gallindo, M.A.'     6 0000-0003-4355-4313 
'Lopez Chamorro, C.' 7 0009-0000-0416-6866 
# 
_citation.abstract                  ? 
_citation.abstract_id_CAS           ? 
_citation.book_id_ISBN              ? 
_citation.book_publisher            ? 
_citation.book_publisher_city       ? 
_citation.book_title                ? 
_citation.coordinate_linkage        ? 
_citation.country                   ? 
_citation.database_id_Medline       ? 
_citation.details                   ? 
_citation.id                        primary 
_citation.journal_abbrev            'To Be Published' 
_citation.journal_id_ASTM           ? 
_citation.journal_id_CSD            0353 
_citation.journal_id_ISSN           ? 
_citation.journal_full              ? 
_citation.journal_issue             ? 
_citation.journal_volume            ? 
_citation.language                  ? 
_citation.page_first                ? 
_citation.page_last                 ? 
_citation.title                     'Deazapurine metal-mediated nanostructures' 
_citation.year                      ? 
_citation.database_id_CSD           ? 
_citation.pdbx_database_id_DOI      ? 
_citation.pdbx_database_id_PubMed   ? 
_citation.pdbx_database_id_patent   ? 
_citation.unpublished_flag          ? 
# 
loop_
_citation_author.citation_id 
_citation_author.name 
_citation_author.ordinal 
_citation_author.identifier_ORCID 
primary 'Lopez Chamorro, C.' 1 ? 
primary 'Jong, M.A.'         2 ? 
# 
loop_
_entity.id 
_entity.type 
_entity.src_method 
_entity.pdbx_description 
_entity.formula_weight 
_entity.pdbx_number_of_molecules 
_entity.pdbx_ec 
_entity.pdbx_mutation 
_entity.pdbx_fragment 
_entity.details 
1 polymer     syn 
;DNA (5'-D(*GP*AP*(7GU)P*CP*(7DA)P*(7GU)P*CP*CP*TP*(7GU)P*TP*(7DA)P*CP*(7GU)P*(7GU)P*(7DA)P*CP*(7DA)P*TP*CP*(7DA))-3')
;
6447.306 1 ? ? ? ? 
2 polymer     syn 
;DNA (5'-D(P*CP*CP*(7GU)P*TP*(7DA)P*CP*(7DA))-3')
;
2079.436 1 ? ? ? ? 
3 polymer     syn 
;DNA (5'-D(P*GP*GP*CP*TP*GP*C)-3')
;
1825.216 1 ? ? ? ? 
4 polymer     syn 
;DNA (5'-D(*TP*CP*TP*GP*AP*TP*GP*T)-3')
;
2432.614 1 ? ? ? ? 
5 non-polymer syn 'SILVER ION' 107.868  2 ? ? ? ? 
# 
loop_
_entity_poly.entity_id 
_entity_poly.type 
_entity_poly.nstd_linkage 
_entity_poly.nstd_monomer 
_entity_poly.pdbx_seq_one_letter_code 
_entity_poly.pdbx_seq_one_letter_code_can 
_entity_poly.pdbx_strand_id 
_entity_poly.pdbx_target_identifier 
1 polydeoxyribonucleotide no yes 
;(DG)(DA)(7GU)(DC)(7DA)(7GU)(DC)(DC)(DT)(7GU)(DT)(7DA)(DC)(7GU)(7GU)(7DA)(DC)
(7DA)(DT)(DC)(7DA)
;
GAGCAGCCTGTACGGACATCA A ? 
2 polydeoxyribonucleotide no yes '(DC)(DC)(7GU)(DT)(7DA)(DC)(7DA)'                                                                 
CCGTACA               B ? 
3 polydeoxyribonucleotide no no  '(DG)(DG)(DC)(DT)(DG)(DC)'                                                                        
GGCTGC                C ? 
4 polydeoxyribonucleotide no no  '(DT)(DC)(DT)(DG)(DA)(DT)(DG)(DT)'                                                                
TCTGATGT              D ? 
# 
_pdbx_entity_nonpoly.entity_id   5 
_pdbx_entity_nonpoly.name        'SILVER ION' 
_pdbx_entity_nonpoly.comp_id     AG 
# 
loop_
_entity_poly_seq.entity_id 
_entity_poly_seq.num 
_entity_poly_seq.mon_id 
_entity_poly_seq.hetero 
1 1  DG  n 
1 2  DA  n 
1 3  7GU n 
1 4  DC  n 
1 5  7DA n 
1 6  7GU n 
1 7  DC  n 
1 8  DC  n 
1 9  DT  n 
1 10 7GU n 
1 11 DT  n 
1 12 7DA n 
1 13 DC  n 
1 14 7GU n 
1 15 7GU n 
1 16 7DA n 
1 17 DC  n 
1 18 7DA n 
1 19 DT  n 
1 20 DC  n 
1 21 7DA n 
2 1  DC  n 
2 2  DC  n 
2 3  7GU n 
2 4  DT  n 
2 5  7DA n 
2 6  DC  n 
2 7  7DA n 
3 1  DG  n 
3 2  DG  n 
3 3  DC  n 
3 4  DT  n 
3 5  DG  n 
3 6  DC  n 
4 1  DT  n 
4 2  DC  n 
4 3  DT  n 
4 4  DG  n 
4 5  DA  n 
4 6  DT  n 
4 7  DG  n 
4 8  DT  n 
# 
loop_
_pdbx_entity_src_syn.entity_id 
_pdbx_entity_src_syn.pdbx_src_id 
_pdbx_entity_src_syn.pdbx_alt_source_flag 
_pdbx_entity_src_syn.pdbx_beg_seq_num 
_pdbx_entity_src_syn.pdbx_end_seq_num 
_pdbx_entity_src_syn.organism_scientific 
_pdbx_entity_src_syn.organism_common_name 
_pdbx_entity_src_syn.ncbi_taxonomy_id 
_pdbx_entity_src_syn.details 
1 1 sample 1 21 'synthetic construct' ? 32630 ? 
2 1 sample 1 7  'synthetic construct' ? 32630 ? 
3 1 sample 1 6  'synthetic construct' ? 32630 ? 
4 1 sample 1 8  'synthetic construct' ? 32630 ? 
# 
loop_
_chem_comp.id 
_chem_comp.type 
_chem_comp.mon_nstd_flag 
_chem_comp.name 
_chem_comp.pdbx_synonyms 
_chem_comp.formula 
_chem_comp.formula_weight 
7DA 'DNA linking' n "7-DEAZA-2'-DEOXYADENOSINE-5'-MONOPHOSPHATE" ? 'C11 H15 N4 O6 P' 330.234 
7GU 'DNA linking' n "7-DEAZA-2'-DEOXYGUANOSINE-5'-MONOPHOSPHATE" ? 'C11 H15 N4 O7 P' 346.233 
AG  non-polymer   . 'SILVER ION'                                 ? 'Ag 1'            107.868 
DA  'DNA linking' y "2'-DEOXYADENOSINE-5'-MONOPHOSPHATE"         ? 'C10 H14 N5 O6 P' 331.222 
DC  'DNA linking' y "2'-DEOXYCYTIDINE-5'-MONOPHOSPHATE"          ? 'C9 H14 N3 O7 P'  307.197 
DG  'DNA linking' y "2'-DEOXYGUANOSINE-5'-MONOPHOSPHATE"         ? 'C10 H14 N5 O7 P' 347.221 
DT  'DNA linking' y "THYMIDINE-5'-MONOPHOSPHATE"                 ? 'C10 H15 N2 O8 P' 322.208 
# 
loop_
_pdbx_poly_seq_scheme.asym_id 
_pdbx_poly_seq_scheme.entity_id 
_pdbx_poly_seq_scheme.seq_id 
_pdbx_poly_seq_scheme.mon_id 
_pdbx_poly_seq_scheme.ndb_seq_num 
_pdbx_poly_seq_scheme.pdb_seq_num 
_pdbx_poly_seq_scheme.auth_seq_num 
_pdbx_poly_seq_scheme.pdb_mon_id 
_pdbx_poly_seq_scheme.auth_mon_id 
_pdbx_poly_seq_scheme.pdb_strand_id 
_pdbx_poly_seq_scheme.pdb_ins_code 
_pdbx_poly_seq_scheme.hetero 
A 1 1  DG  1  101 101 DG  DG  A . n 
A 1 2  DA  2  102 102 DA  DA  A . n 
A 1 3  7GU 3  103 103 7GU 7GU A . n 
A 1 4  DC  4  104 104 DC  DC  A . n 
A 1 5  7DA 5  105 105 7DA 7DA A . n 
A 1 6  7GU 6  106 106 7GU 7GU A . n 
A 1 7  DC  7  107 107 DC  DC  A . n 
A 1 8  DC  8  108 108 DC  DC  A . n 
A 1 9  DT  9  109 109 DT  DT  A . n 
A 1 10 7GU 10 110 110 7GU 7GU A . n 
A 1 11 DT  11 111 111 DT  DT  A . n 
A 1 12 7DA 12 112 112 7DA 7DA A . n 
A 1 13 DC  13 113 113 DC  DC  A . n 
A 1 14 7GU 14 114 114 7GU 7GU A . n 
A 1 15 7GU 15 115 115 7GU 7GU A . n 
A 1 16 7DA 16 116 116 7DA 7DA A . n 
A 1 17 DC  17 117 117 DC  DC  A . n 
A 1 18 7DA 18 118 118 7DA 7DA A . n 
A 1 19 DT  19 119 119 DT  DT  A . n 
A 1 20 DC  20 120 120 DC  DC  A . n 
A 1 21 7DA 21 121 121 7DA 7DA A . n 
B 2 1  DC  1  119 119 DC  DC  B . n 
B 2 2  DC  2  120 120 DC  DC  B . n 
B 2 3  7GU 3  121 121 7GU 7GU B . n 
B 2 4  DT  4  122 122 DT  DT  B . n 
B 2 5  7DA 5  123 123 7DA 7DA B . n 
B 2 6  DC  6  124 124 DC  DC  B . n 
B 2 7  7DA 7  125 125 7DA 7DA B . n 
C 3 1  DG  1  209 209 DG  DG  C . n 
C 3 2  DG  2  210 210 DG  DG  C . n 
C 3 3  DC  3  211 211 DC  DC  C . n 
C 3 4  DT  4  212 212 DT  DT  C . n 
C 3 5  DG  5  213 213 DG  DG  C . n 
C 3 6  DC  6  214 214 DC  DC  C . n 
D 4 1  DT  1  201 201 DT  DT  D . n 
D 4 2  DC  2  202 202 DC  DC  D . n 
D 4 3  DT  3  203 203 DT  DT  D . n 
D 4 4  DG  4  204 204 DG  DG  D . n 
D 4 5  DA  5  205 205 DA  DA  D . n 
D 4 6  DT  6  206 206 DT  DT  D . n 
D 4 7  DG  7  207 207 DG  DG  D . n 
D 4 8  DT  8  208 208 DT  DT  D . n 
# 
loop_
_pdbx_entity_instance_feature.ordinal 
_pdbx_entity_instance_feature.comp_id 
_pdbx_entity_instance_feature.asym_id 
_pdbx_entity_instance_feature.seq_num 
_pdbx_entity_instance_feature.auth_comp_id 
_pdbx_entity_instance_feature.auth_asym_id 
_pdbx_entity_instance_feature.auth_seq_num 
_pdbx_entity_instance_feature.feature_type 
_pdbx_entity_instance_feature.details 
1 7DA ? ? 7DA ? ? 'SUBJECT OF INVESTIGATION' ? 
2 7GU ? ? 7GU ? ? 'SUBJECT OF INVESTIGATION' ? 
3 AG  ? ? AG  ? ? 'SUBJECT OF INVESTIGATION' ? 
# 
loop_
_pdbx_nonpoly_scheme.asym_id 
_pdbx_nonpoly_scheme.entity_id 
_pdbx_nonpoly_scheme.mon_id 
_pdbx_nonpoly_scheme.ndb_seq_num 
_pdbx_nonpoly_scheme.pdb_seq_num 
_pdbx_nonpoly_scheme.auth_seq_num 
_pdbx_nonpoly_scheme.pdb_mon_id 
_pdbx_nonpoly_scheme.auth_mon_id 
_pdbx_nonpoly_scheme.pdb_strand_id 
_pdbx_nonpoly_scheme.pdb_ins_code 
E 5 AG 1 201 2 AG AG A . 
F 5 AG 1 301 1 AG AG D . 
# 
loop_
_software.citation_id 
_software.classification 
_software.compiler_name 
_software.compiler_version 
_software.contact_author 
_software.contact_author_email 
_software.date 
_software.description 
_software.dependencies 
_software.hardware 
_software.language 
_software.location 
_software.mods 
_software.name 
_software.os 
_software.os_version 
_software.type 
_software.version 
_software.pdbx_ordinal 
? refinement       ? ? ? ? ? ? ? ? ? ? ? PHENIX    ? ? ? 1.20.1_4487 1 
? 'data reduction' ? ? ? ? ? ? ? ? ? ? ? autoPROC  ? ? ? .           2 
? 'data scaling'   ? ? ? ? ? ? ? ? ? ? ? STARANISO ? ? ? .           3 
? phasing          ? ? ? ? ? ? ? ? ? ? ? AutoSol   ? ? ? .           4 
# 
_cell.angle_alpha                  90.000 
_cell.angle_alpha_esd              ? 
_cell.angle_beta                   90.000 
_cell.angle_beta_esd               ? 
_cell.angle_gamma                  120.000 
_cell.angle_gamma_esd              ? 
_cell.entry_id                     9CKH 
_cell.details                      ? 
_cell.formula_units_Z              ? 
_cell.length_a                     123.277 
_cell.length_a_esd                 ? 
_cell.length_b                     123.277 
_cell.length_b_esd                 ? 
_cell.length_c                     62.265 
_cell.length_c_esd                 ? 
_cell.volume                       819480.716 
_cell.volume_esd                   ? 
_cell.Z_PDB                        6 
_cell.reciprocal_angle_alpha       ? 
_cell.reciprocal_angle_beta        ? 
_cell.reciprocal_angle_gamma       ? 
_cell.reciprocal_angle_alpha_esd   ? 
_cell.reciprocal_angle_beta_esd    ? 
_cell.reciprocal_angle_gamma_esd   ? 
_cell.reciprocal_length_a          ? 
_cell.reciprocal_length_b          ? 
_cell.reciprocal_length_c          ? 
_cell.reciprocal_length_a_esd      ? 
_cell.reciprocal_length_b_esd      ? 
_cell.reciprocal_length_c_esd      ? 
_cell.pdbx_unique_axis             ? 
_cell.pdbx_esd_method              ? 
# 
_symmetry.entry_id                         9CKH 
_symmetry.cell_setting                     ? 
_symmetry.Int_Tables_number                173 
_symmetry.space_group_name_Hall            'P 6c' 
_symmetry.space_group_name_H-M             'P 63' 
_symmetry.pdbx_full_space_group_name_H-M   ? 
# 
_exptl.absorpt_coefficient_mu     ? 
_exptl.absorpt_correction_T_max   ? 
_exptl.absorpt_correction_T_min   ? 
_exptl.absorpt_correction_type    ? 
_exptl.absorpt_process_details    ? 
_exptl.entry_id                   9CKH 
_exptl.crystals_number            1 
_exptl.details                    ? 
_exptl.method                     'X-RAY DIFFRACTION' 
_exptl.method_details             ? 
# 
_exptl_crystal.colour                       ? 
_exptl_crystal.density_diffrn               ? 
_exptl_crystal.density_Matthews             ? 
_exptl_crystal.density_method               ? 
_exptl_crystal.density_percent_sol          ? 
_exptl_crystal.description                  ? 
_exptl_crystal.F_000                        ? 
_exptl_crystal.id                           1 
_exptl_crystal.preparation                  ? 
_exptl_crystal.size_max                     ? 
_exptl_crystal.size_mid                     ? 
_exptl_crystal.size_min                     ? 
_exptl_crystal.size_rad                     ? 
_exptl_crystal.colour_lustre                ? 
_exptl_crystal.colour_modifier              ? 
_exptl_crystal.colour_primary               ? 
_exptl_crystal.density_meas                 ? 
_exptl_crystal.density_meas_esd             ? 
_exptl_crystal.density_meas_gt              ? 
_exptl_crystal.density_meas_lt              ? 
_exptl_crystal.density_meas_temp            ? 
_exptl_crystal.density_meas_temp_esd        ? 
_exptl_crystal.density_meas_temp_gt         ? 
_exptl_crystal.density_meas_temp_lt         ? 
_exptl_crystal.pdbx_crystal_image_url       ? 
_exptl_crystal.pdbx_crystal_image_format    ? 
_exptl_crystal.pdbx_mosaicity               ? 
_exptl_crystal.pdbx_mosaicity_esd           ? 
_exptl_crystal.pdbx_mosaic_method           ? 
_exptl_crystal.pdbx_mosaic_block_size       ? 
_exptl_crystal.pdbx_mosaic_block_size_esd   ? 
# 
_exptl_crystal_grow.apparatus       ? 
_exptl_crystal_grow.atmosphere      ? 
_exptl_crystal_grow.crystal_id      1 
_exptl_crystal_grow.details         ? 
_exptl_crystal_grow.method          'VAPOR DIFFUSION, HANGING DROP' 
_exptl_crystal_grow.method_ref      ? 
_exptl_crystal_grow.pH              8.0 
_exptl_crystal_grow.pressure        ? 
_exptl_crystal_grow.pressure_esd    ? 
_exptl_crystal_grow.seeding         ? 
_exptl_crystal_grow.seeding_ref     ? 
_exptl_crystal_grow.temp_details    '338-293 at 0.4 degree /hr' 
_exptl_crystal_grow.temp_esd        ? 
_exptl_crystal_grow.time            ? 
_exptl_crystal_grow.pdbx_details    '100 mM MOPS, 1.25 M magnesium sulfate' 
_exptl_crystal_grow.pdbx_pH_range   ? 
_exptl_crystal_grow.temp            293 
# 
_diffrn.ambient_environment              ? 
_diffrn.ambient_temp                     100 
_diffrn.ambient_temp_details             ? 
_diffrn.ambient_temp_esd                 ? 
_diffrn.crystal_id                       1 
_diffrn.crystal_support                  ? 
_diffrn.crystal_treatment                ? 
_diffrn.details                          ? 
_diffrn.id                               1 
_diffrn.ambient_pressure                 ? 
_diffrn.ambient_pressure_esd             ? 
_diffrn.ambient_pressure_gt              ? 
_diffrn.ambient_pressure_lt              ? 
_diffrn.ambient_temp_gt                  ? 
_diffrn.ambient_temp_lt                  ? 
_diffrn.pdbx_serial_crystal_experiment   N 
# 
_diffrn_detector.details                      ? 
_diffrn_detector.detector                     PIXEL 
_diffrn_detector.diffrn_id                    1 
_diffrn_detector.type                         'DECTRIS EIGER2 X 9M' 
_diffrn_detector.area_resol_mean              ? 
_diffrn_detector.dtime                        ? 
_diffrn_detector.pdbx_frames_total            ? 
_diffrn_detector.pdbx_collection_time_total   ? 
_diffrn_detector.pdbx_collection_date         2024-06-23 
_diffrn_detector.pdbx_frequency               ? 
_diffrn_detector.id                           ? 
_diffrn_detector.number_of_axes               ? 
# 
_diffrn_radiation.collimation                      ? 
_diffrn_radiation.diffrn_id                        1 
_diffrn_radiation.filter_edge                      ? 
_diffrn_radiation.inhomogeneity                    ? 
_diffrn_radiation.monochromator                    ? 
_diffrn_radiation.polarisn_norm                    ? 
_diffrn_radiation.polarisn_ratio                   ? 
_diffrn_radiation.probe                            ? 
_diffrn_radiation.type                             ? 
_diffrn_radiation.xray_symbol                      ? 
_diffrn_radiation.wavelength_id                    1 
_diffrn_radiation.pdbx_monochromatic_or_laue_m_l   M 
_diffrn_radiation.pdbx_wavelength_list             ? 
_diffrn_radiation.pdbx_wavelength                  ? 
_diffrn_radiation.pdbx_diffrn_protocol             'SINGLE WAVELENGTH' 
_diffrn_radiation.pdbx_analyzer                    ? 
_diffrn_radiation.pdbx_scattering_type             x-ray 
# 
_diffrn_radiation_wavelength.id           1 
_diffrn_radiation_wavelength.wavelength   0.979346 
_diffrn_radiation_wavelength.wt           1.0 
# 
_diffrn_source.current                     ? 
_diffrn_source.details                     ? 
_diffrn_source.diffrn_id                   1 
_diffrn_source.power                       ? 
_diffrn_source.size                        ? 
_diffrn_source.source                      SYNCHROTRON 
_diffrn_source.target                      ? 
_diffrn_source.type                        'NSLS-II BEAMLINE 17-ID-2' 
_diffrn_source.voltage                     ? 
_diffrn_source.take-off_angle              ? 
_diffrn_source.pdbx_wavelength_list        0.979346 
_diffrn_source.pdbx_wavelength             ? 
_diffrn_source.pdbx_synchrotron_beamline   17-ID-2 
_diffrn_source.pdbx_synchrotron_site       NSLS-II 
# 
_reflns.B_iso_Wilson_estimate                          244.23 
_reflns.entry_id                                       9CKH 
_reflns.data_reduction_details                         ? 
_reflns.data_reduction_method                          ? 
_reflns.d_resolution_high                              5.92 
_reflns.d_resolution_low                               19.670 
_reflns.details                                        ? 
_reflns.limit_h_max                                    ? 
_reflns.limit_h_min                                    ? 
_reflns.limit_k_max                                    ? 
_reflns.limit_k_min                                    ? 
_reflns.limit_l_max                                    ? 
_reflns.limit_l_min                                    ? 
_reflns.number_all                                     ? 
_reflns.number_obs                                     2128 
_reflns.observed_criterion                             ? 
_reflns.observed_criterion_F_max                       ? 
_reflns.observed_criterion_F_min                       ? 
_reflns.observed_criterion_I_max                       ? 
_reflns.observed_criterion_I_min                       ? 
_reflns.observed_criterion_sigma_F                     ? 
_reflns.observed_criterion_sigma_I                     ? 
_reflns.percent_possible_obs                           86.7 
_reflns.R_free_details                                 ? 
_reflns.Rmerge_F_all                                   ? 
_reflns.Rmerge_F_obs                                   ? 
_reflns.Friedel_coverage                               ? 
_reflns.number_gt                                      ? 
_reflns.threshold_expression                           ? 
_reflns.pdbx_redundancy                                10.6 
_reflns.pdbx_netI_over_av_sigmaI                       ? 
_reflns.pdbx_netI_over_sigmaI                          8.9 
_reflns.pdbx_res_netI_over_av_sigmaI_2                 ? 
_reflns.pdbx_res_netI_over_sigmaI_2                    ? 
_reflns.pdbx_chi_squared                               ? 
_reflns.pdbx_scaling_rejects                           ? 
_reflns.pdbx_d_res_high_opt                            ? 
_reflns.pdbx_d_res_low_opt                             ? 
_reflns.pdbx_d_res_opt_method                          ? 
_reflns.phase_calculation_details                      ? 
_reflns.pdbx_Rrim_I_all                                ? 
_reflns.pdbx_Rpim_I_all                                ? 
_reflns.pdbx_d_opt                                     ? 
_reflns.pdbx_number_measured_all                       ? 
_reflns.pdbx_diffrn_id                                 1 
_reflns.pdbx_ordinal                                   1 
_reflns.pdbx_CC_half                                   0.999 
_reflns.pdbx_CC_star                                   ? 
_reflns.pdbx_R_split                                   ? 
_reflns.pdbx_Rmerge_I_obs                              ? 
_reflns.pdbx_Rmerge_I_all                              ? 
_reflns.pdbx_Rsym_value                                ? 
_reflns.pdbx_CC_split_method                           ? 
_reflns.pdbx_aniso_diffraction_limit_axis_1_ortho[1]   ? 
_reflns.pdbx_aniso_diffraction_limit_axis_1_ortho[2]   ? 
_reflns.pdbx_aniso_diffraction_limit_axis_1_ortho[3]   ? 
_reflns.pdbx_aniso_diffraction_limit_axis_2_ortho[1]   ? 
_reflns.pdbx_aniso_diffraction_limit_axis_2_ortho[2]   ? 
_reflns.pdbx_aniso_diffraction_limit_axis_2_ortho[3]   ? 
_reflns.pdbx_aniso_diffraction_limit_axis_3_ortho[1]   ? 
_reflns.pdbx_aniso_diffraction_limit_axis_3_ortho[2]   ? 
_reflns.pdbx_aniso_diffraction_limit_axis_3_ortho[3]   ? 
_reflns.pdbx_aniso_diffraction_limit_1                 ? 
_reflns.pdbx_aniso_diffraction_limit_2                 ? 
_reflns.pdbx_aniso_diffraction_limit_3                 ? 
_reflns.pdbx_aniso_B_tensor_eigenvector_1_ortho[1]     ? 
_reflns.pdbx_aniso_B_tensor_eigenvector_1_ortho[2]     ? 
_reflns.pdbx_aniso_B_tensor_eigenvector_1_ortho[3]     ? 
_reflns.pdbx_aniso_B_tensor_eigenvector_2_ortho[1]     ? 
_reflns.pdbx_aniso_B_tensor_eigenvector_2_ortho[2]     ? 
_reflns.pdbx_aniso_B_tensor_eigenvector_2_ortho[3]     ? 
_reflns.pdbx_aniso_B_tensor_eigenvector_3_ortho[1]     ? 
_reflns.pdbx_aniso_B_tensor_eigenvector_3_ortho[2]     ? 
_reflns.pdbx_aniso_B_tensor_eigenvector_3_ortho[3]     ? 
_reflns.pdbx_aniso_B_tensor_eigenvalue_1               ? 
_reflns.pdbx_aniso_B_tensor_eigenvalue_2               ? 
_reflns.pdbx_aniso_B_tensor_eigenvalue_3               ? 
_reflns.pdbx_orthogonalization_convention              ? 
_reflns.pdbx_percent_possible_ellipsoidal              ? 
_reflns.pdbx_percent_possible_spherical                ? 
_reflns.pdbx_percent_possible_ellipsoidal_anomalous    ? 
_reflns.pdbx_percent_possible_spherical_anomalous      ? 
_reflns.pdbx_redundancy_anomalous                      ? 
_reflns.pdbx_CC_half_anomalous                         ? 
_reflns.pdbx_absDiff_over_sigma_anomalous              ? 
_reflns.pdbx_percent_possible_anomalous                ? 
_reflns.pdbx_observed_signal_threshold                 ? 
_reflns.pdbx_signal_type                               ? 
_reflns.pdbx_signal_details                            ? 
_reflns.pdbx_signal_software_id                        ? 
# 
loop_
_reflns_shell.d_res_high 
_reflns_shell.d_res_low 
_reflns_shell.meanI_over_sigI_all 
_reflns_shell.meanI_over_sigI_obs 
_reflns_shell.number_measured_all 
_reflns_shell.number_measured_obs 
_reflns_shell.number_possible 
_reflns_shell.number_unique_all 
_reflns_shell.number_unique_obs 
_reflns_shell.percent_possible_obs 
_reflns_shell.Rmerge_F_all 
_reflns_shell.Rmerge_F_obs 
_reflns_shell.meanI_over_sigI_gt 
_reflns_shell.meanI_over_uI_all 
_reflns_shell.meanI_over_uI_gt 
_reflns_shell.number_measured_gt 
_reflns_shell.number_unique_gt 
_reflns_shell.percent_possible_gt 
_reflns_shell.Rmerge_F_gt 
_reflns_shell.Rmerge_I_gt 
_reflns_shell.pdbx_redundancy 
_reflns_shell.pdbx_chi_squared 
_reflns_shell.pdbx_netI_over_sigmaI_all 
_reflns_shell.pdbx_netI_over_sigmaI_obs 
_reflns_shell.pdbx_Rrim_I_all 
_reflns_shell.pdbx_Rpim_I_all 
_reflns_shell.pdbx_rejects 
_reflns_shell.pdbx_ordinal 
_reflns_shell.pdbx_diffrn_id 
_reflns_shell.pdbx_CC_half 
_reflns_shell.pdbx_CC_star 
_reflns_shell.pdbx_R_split 
_reflns_shell.percent_possible_all 
_reflns_shell.Rmerge_I_all 
_reflns_shell.Rmerge_I_obs 
_reflns_shell.pdbx_Rsym_value 
_reflns_shell.pdbx_percent_possible_ellipsoidal 
_reflns_shell.pdbx_percent_possible_spherical 
_reflns_shell.pdbx_percent_possible_ellipsoidal_anomalous 
_reflns_shell.pdbx_percent_possible_spherical_anomalous 
_reflns_shell.pdbx_redundancy_anomalous 
_reflns_shell.pdbx_CC_half_anomalous 
_reflns_shell.pdbx_absDiff_over_sigma_anomalous 
_reflns_shell.pdbx_percent_possible_anomalous 
5.922  6.737  ? 1.1  ? ? ? ? 192 ? ? ? ? ? ? ? ? ? ? ? ? ? ? ? ? ? ? 1 1 0.563 ? ? ? ? ? ? ? ? ? ? ? ? ? ? 
11.101 19.670 ? 27.6 ? ? ? ? 192 ? ? ? ? ? ? ? ? ? ? ? ? ? ? ? ? ? ? 2 1 0.999 ? ? ? ? ? ? ? ? ? ? ? ? ? ? 
# 
_refine.aniso_B[1][1]                            ? 
_refine.aniso_B[1][2]                            ? 
_refine.aniso_B[1][3]                            ? 
_refine.aniso_B[2][2]                            ? 
_refine.aniso_B[2][3]                            ? 
_refine.aniso_B[3][3]                            ? 
_refine.B_iso_max                                ? 
_refine.B_iso_mean                               260.18 
_refine.B_iso_min                                ? 
_refine.correlation_coeff_Fo_to_Fc               ? 
_refine.correlation_coeff_Fo_to_Fc_free          ? 
_refine.details                                  ? 
_refine.diff_density_max                         ? 
_refine.diff_density_max_esd                     ? 
_refine.diff_density_min                         ? 
_refine.diff_density_min_esd                     ? 
_refine.diff_density_rms                         ? 
_refine.diff_density_rms_esd                     ? 
_refine.entry_id                                 9CKH 
_refine.pdbx_refine_id                           'X-RAY DIFFRACTION' 
_refine.ls_abs_structure_details                 ? 
_refine.ls_abs_structure_Flack                   ? 
_refine.ls_abs_structure_Flack_esd               ? 
_refine.ls_abs_structure_Rogers                  ? 
_refine.ls_abs_structure_Rogers_esd              ? 
_refine.ls_d_res_high                            5.92 
_refine.ls_d_res_low                             19.67 
_refine.ls_extinction_coef                       ? 
_refine.ls_extinction_coef_esd                   ? 
_refine.ls_extinction_expression                 ? 
_refine.ls_extinction_method                     ? 
_refine.ls_goodness_of_fit_all                   ? 
_refine.ls_goodness_of_fit_all_esd               ? 
_refine.ls_goodness_of_fit_obs                   ? 
_refine.ls_goodness_of_fit_obs_esd               ? 
_refine.ls_hydrogen_treatment                    ? 
_refine.ls_matrix_type                           ? 
_refine.ls_number_constraints                    ? 
_refine.ls_number_parameters                     ? 
_refine.ls_number_reflns_all                     ? 
_refine.ls_number_reflns_obs                     2128 
_refine.ls_number_reflns_R_free                  114 
_refine.ls_number_reflns_R_work                  2014 
_refine.ls_number_restraints                     ? 
_refine.ls_percent_reflns_obs                    78.99 
_refine.ls_percent_reflns_R_free                 5.36 
_refine.ls_R_factor_all                          ? 
_refine.ls_R_factor_obs                          0.1621 
_refine.ls_R_factor_R_free                       0.1793 
_refine.ls_R_factor_R_free_error                 ? 
_refine.ls_R_factor_R_free_error_details         ? 
_refine.ls_R_factor_R_work                       0.1605 
_refine.ls_R_Fsqd_factor_obs                     ? 
_refine.ls_R_I_factor_obs                        ? 
_refine.ls_redundancy_reflns_all                 ? 
_refine.ls_redundancy_reflns_obs                 ? 
_refine.ls_restrained_S_all                      ? 
_refine.ls_restrained_S_obs                      ? 
_refine.ls_shift_over_esd_max                    ? 
_refine.ls_shift_over_esd_mean                   ? 
_refine.ls_structure_factor_coef                 ? 
_refine.ls_weighting_details                     ? 
_refine.ls_weighting_scheme                      ? 
_refine.ls_wR_factor_all                         ? 
_refine.ls_wR_factor_obs                         ? 
_refine.ls_wR_factor_R_free                      ? 
_refine.ls_wR_factor_R_work                      ? 
_refine.occupancy_max                            ? 
_refine.occupancy_min                            ? 
_refine.solvent_model_details                    'FLAT BULK SOLVENT MODEL' 
_refine.solvent_model_param_bsol                 ? 
_refine.solvent_model_param_ksol                 ? 
_refine.pdbx_R_complete                          ? 
_refine.ls_R_factor_gt                           ? 
_refine.ls_goodness_of_fit_gt                    ? 
_refine.ls_goodness_of_fit_ref                   ? 
_refine.ls_shift_over_su_max                     ? 
_refine.ls_shift_over_su_max_lt                  ? 
_refine.ls_shift_over_su_mean                    ? 
_refine.ls_shift_over_su_mean_lt                 ? 
_refine.pdbx_ls_sigma_I                          ? 
_refine.pdbx_ls_sigma_F                          1.98 
_refine.pdbx_ls_sigma_Fsqd                       ? 
_refine.pdbx_data_cutoff_high_absF               ? 
_refine.pdbx_data_cutoff_high_rms_absF           ? 
_refine.pdbx_data_cutoff_low_absF                ? 
_refine.pdbx_isotropic_thermal_model             ? 
_refine.pdbx_ls_cross_valid_method               'FREE R-VALUE' 
_refine.pdbx_method_to_determine_struct          SAD 
_refine.pdbx_starting_model                      ? 
_refine.pdbx_stereochemistry_target_values       'GeoStd + Monomer Library + CDL v1.2' 
_refine.pdbx_R_Free_selection_details            ? 
_refine.pdbx_stereochem_target_val_spec_case     ? 
_refine.pdbx_overall_ESU_R                       ? 
_refine.pdbx_overall_ESU_R_Free                  ? 
_refine.pdbx_solvent_vdw_probe_radii             1.1000 
_refine.pdbx_solvent_ion_probe_radii             ? 
_refine.pdbx_solvent_shrinkage_radii             0.9000 
_refine.pdbx_real_space_R                        ? 
_refine.pdbx_density_correlation                 ? 
_refine.pdbx_pd_number_of_powder_patterns        ? 
_refine.pdbx_pd_number_of_points                 ? 
_refine.pdbx_pd_meas_number_of_points            ? 
_refine.pdbx_pd_proc_ls_prof_R_factor            ? 
_refine.pdbx_pd_proc_ls_prof_wR_factor           ? 
_refine.pdbx_pd_Marquardt_correlation_coeff      ? 
_refine.pdbx_pd_Fsqrd_R_factor                   ? 
_refine.pdbx_pd_ls_matrix_band_width             ? 
_refine.pdbx_overall_phase_error                 20.8478 
_refine.pdbx_overall_SU_R_free_Cruickshank_DPI   ? 
_refine.pdbx_overall_SU_R_free_Blow_DPI          ? 
_refine.pdbx_overall_SU_R_Blow_DPI               ? 
_refine.pdbx_TLS_residual_ADP_flag               ? 
_refine.pdbx_diffrn_id                           1 
_refine.overall_SU_B                             ? 
_refine.overall_SU_ML                            0.8329 
_refine.overall_SU_R_Cruickshank_DPI             ? 
_refine.overall_SU_R_free                        ? 
_refine.overall_FOM_free_R_set                   ? 
_refine.overall_FOM_work_R_set                   ? 
_refine.pdbx_average_fsc_overall                 ? 
_refine.pdbx_average_fsc_work                    ? 
_refine.pdbx_average_fsc_free                    ? 
# 
_refine_hist.pdbx_refine_id                   'X-RAY DIFFRACTION' 
_refine_hist.cycle_id                         LAST 
_refine_hist.details                          ? 
_refine_hist.d_res_high                       5.92 
_refine_hist.d_res_low                        19.67 
_refine_hist.number_atoms_solvent             0 
_refine_hist.number_atoms_total               857 
_refine_hist.number_reflns_all                ? 
_refine_hist.number_reflns_obs                ? 
_refine_hist.number_reflns_R_free             ? 
_refine_hist.number_reflns_R_work             ? 
_refine_hist.R_factor_all                     ? 
_refine_hist.R_factor_obs                     ? 
_refine_hist.R_factor_R_free                  ? 
_refine_hist.R_factor_R_work                  ? 
_refine_hist.pdbx_number_residues_total       ? 
_refine_hist.pdbx_B_iso_mean_ligand           ? 
_refine_hist.pdbx_B_iso_mean_solvent          ? 
_refine_hist.pdbx_number_atoms_protein        0 
_refine_hist.pdbx_number_atoms_nucleic_acid   855 
_refine_hist.pdbx_number_atoms_ligand         2 
_refine_hist.pdbx_number_atoms_lipid          ? 
_refine_hist.pdbx_number_atoms_carb           ? 
_refine_hist.pdbx_pseudo_atom_details         ? 
# 
loop_
_refine_ls_restr.pdbx_refine_id 
_refine_ls_restr.criterion 
_refine_ls_restr.dev_ideal 
_refine_ls_restr.dev_ideal_target 
_refine_ls_restr.number 
_refine_ls_restr.rejects 
_refine_ls_restr.type 
_refine_ls_restr.weight 
_refine_ls_restr.pdbx_restraint_function 
'X-RAY DIFFRACTION' ? 0.0084  ? 956  ? f_bond_d           ? ? 
'X-RAY DIFFRACTION' ? 1.4527  ? 1467 ? f_angle_d          ? ? 
'X-RAY DIFFRACTION' ? 0.0656  ? 153  ? f_chiral_restr     ? ? 
'X-RAY DIFFRACTION' ? 0.0058  ? 42   ? f_plane_restr      ? ? 
'X-RAY DIFFRACTION' ? 38.7412 ? 354  ? f_dihedral_angle_d ? ? 
# 
_refine_ls_shell.pdbx_refine_id                   'X-RAY DIFFRACTION' 
_refine_ls_shell.d_res_high                       5.92 
_refine_ls_shell.d_res_low                        19.67 
_refine_ls_shell.number_reflns_all                ? 
_refine_ls_shell.number_reflns_obs                ? 
_refine_ls_shell.number_reflns_R_free             114 
_refine_ls_shell.number_reflns_R_work             2014 
_refine_ls_shell.percent_reflns_obs               78.99 
_refine_ls_shell.percent_reflns_R_free            ? 
_refine_ls_shell.R_factor_all                     ? 
_refine_ls_shell.R_factor_obs                     ? 
_refine_ls_shell.R_factor_R_free_error            ? 
_refine_ls_shell.R_factor_R_work                  0.1605 
_refine_ls_shell.redundancy_reflns_all            ? 
_refine_ls_shell.redundancy_reflns_obs            ? 
_refine_ls_shell.wR_factor_all                    ? 
_refine_ls_shell.wR_factor_obs                    ? 
_refine_ls_shell.wR_factor_R_free                 ? 
_refine_ls_shell.wR_factor_R_work                 ? 
_refine_ls_shell.pdbx_R_complete                  ? 
_refine_ls_shell.pdbx_total_number_of_bins_used   ? 
_refine_ls_shell.pdbx_phase_error                 ? 
_refine_ls_shell.pdbx_fsc_work                    ? 
_refine_ls_shell.pdbx_fsc_free                    ? 
_refine_ls_shell.R_factor_R_free                  0.1793 
# 
_struct.entry_id                     9CKH 
_struct.title                        
'[d2d3-2Ag] Tensegrity triangle with deazapurines on the helical and center strands with two deazaA:Ag+:T base pairs' 
_struct.pdbx_model_details           ? 
_struct.pdbx_formula_weight          ? 
_struct.pdbx_formula_weight_method   ? 
_struct.pdbx_model_type_details      ? 
_struct.pdbx_CASP_flag               N 
# 
_struct_keywords.entry_id        9CKH 
_struct_keywords.text            'Tensegrity triangle, deaza, Ag+, mmDNA, DNA' 
_struct_keywords.pdbx_keywords   DNA 
# 
loop_
_struct_asym.id 
_struct_asym.pdbx_blank_PDB_chainid_flag 
_struct_asym.pdbx_modified 
_struct_asym.entity_id 
_struct_asym.details 
A N N 1 ? 
B N N 2 ? 
C N N 3 ? 
D N N 4 ? 
E N N 5 ? 
F N N 5 ? 
# 
loop_
_struct_ref.id 
_struct_ref.db_name 
_struct_ref.db_code 
_struct_ref.pdbx_db_accession 
_struct_ref.pdbx_db_isoform 
_struct_ref.entity_id 
_struct_ref.pdbx_seq_one_letter_code 
_struct_ref.pdbx_align_begin 
1 PDB 9CKH 9CKH ? 1 ? 1 
2 PDB 9CKH 9CKH ? 2 ? 1 
3 PDB 9CKH 9CKH ? 3 ? 1 
4 PDB 9CKH 9CKH ? 4 ? 1 
# 
loop_
_struct_ref_seq.align_id 
_struct_ref_seq.ref_id 
_struct_ref_seq.pdbx_PDB_id_code 
_struct_ref_seq.pdbx_strand_id 
_struct_ref_seq.seq_align_beg 
_struct_ref_seq.pdbx_seq_align_beg_ins_code 
_struct_ref_seq.seq_align_end 
_struct_ref_seq.pdbx_seq_align_end_ins_code 
_struct_ref_seq.pdbx_db_accession 
_struct_ref_seq.db_align_beg 
_struct_ref_seq.pdbx_db_align_beg_ins_code 
_struct_ref_seq.db_align_end 
_struct_ref_seq.pdbx_db_align_end_ins_code 
_struct_ref_seq.pdbx_auth_seq_align_beg 
_struct_ref_seq.pdbx_auth_seq_align_end 
1 1 9CKH A 1 ? 21 ? 9CKH 101 ? 121 ? 101 121 
2 2 9CKH B 1 ? 7  ? 9CKH 119 ? 125 ? 119 125 
3 3 9CKH C 1 ? 6  ? 9CKH 209 ? 214 ? 209 214 
4 4 9CKH D 1 ? 8  ? 9CKH 201 ? 208 ? 201 208 
# 
_pdbx_struct_assembly.id                   1 
_pdbx_struct_assembly.details              author_defined_assembly 
_pdbx_struct_assembly.method_details       ? 
_pdbx_struct_assembly.oligomeric_details   dodecameric 
_pdbx_struct_assembly.oligomeric_count     12 
# 
loop_
_pdbx_struct_assembly_gen.assembly_id 
_pdbx_struct_assembly_gen.oper_expression 
_pdbx_struct_assembly_gen.asym_id_list 
1 1 A,B,C,D,E,F 
1 2 A,B,C,D,E,F 
1 3 A,B,C,D,E,F 
# 
loop_
_pdbx_struct_oper_list.id 
_pdbx_struct_oper_list.type 
_pdbx_struct_oper_list.name 
_pdbx_struct_oper_list.symmetry_operation 
_pdbx_struct_oper_list.matrix[1][1] 
_pdbx_struct_oper_list.matrix[1][2] 
_pdbx_struct_oper_list.matrix[1][3] 
_pdbx_struct_oper_list.vector[1] 
_pdbx_struct_oper_list.matrix[2][1] 
_pdbx_struct_oper_list.matrix[2][2] 
_pdbx_struct_oper_list.matrix[2][3] 
_pdbx_struct_oper_list.vector[2] 
_pdbx_struct_oper_list.matrix[3][1] 
_pdbx_struct_oper_list.matrix[3][2] 
_pdbx_struct_oper_list.matrix[3][3] 
_pdbx_struct_oper_list.vector[3] 
1 'identity operation'         1_555 x,y,z       1.0000000000  0.0000000000  0.0000000000  0.0000000000   0.0000000000  1.0000000000 0.0000000000  0.0000000000   0.0000000000  0.0000000000  1.0000000000  0.0000000000   
2 'crystal symmetry operation' 2_565 -y,x-y+1,z  -0.3050682151 -0.0597251062 0.9504558358  -10.7512444416 -0.8277581071 0.5101308699 -0.2336300747 -15.6457912589 -0.4709032813 -0.8580206334 -0.2050626548 -20.2143820759 
3 'crystal symmetry operation' 3_455 -x+y-1,-x,z -0.3050682151 -0.8277581071 -0.4709032813 -25.7498123568 -0.0597251062 0.5101308699 -0.8580206334 -10.0050750231 0.9504558358  -0.2336300747 -0.2050626548 2.4180407869 
# 
loop_
_struct_conn.id 
_struct_conn.conn_type_id 
_struct_conn.pdbx_leaving_atom_flag 
_struct_conn.pdbx_PDB_id 
_struct_conn.ptnr1_label_asym_id 
_struct_conn.ptnr1_label_comp_id 
_struct_conn.ptnr1_label_seq_id 
_struct_conn.ptnr1_label_atom_id 
_struct_conn.pdbx_ptnr1_label_alt_id 
_struct_conn.pdbx_ptnr1_PDB_ins_code 
_struct_conn.pdbx_ptnr1_standard_comp_id 
_struct_conn.ptnr1_symmetry 
_struct_conn.ptnr2_label_asym_id 
_struct_conn.ptnr2_label_comp_id 
_struct_conn.ptnr2_label_seq_id 
_struct_conn.ptnr2_label_atom_id 
_struct_conn.pdbx_ptnr2_label_alt_id 
_struct_conn.pdbx_ptnr2_PDB_ins_code 
_struct_conn.ptnr1_auth_asym_id 
_struct_conn.ptnr1_auth_comp_id 
_struct_conn.ptnr1_auth_seq_id 
_struct_conn.ptnr2_auth_asym_id 
_struct_conn.ptnr2_auth_comp_id 
_struct_conn.ptnr2_auth_seq_id 
_struct_conn.ptnr2_symmetry 
_struct_conn.pdbx_ptnr3_label_atom_id 
_struct_conn.pdbx_ptnr3_label_seq_id 
_struct_conn.pdbx_ptnr3_label_comp_id 
_struct_conn.pdbx_ptnr3_label_asym_id 
_struct_conn.pdbx_ptnr3_label_alt_id 
_struct_conn.pdbx_ptnr3_PDB_ins_code 
_struct_conn.details 
_struct_conn.pdbx_dist_value 
_struct_conn.pdbx_value_order 
_struct_conn.pdbx_role 
covale1  covale both ? A DA  2  "O3'" ? ? ? 1_555 A 7GU 3  P  ? ? A DA  102 A 7GU 103 1_555 ? ? ? ? ? ? ?                       
1.605 ? ? 
covale2  covale both ? A 7GU 3  "O3'" ? ? ? 1_555 A DC  4  P  ? ? A 7GU 103 A DC  104 1_555 ? ? ? ? ? ? ?                       
1.609 ? ? 
covale3  covale both ? A DC  4  "O3'" ? ? ? 1_555 A 7DA 5  P  ? ? A DC  104 A 7DA 105 1_555 ? ? ? ? ? ? ?                       
1.616 ? ? 
covale4  covale both ? A 7DA 5  "O3'" ? ? ? 1_555 A 7GU 6  P  ? ? A 7DA 105 A 7GU 106 1_555 ? ? ? ? ? ? ?                       
1.607 ? ? 
covale5  covale both ? A 7GU 6  "O3'" ? ? ? 1_555 A DC  7  P  ? ? A 7GU 106 A DC  107 1_555 ? ? ? ? ? ? ?                       
1.613 ? ? 
covale6  covale both ? A DT  9  "O3'" ? ? ? 1_555 A 7GU 10 P  ? ? A DT  109 A 7GU 110 1_555 ? ? ? ? ? ? ?                       
1.611 ? ? 
covale7  covale both ? A 7GU 10 "O3'" ? ? ? 1_555 A DT  11 P  ? ? A 7GU 110 A DT  111 1_555 ? ? ? ? ? ? ?                       
1.614 ? ? 
covale8  covale both ? A DT  11 "O3'" ? ? ? 1_555 A 7DA 12 P  ? ? A DT  111 A 7DA 112 1_555 ? ? ? ? ? ? ?                       
1.607 ? ? 
covale9  covale both ? A 7DA 12 "O3'" ? ? ? 1_555 A DC  13 P  ? ? A 7DA 112 A DC  113 1_555 ? ? ? ? ? ? ?                       
1.613 ? ? 
covale10 covale both ? A DC  13 "O3'" ? ? ? 1_555 A 7GU 14 P  ? ? A DC  113 A 7GU 114 1_555 ? ? ? ? ? ? ?                       
1.604 ? ? 
covale11 covale both ? A 7GU 14 "O3'" ? ? ? 1_555 A 7GU 15 P  ? ? A 7GU 114 A 7GU 115 1_555 ? ? ? ? ? ? ?                       
1.614 ? ? 
covale12 covale both ? A 7GU 15 "O3'" ? ? ? 1_555 A 7DA 16 P  ? ? A 7GU 115 A 7DA 116 1_555 ? ? ? ? ? ? ?                       
1.608 ? ? 
covale13 covale both ? A 7DA 16 "O3'" ? ? ? 1_555 A DC  17 P  ? ? A 7DA 116 A DC  117 1_555 ? ? ? ? ? ? ?                       
1.614 ? ? 
covale14 covale both ? A DC  17 "O3'" ? ? ? 1_555 A 7DA 18 P  ? ? A DC  117 A 7DA 118 1_555 ? ? ? ? ? ? ?                       
1.600 ? ? 
covale15 covale both ? A 7DA 18 "O3'" ? ? ? 1_555 A DT  19 P  ? ? A 7DA 118 A DT  119 1_555 ? ? ? ? ? ? ?                       
1.597 ? ? 
covale16 covale both ? A DC  20 "O3'" ? ? ? 1_555 A 7DA 21 P  ? ? A DC  120 A 7DA 121 1_555 ? ? ? ? ? ? ?                       
1.612 ? ? 
covale17 covale both ? B DC  2  "O3'" ? ? ? 1_555 B 7GU 3  P  ? ? B DC  120 B 7GU 121 1_555 ? ? ? ? ? ? ?                       
1.606 ? ? 
covale18 covale both ? B 7GU 3  "O3'" ? ? ? 1_555 B DT  4  P  ? ? B 7GU 121 B DT  122 1_555 ? ? ? ? ? ? ?                       
1.609 ? ? 
covale19 covale both ? B DT  4  "O3'" ? ? ? 1_555 B 7DA 5  P  ? ? B DT  122 B 7DA 123 1_555 ? ? ? ? ? ? ?                       
1.620 ? ? 
covale20 covale both ? B 7DA 5  "O3'" ? ? ? 1_555 B DC  6  P  ? ? B 7DA 123 B DC  124 1_555 ? ? ? ? ? ? ?                       
1.602 ? ? 
covale21 covale both ? B DC  6  "O3'" ? ? ? 1_555 B 7DA 7  P  ? ? B DC  124 B 7DA 125 1_555 ? ? ? ? ? ? ?                       
1.610 ? ? 
metalc1  metalc ?    ? A DT  11 N3    ? ? ? 1_555 E AG  .  AG ? ? A DT  111 A AG  201 1_555 ? ? ? ? ? ? ?                       
2.100 ? ? 
metalc2  metalc ?    ? A 7DA 16 N1    ? ? ? 1_555 F AG  .  AG ? ? A 7DA 116 D AG  301 1_555 ? ? ? ? ? ? ?                       
2.114 ? ? 
metalc3  metalc ?    ? E AG  .  AG    ? ? ? 1_555 B 7DA 5  N1 ? ? A AG  201 B 7DA 123 1_555 ? ? ? ? ? ? ?                       
2.100 ? ? 
metalc4  metalc ?    ? D DT  8  N3    ? ? ? 1_555 F AG  .  AG ? ? D DT  208 D AG  301 1_555 ? ? ? ? ? ? ?                       
2.120 ? ? 
hydrog1  hydrog ?    ? A DA  2  N1    ? ? ? 1_555 C DC  6  N4 ? ? A DA  102 C DC  214 1_555 ? ? ? ? ? ? 'DA-DC MISPAIR'         ? 
? ? 
hydrog2  hydrog ?    ? A 7GU 3  N1    ? ? ? 1_555 C DC  6  N3 ? ? A 7GU 103 C DC  214 1_555 ? ? ? ? ? ? WATSON-CRICK            ? 
? ? 
hydrog3  hydrog ?    ? A 7GU 3  N2    ? ? ? 1_555 C DC  6  O2 ? ? A 7GU 103 C DC  214 1_555 ? ? ? ? ? ? WATSON-CRICK            ? 
? ? 
hydrog4  hydrog ?    ? A 7GU 3  O6    ? ? ? 1_555 C DC  6  N4 ? ? A 7GU 103 C DC  214 1_555 ? ? ? ? ? ? WATSON-CRICK            ? 
? ? 
hydrog5  hydrog ?    ? A DC  4  N3    ? ? ? 1_555 C DG  5  N1 ? ? A DC  104 C DG  213 1_555 ? ? ? ? ? ? WATSON-CRICK            ? 
? ? 
hydrog6  hydrog ?    ? A DC  4  N4    ? ? ? 1_555 C DG  5  O6 ? ? A DC  104 C DG  213 1_555 ? ? ? ? ? ? WATSON-CRICK            ? 
? ? 
hydrog7  hydrog ?    ? A DC  4  O2    ? ? ? 1_555 C DG  5  N2 ? ? A DC  104 C DG  213 1_555 ? ? ? ? ? ? WATSON-CRICK            ? 
? ? 
hydrog8  hydrog ?    ? A 7DA 5  N1    ? ? ? 1_555 C DT  4  N3 ? ? A 7DA 105 C DT  212 1_555 ? ? ? ? ? ? WATSON-CRICK            ? 
? ? 
hydrog9  hydrog ?    ? A 7DA 5  N6    ? ? ? 1_555 C DT  4  O4 ? ? A 7DA 105 C DT  212 1_555 ? ? ? ? ? ? WATSON-CRICK            ? 
? ? 
hydrog10 hydrog ?    ? A 7GU 6  N1    ? ? ? 1_555 C DC  3  N3 ? ? A 7GU 106 C DC  211 1_555 ? ? ? ? ? ? WATSON-CRICK            ? 
? ? 
hydrog11 hydrog ?    ? A 7GU 6  N2    ? ? ? 1_555 C DC  3  O2 ? ? A 7GU 106 C DC  211 1_555 ? ? ? ? ? ? WATSON-CRICK            ? 
? ? 
hydrog12 hydrog ?    ? A 7GU 6  O6    ? ? ? 1_555 C DC  3  N4 ? ? A 7GU 106 C DC  211 1_555 ? ? ? ? ? ? WATSON-CRICK            ? 
? ? 
hydrog13 hydrog ?    ? A DC  7  N3    ? ? ? 1_555 C DG  2  N2 ? ? A DC  107 C DG  210 1_555 ? ? ? ? ? ? 'REVERSED WATSON-CRICK' ? 
? ? 
hydrog14 hydrog ?    ? A DC  7  O2    ? ? ? 1_555 C DG  2  N1 ? ? A DC  107 C DG  210 1_555 ? ? ? ? ? ? 'REVERSED WATSON-CRICK' ? 
? ? 
hydrog15 hydrog ?    ? A DC  8  N3    ? ? ? 1_555 C DG  1  N1 ? ? A DC  108 C DG  209 1_555 ? ? ? ? ? ? WATSON-CRICK            ? 
? ? 
hydrog16 hydrog ?    ? A DC  8  N4    ? ? ? 1_555 C DG  1  O6 ? ? A DC  108 C DG  209 1_555 ? ? ? ? ? ? WATSON-CRICK            ? 
? ? 
hydrog17 hydrog ?    ? A DC  8  O2    ? ? ? 1_555 C DG  1  N2 ? ? A DC  108 C DG  209 1_555 ? ? ? ? ? ? WATSON-CRICK            ? 
? ? 
hydrog18 hydrog ?    ? A DT  9  N3    ? ? ? 1_555 B 7DA 7  N1 ? ? A DT  109 B 7DA 125 1_555 ? ? ? ? ? ? WATSON-CRICK            ? 
? ? 
hydrog19 hydrog ?    ? A DT  9  O4    ? ? ? 1_555 B 7DA 7  N6 ? ? A DT  109 B 7DA 125 1_555 ? ? ? ? ? ? WATSON-CRICK            ? 
? ? 
hydrog20 hydrog ?    ? A 7GU 10 N1    ? ? ? 1_555 B DC  6  N3 ? ? A 7GU 110 B DC  124 1_555 ? ? ? ? ? ? WATSON-CRICK            ? 
? ? 
hydrog21 hydrog ?    ? A 7GU 10 N2    ? ? ? 1_555 B DC  6  O2 ? ? A 7GU 110 B DC  124 1_555 ? ? ? ? ? ? WATSON-CRICK            ? 
? ? 
hydrog22 hydrog ?    ? A 7GU 10 O6    ? ? ? 1_555 B DC  6  N4 ? ? A 7GU 110 B DC  124 1_555 ? ? ? ? ? ? WATSON-CRICK            ? 
? ? 
hydrog23 hydrog ?    ? A 7DA 12 N1    ? ? ? 1_555 B DT  4  N3 ? ? A 7DA 112 B DT  122 1_555 ? ? ? ? ? ? WATSON-CRICK            ? 
? ? 
hydrog24 hydrog ?    ? A 7DA 12 N6    ? ? ? 1_555 B DT  4  O4 ? ? A 7DA 112 B DT  122 1_555 ? ? ? ? ? ? WATSON-CRICK            ? 
? ? 
hydrog25 hydrog ?    ? A DC  13 N3    ? ? ? 1_555 B 7GU 3  N1 ? ? A DC  113 B 7GU 121 1_555 ? ? ? ? ? ? WATSON-CRICK            ? 
? ? 
hydrog26 hydrog ?    ? A DC  13 N4    ? ? ? 1_555 B 7GU 3  O6 ? ? A DC  113 B 7GU 121 1_555 ? ? ? ? ? ? WATSON-CRICK            ? 
? ? 
hydrog27 hydrog ?    ? A DC  13 O2    ? ? ? 1_555 B 7GU 3  N2 ? ? A DC  113 B 7GU 121 1_555 ? ? ? ? ? ? WATSON-CRICK            ? 
? ? 
hydrog28 hydrog ?    ? A 7GU 14 N1    ? ? ? 1_555 B DC  2  N3 ? ? A 7GU 114 B DC  120 1_555 ? ? ? ? ? ? WATSON-CRICK            ? 
? ? 
hydrog29 hydrog ?    ? A 7GU 14 N2    ? ? ? 1_555 B DC  2  O2 ? ? A 7GU 114 B DC  120 1_555 ? ? ? ? ? ? WATSON-CRICK            ? 
? ? 
hydrog30 hydrog ?    ? A 7GU 14 O6    ? ? ? 1_555 B DC  2  N4 ? ? A 7GU 114 B DC  120 1_555 ? ? ? ? ? ? WATSON-CRICK            ? 
? ? 
hydrog31 hydrog ?    ? A 7GU 15 N1    ? ? ? 1_555 B DC  1  N3 ? ? A 7GU 115 B DC  119 1_555 ? ? ? ? ? ? WATSON-CRICK            ? 
? ? 
hydrog32 hydrog ?    ? A 7GU 15 N2    ? ? ? 1_555 B DC  1  O2 ? ? A 7GU 115 B DC  119 1_555 ? ? ? ? ? ? WATSON-CRICK            ? 
? ? 
hydrog33 hydrog ?    ? A 7GU 15 O6    ? ? ? 1_555 B DC  1  N4 ? ? A 7GU 115 B DC  119 1_555 ? ? ? ? ? ? WATSON-CRICK            ? 
? ? 
hydrog34 hydrog ?    ? A DC  17 N3    ? ? ? 1_555 D DG  7  N1 ? ? A DC  117 D DG  207 1_555 ? ? ? ? ? ? WATSON-CRICK            ? 
? ? 
hydrog35 hydrog ?    ? A DC  17 N4    ? ? ? 1_555 D DG  7  O6 ? ? A DC  117 D DG  207 1_555 ? ? ? ? ? ? WATSON-CRICK            ? 
? ? 
hydrog36 hydrog ?    ? A DC  17 O2    ? ? ? 1_555 D DG  7  N2 ? ? A DC  117 D DG  207 1_555 ? ? ? ? ? ? WATSON-CRICK            ? 
? ? 
hydrog37 hydrog ?    ? A 7DA 18 N1    ? ? ? 1_555 D DT  6  N3 ? ? A 7DA 118 D DT  206 1_555 ? ? ? ? ? ? '7DA-DT MISPAIR'        ? 
? ? 
hydrog38 hydrog ?    ? A DT  19 N3    ? ? ? 1_555 D DA  5  N1 ? ? A DT  119 D DA  205 1_555 ? ? ? ? ? ? WATSON-CRICK            ? 
? ? 
hydrog39 hydrog ?    ? A DT  19 O4    ? ? ? 1_555 D DA  5  N6 ? ? A DT  119 D DA  205 1_555 ? ? ? ? ? ? WATSON-CRICK            ? 
? ? 
hydrog40 hydrog ?    ? A DC  20 N3    ? ? ? 1_555 D DG  4  N2 ? ? A DC  120 D DG  204 1_555 ? ? ? ? ? ? 'REVERSED WATSON-CRICK' ? 
? ? 
hydrog41 hydrog ?    ? A DC  20 O2    ? ? ? 1_555 D DG  4  N1 ? ? A DC  120 D DG  204 1_555 ? ? ? ? ? ? 'REVERSED WATSON-CRICK' ? 
? ? 
hydrog42 hydrog ?    ? A 7DA 21 N1    ? ? ? 1_555 D DT  3  N3 ? ? A 7DA 121 D DT  203 1_555 ? ? ? ? ? ? WATSON-CRICK            ? 
? ? 
hydrog43 hydrog ?    ? A 7DA 21 N6    ? ? ? 1_555 D DT  3  O4 ? ? A 7DA 121 D DT  203 1_555 ? ? ? ? ? ? WATSON-CRICK            ? 
? ? 
# 
loop_
_struct_conn_type.id 
_struct_conn_type.criteria 
_struct_conn_type.reference 
covale ? ? 
metalc ? ? 
hydrog ? ? 
# 
loop_
_pdbx_struct_conn_angle.id 
_pdbx_struct_conn_angle.ptnr1_label_atom_id 
_pdbx_struct_conn_angle.ptnr1_label_alt_id 
_pdbx_struct_conn_angle.ptnr1_label_asym_id 
_pdbx_struct_conn_angle.ptnr1_label_comp_id 
_pdbx_struct_conn_angle.ptnr1_label_seq_id 
_pdbx_struct_conn_angle.ptnr1_auth_atom_id 
_pdbx_struct_conn_angle.ptnr1_auth_asym_id 
_pdbx_struct_conn_angle.ptnr1_auth_comp_id 
_pdbx_struct_conn_angle.ptnr1_auth_seq_id 
_pdbx_struct_conn_angle.ptnr1_PDB_ins_code 
_pdbx_struct_conn_angle.ptnr1_symmetry 
_pdbx_struct_conn_angle.ptnr2_label_atom_id 
_pdbx_struct_conn_angle.ptnr2_label_alt_id 
_pdbx_struct_conn_angle.ptnr2_label_asym_id 
_pdbx_struct_conn_angle.ptnr2_label_comp_id 
_pdbx_struct_conn_angle.ptnr2_label_seq_id 
_pdbx_struct_conn_angle.ptnr2_auth_atom_id 
_pdbx_struct_conn_angle.ptnr2_auth_asym_id 
_pdbx_struct_conn_angle.ptnr2_auth_comp_id 
_pdbx_struct_conn_angle.ptnr2_auth_seq_id 
_pdbx_struct_conn_angle.ptnr2_PDB_ins_code 
_pdbx_struct_conn_angle.ptnr2_symmetry 
_pdbx_struct_conn_angle.ptnr3_label_atom_id 
_pdbx_struct_conn_angle.ptnr3_label_alt_id 
_pdbx_struct_conn_angle.ptnr3_label_asym_id 
_pdbx_struct_conn_angle.ptnr3_label_comp_id 
_pdbx_struct_conn_angle.ptnr3_label_seq_id 
_pdbx_struct_conn_angle.ptnr3_auth_atom_id 
_pdbx_struct_conn_angle.ptnr3_auth_asym_id 
_pdbx_struct_conn_angle.ptnr3_auth_comp_id 
_pdbx_struct_conn_angle.ptnr3_auth_seq_id 
_pdbx_struct_conn_angle.ptnr3_PDB_ins_code 
_pdbx_struct_conn_angle.ptnr3_symmetry 
_pdbx_struct_conn_angle.value 
_pdbx_struct_conn_angle.value_esd 
1 N3 ? A DT  11 ? A DT  111 ? 1_555 AG ? E AG . ? A AG 201 ? 1_555 N1 ? B 7DA 5 ? B 7DA 123 ? 1_555 157.3 ? 
2 N1 ? A 7DA 16 ? A 7DA 116 ? 1_555 AG ? F AG . ? D AG 301 ? 1_555 N3 ? D DT  8 ? D DT  208 ? 1_555 163.4 ? 
# 
_pdbx_entry_details.entry_id                   9CKH 
_pdbx_entry_details.has_ligand_of_interest     Y 
_pdbx_entry_details.compound_details           ? 
_pdbx_entry_details.source_details             ? 
_pdbx_entry_details.nonpolymer_details         ? 
_pdbx_entry_details.sequence_details           ? 
_pdbx_entry_details.has_protein_modification   N 
# 
loop_
_pdbx_validate_close_contact.id 
_pdbx_validate_close_contact.PDB_model_num 
_pdbx_validate_close_contact.auth_atom_id_1 
_pdbx_validate_close_contact.auth_asym_id_1 
_pdbx_validate_close_contact.auth_comp_id_1 
_pdbx_validate_close_contact.auth_seq_id_1 
_pdbx_validate_close_contact.PDB_ins_code_1 
_pdbx_validate_close_contact.label_alt_id_1 
_pdbx_validate_close_contact.auth_atom_id_2 
_pdbx_validate_close_contact.auth_asym_id_2 
_pdbx_validate_close_contact.auth_comp_id_2 
_pdbx_validate_close_contact.auth_seq_id_2 
_pdbx_validate_close_contact.PDB_ins_code_2 
_pdbx_validate_close_contact.label_alt_id_2 
_pdbx_validate_close_contact.dist 
1 1 O2 A DC  120 ? ? N2 D DG 204 ? ? 1.71 
2 1 N3 A DC  120 ? ? N1 D DG 204 ? ? 2.08 
3 1 O2 A DC  107 ? ? N2 C DG 210 ? ? 2.10 
4 1 N6 A 7DA 118 ? ? O4 D DT 206 ? ? 2.19 
# 
loop_
_pdbx_validate_rmsd_angle.id 
_pdbx_validate_rmsd_angle.PDB_model_num 
_pdbx_validate_rmsd_angle.auth_atom_id_1 
_pdbx_validate_rmsd_angle.auth_asym_id_1 
_pdbx_validate_rmsd_angle.auth_comp_id_1 
_pdbx_validate_rmsd_angle.auth_seq_id_1 
_pdbx_validate_rmsd_angle.PDB_ins_code_1 
_pdbx_validate_rmsd_angle.label_alt_id_1 
_pdbx_validate_rmsd_angle.auth_atom_id_2 
_pdbx_validate_rmsd_angle.auth_asym_id_2 
_pdbx_validate_rmsd_angle.auth_comp_id_2 
_pdbx_validate_rmsd_angle.auth_seq_id_2 
_pdbx_validate_rmsd_angle.PDB_ins_code_2 
_pdbx_validate_rmsd_angle.label_alt_id_2 
_pdbx_validate_rmsd_angle.auth_atom_id_3 
_pdbx_validate_rmsd_angle.auth_asym_id_3 
_pdbx_validate_rmsd_angle.auth_comp_id_3 
_pdbx_validate_rmsd_angle.auth_seq_id_3 
_pdbx_validate_rmsd_angle.PDB_ins_code_3 
_pdbx_validate_rmsd_angle.label_alt_id_3 
_pdbx_validate_rmsd_angle.angle_value 
_pdbx_validate_rmsd_angle.angle_target_value 
_pdbx_validate_rmsd_angle.angle_deviation 
_pdbx_validate_rmsd_angle.angle_standard_deviation 
_pdbx_validate_rmsd_angle.linker_flag 
1 1 "O4'" A DC 107 ? ? "C1'" A DC 107 ? ? N1 A DC 107 ? ? 111.10 108.30 2.80 0.30 N 
2 1 "O4'" A DC 120 ? ? "C1'" A DC 120 ? ? N1 A DC 120 ? ? 110.33 108.30 2.03 0.30 N 
3 1 "O4'" D DG 204 ? ? "C1'" D DG 204 ? ? N9 D DG 204 ? ? 110.15 108.30 1.85 0.30 N 
4 1 "O4'" D DA 205 ? ? "C1'" D DA 205 ? ? N9 D DA 205 ? ? 110.43 108.30 2.13 0.30 N 
# 
loop_
_space_group_symop.id 
_space_group_symop.operation_xyz 
1 x,y,z        
2 x-y,x,z+1/2  
3 y,-x+y,z+1/2 
4 -y,x-y,z     
5 -x+y,-x,z    
6 -x,-y,z+1/2  
# 
loop_
_chem_comp_atom.comp_id 
_chem_comp_atom.atom_id 
_chem_comp_atom.type_symbol 
_chem_comp_atom.pdbx_aromatic_flag 
_chem_comp_atom.pdbx_stereo_config 
_chem_comp_atom.pdbx_ordinal 
7DA P      P  N N 1   
7DA OP1    O  N N 2   
7DA OP2    O  N N 3   
7DA "O5'"  O  N N 4   
7DA N9     N  Y N 5   
7DA C4     C  Y N 6   
7DA N3     N  Y N 7   
7DA C2     C  Y N 8   
7DA N1     N  Y N 9   
7DA C6     C  Y N 10  
7DA N6     N  N N 11  
7DA C5     C  Y N 12  
7DA C7     C  Y N 13  
7DA C8     C  Y N 14  
7DA "C2'"  C  N N 15  
7DA "C5'"  C  N N 16  
7DA "C4'"  C  N R 17  
7DA "O4'"  O  N N 18  
7DA "C1'"  C  N R 19  
7DA "C3'"  C  N S 20  
7DA "O3'"  O  N N 21  
7DA OP3    O  N N 22  
7DA HOP2   H  N N 23  
7DA H2     H  N N 24  
7DA HN61   H  N N 25  
7DA HN62   H  N N 26  
7DA H7     H  N N 27  
7DA H8     H  N N 28  
7DA "H2'"  H  N N 29  
7DA "H2''" H  N N 30  
7DA "H5'"  H  N N 31  
7DA "H5''" H  N N 32  
7DA "H4'"  H  N N 33  
7DA "H1'"  H  N N 34  
7DA H1     H  N N 35  
7DA "HO3'" H  N N 36  
7DA HOP3   H  N N 37  
7GU P      P  N N 38  
7GU OP1    O  N N 39  
7GU OP2    O  N N 40  
7GU "O5'"  O  N N 41  
7GU N9     N  Y N 42  
7GU C4     C  Y N 43  
7GU N3     N  N N 44  
7GU C2     C  N N 45  
7GU N2     N  N N 46  
7GU N1     N  N N 47  
7GU C6     C  N N 48  
7GU O6     O  N N 49  
7GU C5     C  Y N 50  
7GU C7     C  Y N 51  
7GU C8     C  Y N 52  
7GU "C2'"  C  N N 53  
7GU "C5'"  C  N N 54  
7GU "C4'"  C  N R 55  
7GU "O4'"  O  N N 56  
7GU "C1'"  C  N R 57  
7GU "C3'"  C  N S 58  
7GU "O3'"  O  N N 59  
7GU OP3    O  N N 60  
7GU HOP2   H  N N 61  
7GU HN21   H  N N 62  
7GU HN22   H  N N 63  
7GU HN1    H  N N 64  
7GU H7     H  N N 65  
7GU H8     H  N N 66  
7GU "H2'"  H  N N 67  
7GU "H2''" H  N N 68  
7GU "H5'"  H  N N 69  
7GU "H5''" H  N N 70  
7GU "H4'"  H  N N 71  
7GU "H1'"  H  N N 72  
7GU "H3'"  H  N N 73  
7GU "HO3'" H  N N 74  
7GU HOP3   H  N N 75  
AG  AG     AG N N 76  
DA  OP3    O  N N 77  
DA  P      P  N N 78  
DA  OP1    O  N N 79  
DA  OP2    O  N N 80  
DA  "O5'"  O  N N 81  
DA  "C5'"  C  N N 82  
DA  "C4'"  C  N R 83  
DA  "O4'"  O  N N 84  
DA  "C3'"  C  N S 85  
DA  "O3'"  O  N N 86  
DA  "C2'"  C  N N 87  
DA  "C1'"  C  N R 88  
DA  N9     N  Y N 89  
DA  C8     C  Y N 90  
DA  N7     N  Y N 91  
DA  C5     C  Y N 92  
DA  C6     C  Y N 93  
DA  N6     N  N N 94  
DA  N1     N  Y N 95  
DA  C2     C  Y N 96  
DA  N3     N  Y N 97  
DA  C4     C  Y N 98  
DA  HOP3   H  N N 99  
DA  HOP2   H  N N 100 
DA  "H5'"  H  N N 101 
DA  "H5''" H  N N 102 
DA  "H4'"  H  N N 103 
DA  "H3'"  H  N N 104 
DA  "HO3'" H  N N 105 
DA  "H2'"  H  N N 106 
DA  "H2''" H  N N 107 
DA  "H1'"  H  N N 108 
DA  H8     H  N N 109 
DA  H61    H  N N 110 
DA  H62    H  N N 111 
DA  H2     H  N N 112 
DC  OP3    O  N N 113 
DC  P      P  N N 114 
DC  OP1    O  N N 115 
DC  OP2    O  N N 116 
DC  "O5'"  O  N N 117 
DC  "C5'"  C  N N 118 
DC  "C4'"  C  N R 119 
DC  "O4'"  O  N N 120 
DC  "C3'"  C  N S 121 
DC  "O3'"  O  N N 122 
DC  "C2'"  C  N N 123 
DC  "C1'"  C  N R 124 
DC  N1     N  N N 125 
DC  C2     C  N N 126 
DC  O2     O  N N 127 
DC  N3     N  N N 128 
DC  C4     C  N N 129 
DC  N4     N  N N 130 
DC  C5     C  N N 131 
DC  C6     C  N N 132 
DC  HOP3   H  N N 133 
DC  HOP2   H  N N 134 
DC  "H5'"  H  N N 135 
DC  "H5''" H  N N 136 
DC  "H4'"  H  N N 137 
DC  "H3'"  H  N N 138 
DC  "HO3'" H  N N 139 
DC  "H2'"  H  N N 140 
DC  "H2''" H  N N 141 
DC  "H1'"  H  N N 142 
DC  H41    H  N N 143 
DC  H42    H  N N 144 
DC  H5     H  N N 145 
DC  H6     H  N N 146 
DG  OP3    O  N N 147 
DG  P      P  N N 148 
DG  OP1    O  N N 149 
DG  OP2    O  N N 150 
DG  "O5'"  O  N N 151 
DG  "C5'"  C  N N 152 
DG  "C4'"  C  N R 153 
DG  "O4'"  O  N N 154 
DG  "C3'"  C  N S 155 
DG  "O3'"  O  N N 156 
DG  "C2'"  C  N N 157 
DG  "C1'"  C  N R 158 
DG  N9     N  Y N 159 
DG  C8     C  Y N 160 
DG  N7     N  Y N 161 
DG  C5     C  Y N 162 
DG  C6     C  N N 163 
DG  O6     O  N N 164 
DG  N1     N  N N 165 
DG  C2     C  N N 166 
DG  N2     N  N N 167 
DG  N3     N  N N 168 
DG  C4     C  Y N 169 
DG  HOP3   H  N N 170 
DG  HOP2   H  N N 171 
DG  "H5'"  H  N N 172 
DG  "H5''" H  N N 173 
DG  "H4'"  H  N N 174 
DG  "H3'"  H  N N 175 
DG  "HO3'" H  N N 176 
DG  "H2'"  H  N N 177 
DG  "H2''" H  N N 178 
DG  "H1'"  H  N N 179 
DG  H8     H  N N 180 
DG  H1     H  N N 181 
DG  H21    H  N N 182 
DG  H22    H  N N 183 
DT  OP3    O  N N 184 
DT  P      P  N N 185 
DT  OP1    O  N N 186 
DT  OP2    O  N N 187 
DT  "O5'"  O  N N 188 
DT  "C5'"  C  N N 189 
DT  "C4'"  C  N R 190 
DT  "O4'"  O  N N 191 
DT  "C3'"  C  N S 192 
DT  "O3'"  O  N N 193 
DT  "C2'"  C  N N 194 
DT  "C1'"  C  N R 195 
DT  N1     N  N N 196 
DT  C2     C  N N 197 
DT  O2     O  N N 198 
DT  N3     N  N N 199 
DT  C4     C  N N 200 
DT  O4     O  N N 201 
DT  C5     C  N N 202 
DT  C7     C  N N 203 
DT  C6     C  N N 204 
DT  HOP3   H  N N 205 
DT  HOP2   H  N N 206 
DT  "H5'"  H  N N 207 
DT  "H5''" H  N N 208 
DT  "H4'"  H  N N 209 
DT  "H3'"  H  N N 210 
DT  "HO3'" H  N N 211 
DT  "H2'"  H  N N 212 
DT  "H2''" H  N N 213 
DT  "H1'"  H  N N 214 
DT  H3     H  N N 215 
DT  H71    H  N N 216 
DT  H72    H  N N 217 
DT  H73    H  N N 218 
DT  H6     H  N N 219 
# 
loop_
_chem_comp_bond.comp_id 
_chem_comp_bond.atom_id_1 
_chem_comp_bond.atom_id_2 
_chem_comp_bond.value_order 
_chem_comp_bond.pdbx_aromatic_flag 
_chem_comp_bond.pdbx_stereo_config 
_chem_comp_bond.pdbx_ordinal 
7DA P     OP1    doub N N 1   
7DA P     OP2    sing N N 2   
7DA P     "O5'"  sing N N 3   
7DA P     OP3    sing N N 4   
7DA OP2   HOP2   sing N N 5   
7DA "O5'" "C5'"  sing N N 6   
7DA N9    C4     sing Y N 7   
7DA N9    C8     sing Y N 8   
7DA N9    "C1'"  sing N N 9   
7DA C4    N3     sing Y N 10  
7DA C4    C5     doub Y N 11  
7DA N3    C2     doub Y N 12  
7DA C2    N1     sing Y N 13  
7DA C2    H2     sing N N 14  
7DA N1    C6     doub Y N 15  
7DA C6    N6     sing N N 16  
7DA C6    C5     sing Y N 17  
7DA N6    HN61   sing N N 18  
7DA N6    HN62   sing N N 19  
7DA C5    C7     sing Y N 20  
7DA C7    C8     doub Y N 21  
7DA C7    H7     sing N N 22  
7DA C8    H8     sing N N 23  
7DA "C2'" "C1'"  sing N N 24  
7DA "C2'" "C3'"  sing N N 25  
7DA "C2'" "H2'"  sing N N 26  
7DA "C2'" "H2''" sing N N 27  
7DA "C5'" "C4'"  sing N N 28  
7DA "C5'" "H5'"  sing N N 29  
7DA "C5'" "H5''" sing N N 30  
7DA "C4'" "O4'"  sing N N 31  
7DA "C4'" "C3'"  sing N N 32  
7DA "C4'" "H4'"  sing N N 33  
7DA "O4'" "C1'"  sing N N 34  
7DA "C1'" "H1'"  sing N N 35  
7DA "C3'" "O3'"  sing N N 36  
7DA "C3'" H1     sing N N 37  
7DA "O3'" "HO3'" sing N N 38  
7DA OP3   HOP3   sing N N 39  
7GU P     OP1    doub N N 40  
7GU P     OP2    sing N N 41  
7GU P     "O5'"  sing N N 42  
7GU P     OP3    sing N N 43  
7GU OP2   HOP2   sing N N 44  
7GU "O5'" "C5'"  sing N N 45  
7GU N9    C4     sing Y N 46  
7GU N9    C8     sing Y N 47  
7GU N9    "C1'"  sing N N 48  
7GU C4    N3     sing N N 49  
7GU C4    C5     doub Y N 50  
7GU N3    C2     doub N N 51  
7GU C2    N2     sing N N 52  
7GU C2    N1     sing N N 53  
7GU N2    HN21   sing N N 54  
7GU N2    HN22   sing N N 55  
7GU N1    C6     sing N N 56  
7GU N1    HN1    sing N N 57  
7GU C6    O6     doub N N 58  
7GU C6    C5     sing N N 59  
7GU C5    C7     sing Y N 60  
7GU C7    C8     doub Y N 61  
7GU C7    H7     sing N N 62  
7GU C8    H8     sing N N 63  
7GU "C2'" "C1'"  sing N N 64  
7GU "C2'" "C3'"  sing N N 65  
7GU "C2'" "H2'"  sing N N 66  
7GU "C2'" "H2''" sing N N 67  
7GU "C5'" "C4'"  sing N N 68  
7GU "C5'" "H5'"  sing N N 69  
7GU "C5'" "H5''" sing N N 70  
7GU "C4'" "O4'"  sing N N 71  
7GU "C4'" "C3'"  sing N N 72  
7GU "C4'" "H4'"  sing N N 73  
7GU "O4'" "C1'"  sing N N 74  
7GU "C1'" "H1'"  sing N N 75  
7GU "C3'" "O3'"  sing N N 76  
7GU "C3'" "H3'"  sing N N 77  
7GU "O3'" "HO3'" sing N N 78  
7GU OP3   HOP3   sing N N 79  
DA  OP3   P      sing N N 80  
DA  OP3   HOP3   sing N N 81  
DA  P     OP1    doub N N 82  
DA  P     OP2    sing N N 83  
DA  P     "O5'"  sing N N 84  
DA  OP2   HOP2   sing N N 85  
DA  "O5'" "C5'"  sing N N 86  
DA  "C5'" "C4'"  sing N N 87  
DA  "C5'" "H5'"  sing N N 88  
DA  "C5'" "H5''" sing N N 89  
DA  "C4'" "O4'"  sing N N 90  
DA  "C4'" "C3'"  sing N N 91  
DA  "C4'" "H4'"  sing N N 92  
DA  "O4'" "C1'"  sing N N 93  
DA  "C3'" "O3'"  sing N N 94  
DA  "C3'" "C2'"  sing N N 95  
DA  "C3'" "H3'"  sing N N 96  
DA  "O3'" "HO3'" sing N N 97  
DA  "C2'" "C1'"  sing N N 98  
DA  "C2'" "H2'"  sing N N 99  
DA  "C2'" "H2''" sing N N 100 
DA  "C1'" N9     sing N N 101 
DA  "C1'" "H1'"  sing N N 102 
DA  N9    C8     sing Y N 103 
DA  N9    C4     sing Y N 104 
DA  C8    N7     doub Y N 105 
DA  C8    H8     sing N N 106 
DA  N7    C5     sing Y N 107 
DA  C5    C6     sing Y N 108 
DA  C5    C4     doub Y N 109 
DA  C6    N6     sing N N 110 
DA  C6    N1     doub Y N 111 
DA  N6    H61    sing N N 112 
DA  N6    H62    sing N N 113 
DA  N1    C2     sing Y N 114 
DA  C2    N3     doub Y N 115 
DA  C2    H2     sing N N 116 
DA  N3    C4     sing Y N 117 
DC  OP3   P      sing N N 118 
DC  OP3   HOP3   sing N N 119 
DC  P     OP1    doub N N 120 
DC  P     OP2    sing N N 121 
DC  P     "O5'"  sing N N 122 
DC  OP2   HOP2   sing N N 123 
DC  "O5'" "C5'"  sing N N 124 
DC  "C5'" "C4'"  sing N N 125 
DC  "C5'" "H5'"  sing N N 126 
DC  "C5'" "H5''" sing N N 127 
DC  "C4'" "O4'"  sing N N 128 
DC  "C4'" "C3'"  sing N N 129 
DC  "C4'" "H4'"  sing N N 130 
DC  "O4'" "C1'"  sing N N 131 
DC  "C3'" "O3'"  sing N N 132 
DC  "C3'" "C2'"  sing N N 133 
DC  "C3'" "H3'"  sing N N 134 
DC  "O3'" "HO3'" sing N N 135 
DC  "C2'" "C1'"  sing N N 136 
DC  "C2'" "H2'"  sing N N 137 
DC  "C2'" "H2''" sing N N 138 
DC  "C1'" N1     sing N N 139 
DC  "C1'" "H1'"  sing N N 140 
DC  N1    C2     sing N N 141 
DC  N1    C6     sing N N 142 
DC  C2    O2     doub N N 143 
DC  C2    N3     sing N N 144 
DC  N3    C4     doub N N 145 
DC  C4    N4     sing N N 146 
DC  C4    C5     sing N N 147 
DC  N4    H41    sing N N 148 
DC  N4    H42    sing N N 149 
DC  C5    C6     doub N N 150 
DC  C5    H5     sing N N 151 
DC  C6    H6     sing N N 152 
DG  OP3   P      sing N N 153 
DG  OP3   HOP3   sing N N 154 
DG  P     OP1    doub N N 155 
DG  P     OP2    sing N N 156 
DG  P     "O5'"  sing N N 157 
DG  OP2   HOP2   sing N N 158 
DG  "O5'" "C5'"  sing N N 159 
DG  "C5'" "C4'"  sing N N 160 
DG  "C5'" "H5'"  sing N N 161 
DG  "C5'" "H5''" sing N N 162 
DG  "C4'" "O4'"  sing N N 163 
DG  "C4'" "C3'"  sing N N 164 
DG  "C4'" "H4'"  sing N N 165 
DG  "O4'" "C1'"  sing N N 166 
DG  "C3'" "O3'"  sing N N 167 
DG  "C3'" "C2'"  sing N N 168 
DG  "C3'" "H3'"  sing N N 169 
DG  "O3'" "HO3'" sing N N 170 
DG  "C2'" "C1'"  sing N N 171 
DG  "C2'" "H2'"  sing N N 172 
DG  "C2'" "H2''" sing N N 173 
DG  "C1'" N9     sing N N 174 
DG  "C1'" "H1'"  sing N N 175 
DG  N9    C8     sing Y N 176 
DG  N9    C4     sing Y N 177 
DG  C8    N7     doub Y N 178 
DG  C8    H8     sing N N 179 
DG  N7    C5     sing Y N 180 
DG  C5    C6     sing N N 181 
DG  C5    C4     doub Y N 182 
DG  C6    O6     doub N N 183 
DG  C6    N1     sing N N 184 
DG  N1    C2     sing N N 185 
DG  N1    H1     sing N N 186 
DG  C2    N2     sing N N 187 
DG  C2    N3     doub N N 188 
DG  N2    H21    sing N N 189 
DG  N2    H22    sing N N 190 
DG  N3    C4     sing N N 191 
DT  OP3   P      sing N N 192 
DT  OP3   HOP3   sing N N 193 
DT  P     OP1    doub N N 194 
DT  P     OP2    sing N N 195 
DT  P     "O5'"  sing N N 196 
DT  OP2   HOP2   sing N N 197 
DT  "O5'" "C5'"  sing N N 198 
DT  "C5'" "C4'"  sing N N 199 
DT  "C5'" "H5'"  sing N N 200 
DT  "C5'" "H5''" sing N N 201 
DT  "C4'" "O4'"  sing N N 202 
DT  "C4'" "C3'"  sing N N 203 
DT  "C4'" "H4'"  sing N N 204 
DT  "O4'" "C1'"  sing N N 205 
DT  "C3'" "O3'"  sing N N 206 
DT  "C3'" "C2'"  sing N N 207 
DT  "C3'" "H3'"  sing N N 208 
DT  "O3'" "HO3'" sing N N 209 
DT  "C2'" "C1'"  sing N N 210 
DT  "C2'" "H2'"  sing N N 211 
DT  "C2'" "H2''" sing N N 212 
DT  "C1'" N1     sing N N 213 
DT  "C1'" "H1'"  sing N N 214 
DT  N1    C2     sing N N 215 
DT  N1    C6     sing N N 216 
DT  C2    O2     doub N N 217 
DT  C2    N3     sing N N 218 
DT  N3    C4     sing N N 219 
DT  N3    H3     sing N N 220 
DT  C4    O4     doub N N 221 
DT  C4    C5     sing N N 222 
DT  C5    C7     sing N N 223 
DT  C5    C6     doub N N 224 
DT  C7    H71    sing N N 225 
DT  C7    H72    sing N N 226 
DT  C7    H73    sing N N 227 
DT  C6    H6     sing N N 228 
# 
loop_
_ndb_struct_conf_na.entry_id 
_ndb_struct_conf_na.feature 
9CKH 'double helix'        
9CKH 'b-form double helix' 
# 
loop_
_ndb_struct_na_base_pair.model_number 
_ndb_struct_na_base_pair.i_label_asym_id 
_ndb_struct_na_base_pair.i_label_comp_id 
_ndb_struct_na_base_pair.i_label_seq_id 
_ndb_struct_na_base_pair.i_symmetry 
_ndb_struct_na_base_pair.j_label_asym_id 
_ndb_struct_na_base_pair.j_label_comp_id 
_ndb_struct_na_base_pair.j_label_seq_id 
_ndb_struct_na_base_pair.j_symmetry 
_ndb_struct_na_base_pair.shear 
_ndb_struct_na_base_pair.stretch 
_ndb_struct_na_base_pair.stagger 
_ndb_struct_na_base_pair.buckle 
_ndb_struct_na_base_pair.propeller 
_ndb_struct_na_base_pair.opening 
_ndb_struct_na_base_pair.pair_number 
_ndb_struct_na_base_pair.pair_name 
_ndb_struct_na_base_pair.i_auth_asym_id 
_ndb_struct_na_base_pair.i_auth_seq_id 
_ndb_struct_na_base_pair.i_PDB_ins_code 
_ndb_struct_na_base_pair.j_auth_asym_id 
_ndb_struct_na_base_pair.j_auth_seq_id 
_ndb_struct_na_base_pair.j_PDB_ins_code 
_ndb_struct_na_base_pair.hbond_type_28 
_ndb_struct_na_base_pair.hbond_type_12 
1 A 7GU 3  1_555 C DC  6 1_555 0.030  -0.667 0.820  8.783  -6.062  -3.188  1  A_7GU103:DC214_C A 103 ? C 214 ? 19 1 
1 A DC  4  1_555 C DG  5 1_555 0.126  -0.155 -0.039 3.917  -4.298  -0.490  2  A_DC104:DG213_C  A 104 ? C 213 ? 19 1 
1 A 7DA 5  1_555 C DT  4 1_555 0.525  -0.038 -0.147 -0.893 -6.023  -16.720 3  A_7DA105:DT212_C A 105 ? C 212 ? 20 1 
1 A 7GU 6  1_555 C DC  3 1_555 -0.169 -0.166 -0.447 0.259  -3.830  -1.170  4  A_7GU106:DC211_C A 106 ? C 211 ? 19 1 
1 A DC  7  1_555 C DG  2 1_555 0.112  -0.645 0.045  5.741  -6.483  3.616   5  A_DC107:DG210_C  A 107 ? C 210 ? 22 1 
1 A DC  8  1_555 C DG  1 1_555 -0.059 -0.617 0.260  1.201  -7.910  -3.114  6  A_DC108:DG209_C  A 108 ? C 209 ? 19 1 
1 A DT  9  1_555 B 7DA 7 1_555 -0.981 -0.021 0.218  -3.201 0.116   -14.191 7  A_DT109:7DA125_B A 109 ? B 125 ? 20 1 
1 A 7GU 10 1_555 B DC  6 1_555 -0.158 0.108  -0.062 4.278  4.025   -1.211  8  A_7GU110:DC124_B A 110 ? B 124 ? 19 1 
1 A 7DA 12 1_555 B DT  4 1_555 0.180  -0.381 0.243  -1.878 -1.953  0.123   9  A_7DA112:DT122_B A 112 ? B 122 ? 20 1 
1 A DC  13 1_555 B 7GU 3 1_555 0.092  0.118  0.033  3.573  -6.662  -8.774  10 A_DC113:7GU121_B A 113 ? B 121 ? 19 1 
1 A 7GU 14 1_555 B DC  2 1_555 -0.206 0.084  0.331  0.229  -8.083  -9.408  11 A_7GU114:DC120_B A 114 ? B 120 ? 19 1 
1 A 7GU 15 1_555 B DC  1 1_555 -0.204 0.379  0.048  1.775  -9.568  -0.416  12 A_7GU115:DC119_B A 115 ? B 119 ? 19 1 
1 A DC  17 1_555 D DG  7 1_555 0.280  0.189  0.589  -7.010 -10.085 2.428   13 A_DC117:DG207_D  A 117 ? D 207 ? 19 1 
1 A 7DA 18 1_555 D DT  6 1_555 0.713  -0.349 0.208  -2.851 -6.988  -9.749  14 A_7DA118:DT206_D A 118 ? D 206 ? ?  1 
1 A DT  19 1_555 D DA  5 1_555 0.005  -0.690 0.119  1.971  -1.890  5.694   15 A_DT119:DA205_D  A 119 ? D 205 ? 20 1 
1 A DC  20 1_555 D DG  4 1_555 0.092  -0.845 -0.084 3.663  -5.353  8.013   16 A_DC120:DG204_D  A 120 ? D 204 ? 22 1 
1 A 7DA 21 1_555 D DT  3 1_555 -0.041 -0.476 0.009  -0.267 -3.963  7.628   17 A_7DA121:DT203_D A 121 ? D 203 ? 20 1 
# 
loop_
_ndb_struct_na_base_pair_step.model_number 
_ndb_struct_na_base_pair_step.i_label_asym_id_1 
_ndb_struct_na_base_pair_step.i_label_comp_id_1 
_ndb_struct_na_base_pair_step.i_label_seq_id_1 
_ndb_struct_na_base_pair_step.i_symmetry_1 
_ndb_struct_na_base_pair_step.j_label_asym_id_1 
_ndb_struct_na_base_pair_step.j_label_comp_id_1 
_ndb_struct_na_base_pair_step.j_label_seq_id_1 
_ndb_struct_na_base_pair_step.j_symmetry_1 
_ndb_struct_na_base_pair_step.i_label_asym_id_2 
_ndb_struct_na_base_pair_step.i_label_comp_id_2 
_ndb_struct_na_base_pair_step.i_label_seq_id_2 
_ndb_struct_na_base_pair_step.i_symmetry_2 
_ndb_struct_na_base_pair_step.j_label_asym_id_2 
_ndb_struct_na_base_pair_step.j_label_comp_id_2 
_ndb_struct_na_base_pair_step.j_label_seq_id_2 
_ndb_struct_na_base_pair_step.j_symmetry_2 
_ndb_struct_na_base_pair_step.shift 
_ndb_struct_na_base_pair_step.slide 
_ndb_struct_na_base_pair_step.rise 
_ndb_struct_na_base_pair_step.tilt 
_ndb_struct_na_base_pair_step.roll 
_ndb_struct_na_base_pair_step.twist 
_ndb_struct_na_base_pair_step.x_displacement 
_ndb_struct_na_base_pair_step.y_displacement 
_ndb_struct_na_base_pair_step.helical_rise 
_ndb_struct_na_base_pair_step.inclination 
_ndb_struct_na_base_pair_step.tip 
_ndb_struct_na_base_pair_step.helical_twist 
_ndb_struct_na_base_pair_step.step_number 
_ndb_struct_na_base_pair_step.step_name 
_ndb_struct_na_base_pair_step.i_auth_asym_id_1 
_ndb_struct_na_base_pair_step.i_auth_seq_id_1 
_ndb_struct_na_base_pair_step.i_PDB_ins_code_1 
_ndb_struct_na_base_pair_step.j_auth_asym_id_1 
_ndb_struct_na_base_pair_step.j_auth_seq_id_1 
_ndb_struct_na_base_pair_step.j_PDB_ins_code_1 
_ndb_struct_na_base_pair_step.i_auth_asym_id_2 
_ndb_struct_na_base_pair_step.i_auth_seq_id_2 
_ndb_struct_na_base_pair_step.i_PDB_ins_code_2 
_ndb_struct_na_base_pair_step.j_auth_asym_id_2 
_ndb_struct_na_base_pair_step.j_auth_seq_id_2 
_ndb_struct_na_base_pair_step.j_PDB_ins_code_2 
1 A 7GU 3  1_555 C DC  6 1_555 A DC  4  1_555 C DG  5 1_555 0.222  -1.579 3.385 4.539  -0.517 36.978 -2.401 0.280  3.409 -0.812 
-7.122 37.249 1  AA_7GU103DC104:DG213DC214_CC  A 103 ? C 214 ? A 104 ? C 213 ? 
1 A DC  4  1_555 C DG  5 1_555 A 7DA 5  1_555 C DT  4 1_555 -1.701 -0.478 3.463 -1.876 -5.157 31.430 0.149  2.725  3.587 -9.430 
3.431  31.893 2  AA_DC1047DA105:DT212DG213_CC  A 104 ? C 213 ? A 105 ? C 212 ? 
1 A 7DA 5  1_555 C DT  4 1_555 A 7GU 6  1_555 C DC  3 1_555 1.256  0.213  3.912 -0.002 -1.417 31.280 0.715  -2.329 3.899 -2.626 
0.004  31.311 3  AA_7DA1057GU106:DC211DT212_CC A 105 ? C 212 ? A 106 ? C 211 ? 
1 A 7GU 6  1_555 C DC  3 1_555 A DC  7  1_555 C DG  2 1_555 1.332  -0.555 2.945 -0.993 -0.147 34.305 -0.920 -2.397 2.908 -0.250 
1.683  34.319 4  AA_7GU106DC107:DG210DC211_CC  A 106 ? C 211 ? A 107 ? C 210 ? 
1 A DC  7  1_555 C DG  2 1_555 A DC  8  1_555 C DG  1 1_555 -0.616 -0.693 2.968 -3.735 1.689  40.500 -1.167 0.508  2.981 2.432  
5.379  40.698 5  AA_DC107DC108:DG209DG210_CC   A 107 ? C 210 ? A 108 ? C 209 ? 
1 A DC  8  1_555 C DG  1 1_555 A DT  9  1_555 B 7DA 7 1_555 -1.958 -1.660 3.263 0.375  7.061  22.565 -6.210 4.895  2.597 17.502 
-0.929 23.633 6  AA_DC108DT109:7DA125DG209_BC  A 108 ? C 209 ? A 109 ? B 125 ? 
1 A DT  9  1_555 B 7DA 7 1_555 A 7GU 10 1_555 B DC  6 1_555 0.849  -0.641 3.547 -4.557 4.276  35.065 -1.707 -2.090 3.316 7.028  
7.489  35.600 7  AA_DT1097GU110:DC1247DA125_BB A 109 ? B 125 ? A 110 ? B 124 ? 
1 A 7DA 12 1_555 B DT  4 1_555 A DC  13 1_555 B 7GU 3 1_555 -1.097 0.314  2.897 2.699  -0.405 36.529 0.549  2.068  2.808 -0.645 
-4.299 36.628 8  AA_7DA112DC113:7GU121DT122_BB A 112 ? B 122 ? A 113 ? B 121 ? 
1 A DC  13 1_555 B 7GU 3 1_555 A 7GU 14 1_555 B DC  2 1_555 -0.217 2.894  3.296 0.821  -2.606 41.282 4.370  0.393  3.111 -3.692 
-1.163 41.368 9  AA_DC1137GU114:DC1207GU121_BB A 113 ? B 121 ? A 114 ? B 120 ? 
1 A 7GU 14 1_555 B DC  2 1_555 A 7GU 15 1_555 B DC  1 1_555 0.835  0.007  3.171 -0.365 -1.911 37.043 0.258  -1.361 3.159 -3.006 
0.575  37.092 10 AA_7GU1147GU115:DC119DC120_BB A 114 ? B 120 ? A 115 ? B 119 ? 
1 A DC  17 1_555 D DG  7 1_555 A 7DA 18 1_555 D DT  6 1_555 -0.826 0.032  2.777 3.251  5.569  33.663 -0.680 1.831  2.659 9.507  
-5.550 34.258 11 AA_DC1177DA118:DT206DG207_DD  A 117 ? D 207 ? A 118 ? D 206 ? 
1 A 7DA 18 1_555 D DT  6 1_555 A DT  19 1_555 D DA  5 1_555 1.430  -0.577 2.960 3.060  1.458  28.065 -1.495 -2.271 3.062 2.992  
-6.281 28.265 12 AA_7DA118DT119:DA205DT206_DD  A 118 ? D 206 ? A 119 ? D 205 ? 
1 A DT  19 1_555 D DA  5 1_555 A DC  20 1_555 D DG  4 1_555 1.079  0.026  2.913 3.069  0.549  31.233 -0.046 -1.472 3.002 1.017  
-5.683 31.384 13 AA_DT119DC120:DG204DA205_DD   A 119 ? D 205 ? A 120 ? D 204 ? 
1 A DC  20 1_555 D DG  4 1_555 A 7DA 21 1_555 D DT  3 1_555 0.043  -0.654 3.204 0.276  8.129  30.868 -2.603 -0.031 2.941 14.950 
-0.508 31.896 14 AA_DC1207DA121:DT203DG204_DD  A 120 ? D 204 ? A 121 ? D 203 ? 
# 
loop_
_pdbx_audit_support.funding_organization 
_pdbx_audit_support.country 
_pdbx_audit_support.grant_number 
_pdbx_audit_support.ordinal 
'Office of Naval Research (ONR)'                   'United States' N000141912596 1 
'National Science Foundation (NSF, United States)' 'United States' CCF-2106790   2 
'National Science Foundation (NSF, United States)' 'United States' GCR-2317843   3 
'Department of Energy (DOE, United States)'        'United States' DE-SC0007991  4 
# 
_space_group.name_H-M_alt     'P 63' 
_space_group.name_Hall        'P 6c' 
_space_group.IT_number        173 
_space_group.crystal_system   hexagonal 
_space_group.id               1 
# 
_atom_sites.entry_id                    9CKH 
_atom_sites.Cartn_transf_matrix[1][1]   ? 
_atom_sites.Cartn_transf_matrix[1][2]   ? 
_atom_sites.Cartn_transf_matrix[1][3]   ? 
_atom_sites.Cartn_transf_matrix[2][1]   ? 
_atom_sites.Cartn_transf_matrix[2][2]   ? 
_atom_sites.Cartn_transf_matrix[2][3]   ? 
_atom_sites.Cartn_transf_matrix[3][1]   ? 
_atom_sites.Cartn_transf_matrix[3][2]   ? 
_atom_sites.Cartn_transf_matrix[3][3]   ? 
_atom_sites.Cartn_transf_vector[1]      ? 
_atom_sites.Cartn_transf_vector[2]      ? 
_atom_sites.Cartn_transf_vector[3]      ? 
_atom_sites.Cartn_transform_axes        ? 
_atom_sites.fract_transf_matrix[1][1]   0.00788348 
_atom_sites.fract_transf_matrix[1][2]   0.00076103 
_atom_sites.fract_transf_matrix[1][3]   -0.00500066 
_atom_sites.fract_transf_matrix[2][1]   0.00067977 
_atom_sites.fract_transf_matrix[2][2]   -0.00420833 
_atom_sites.fract_transf_matrix[2][3]   -0.00834078 
_atom_sites.fract_transf_matrix[3][1]   -0.00578950 
_atom_sites.fract_transf_matrix[3][2]   0.01317919 
_atom_sites.fract_transf_matrix[3][3]   -0.00712139 
_atom_sites.fract_transf_vector[1]      -0.260597 
_atom_sites.fract_transf_vector[2]      0.256153 
_atom_sites.fract_transf_vector[3]      -0.239739 
_atom_sites.solution_primary            ? 
_atom_sites.solution_secondary          ? 
_atom_sites.solution_hydrogens          ? 
_atom_sites.special_details             ? 
# 
loop_
_atom_type.symbol 
_atom_type.scat_dispersion_real 
_atom_type.scat_dispersion_imag 
_atom_type.scat_Cromer_Mann_a1 
_atom_type.scat_Cromer_Mann_a2 
_atom_type.scat_Cromer_Mann_a3 
_atom_type.scat_Cromer_Mann_a4 
_atom_type.scat_Cromer_Mann_b1 
_atom_type.scat_Cromer_Mann_b2 
_atom_type.scat_Cromer_Mann_b3 
_atom_type.scat_Cromer_Mann_b4 
_atom_type.scat_Cromer_Mann_c 
_atom_type.scat_source 
_atom_type.scat_dispersion_source 
AG ? ? 46.70359 ? ? ? 5.43095  ? ? ? 0.0 
;1-Gaussian fit: Grosse-Kunstleve RW, Sauter NK, Adams PD: Newsletter of the IUCr Commission on Crystallographic Computing 2004, 3, 22-31.
;
? 
C  ? ? 5.96793  ? ? ? 14.89577 ? ? ? 0.0 
;1-Gaussian fit: Grosse-Kunstleve RW, Sauter NK, Adams PD: Newsletter of the IUCr Commission on Crystallographic Computing 2004, 3, 22-31.
;
? 
N  ? ? 6.96715  ? ? ? 11.43723 ? ? ? 0.0 
;1-Gaussian fit: Grosse-Kunstleve RW, Sauter NK, Adams PD: Newsletter of the IUCr Commission on Crystallographic Computing 2004, 3, 22-31.
;
? 
O  ? ? 7.96527  ? ? ? 9.05267  ? ? ? 0.0 
;1-Gaussian fit: Grosse-Kunstleve RW, Sauter NK, Adams PD: Newsletter of the IUCr Commission on Crystallographic Computing 2004, 3, 22-31.
;
? 
P  ? ? 14.90797 ? ? ? 11.91318 ? ? ? 0.0 
;1-Gaussian fit: Grosse-Kunstleve RW, Sauter NK, Adams PD: Newsletter of the IUCr Commission on Crystallographic Computing 2004, 3, 22-31.
;
? 
# 
loop_
_atom_site.group_PDB 
_atom_site.id 
_atom_site.type_symbol 
_atom_site.label_atom_id 
_atom_site.label_alt_id 
_atom_site.label_comp_id 
_atom_site.label_asym_id 
_atom_site.label_entity_id 
_atom_site.label_seq_id 
_atom_site.pdbx_PDB_ins_code 
_atom_site.Cartn_x 
_atom_site.Cartn_y 
_atom_site.Cartn_z 
_atom_site.occupancy 
_atom_site.B_iso_or_equiv 
_atom_site.pdbx_formal_charge 
_atom_site.auth_seq_id 
_atom_site.auth_comp_id 
_atom_site.auth_asym_id 
_atom_site.auth_atom_id 
_atom_site.pdbx_PDB_model_num 
ATOM   1   O  "O5'" . DG  A 1 1  ? -12.87793 -7.69747  35.07700  1.000 363.22000 ? 101 DG  A "O5'" 1 
ATOM   2   C  "C5'" . DG  A 1 1  ? -11.66927 -7.52539  34.35197  1.000 335.27000 ? 101 DG  A "C5'" 1 
ATOM   3   C  "C4'" . DG  A 1 1  ? -11.46055 -6.06600  34.00550  1.000 329.85000 ? 101 DG  A "C4'" 1 
ATOM   4   O  "O4'" . DG  A 1 1  ? -10.22260 -5.61236  34.57604  1.000 303.22000 ? 101 DG  A "O4'" 1 
ATOM   5   C  "C3'" . DG  A 1 1  ? -11.33581 -5.77643  32.51406  1.000 325.06000 ? 101 DG  A "C3'" 1 
ATOM   6   O  "O3'" . DG  A 1 1  ? -12.61184 -5.33805  31.94967  1.000 340.33000 ? 101 DG  A "O3'" 1 
ATOM   7   C  "C2'" . DG  A 1 1  ? -10.23448 -4.71482  32.41744  1.000 307.15000 ? 101 DG  A "C2'" 1 
ATOM   8   C  "C1'" . DG  A 1 1  ? -9.81286  -4.48216  33.86512  1.000 297.38000 ? 101 DG  A "C1'" 1 
ATOM   9   N  N9    . DG  A 1 1  ? -8.37518  -4.33607  33.99730  1.000 289.65000 ? 101 DG  A N9    1 
ATOM   10  C  C8    . DG  A 1 1  ? -7.42564  -5.31860  33.86066  1.000 287.10000 ? 101 DG  A C8    1 
ATOM   11  N  N7    . DG  A 1 1  ? -6.20633  -4.88279  34.00518  1.000 282.39000 ? 101 DG  A N7    1 
ATOM   12  C  C5    . DG  A 1 1  ? -6.35727  -3.52505  34.24108  1.000 280.42000 ? 101 DG  A C5    1 
ATOM   13  C  C6    . DG  A 1 1  ? -5.38740  -2.53066  34.47650  1.000 271.83000 ? 101 DG  A C6    1 
ATOM   14  O  O6    . DG  A 1 1  ? -4.15375  -2.65225  34.51822  1.000 259.32000 ? 101 DG  A O6    1 
ATOM   15  N  N1    . DG  A 1 1  ? -5.97302  -1.28427  34.66802  1.000 280.86000 ? 101 DG  A N1    1 
ATOM   16  C  C2    . DG  A 1 1  ? -7.32433  -1.02991  34.64068  1.000 283.14000 ? 101 DG  A C2    1 
ATOM   17  N  N2    . DG  A 1 1  ? -7.69432  0.24139   34.84506  1.000 281.58000 ? 101 DG  A N2    1 
ATOM   18  N  N3    . DG  A 1 1  ? -8.24390  -1.95310  34.42397  1.000 283.61000 ? 101 DG  A N3    1 
ATOM   19  C  C4    . DG  A 1 1  ? -7.69051  -3.17537  34.23787  1.000 285.10000 ? 101 DG  A C4    1 
ATOM   20  P  P     . DA  A 1 2  ? -13.24327 -3.88056  32.22859  1.000 394.72000 ? 102 DA  A P     1 
ATOM   21  O  OP1   . DA  A 1 2  ? -13.38389 -3.66522  33.68635  1.000 394.65000 ? 102 DA  A OP1   1 
ATOM   22  O  OP2   . DA  A 1 2  ? -14.43380 -3.75887  31.35817  1.000 359.60000 ? 102 DA  A OP2   1 
ATOM   23  O  "O5'" . DA  A 1 2  ? -12.19399 -2.85933  31.60793  1.000 309.55000 ? 102 DA  A "O5'" 1 
ATOM   24  C  "C5'" . DA  A 1 2  ? -12.53518 -2.10722  30.47853  1.000 288.57000 ? 102 DA  A "C5'" 1 
ATOM   25  C  "C4'" . DA  A 1 2  ? -12.67336 -0.66022  30.86472  1.000 282.39000 ? 102 DA  A "C4'" 1 
ATOM   26  O  "O4'" . DA  A 1 2  ? -11.77969 -0.38268  31.96885  1.000 296.94000 ? 102 DA  A "O4'" 1 
ATOM   27  C  "C3'" . DA  A 1 2  ? -12.35178 0.32669   29.75734  1.000 270.27000 ? 102 DA  A "C3'" 1 
ATOM   28  O  "O3'" . DA  A 1 2  ? -13.44198 1.22384   29.58195  1.000 254.90000 ? 102 DA  A "O3'" 1 
ATOM   29  C  "C2'" . DA  A 1 2  ? -11.09770 1.06980   30.23256  1.000 275.55000 ? 102 DA  A "C2'" 1 
ATOM   30  C  "C1'" . DA  A 1 2  ? -10.70208 0.41504   31.54750  1.000 278.14000 ? 102 DA  A "C1'" 1 
ATOM   31  N  N9    . DA  A 1 2  ? -9.46741  -0.41351  31.51363  1.000 283.86000 ? 102 DA  A N9    1 
ATOM   32  C  C8    . DA  A 1 2  ? -9.39747  -1.76892  31.51703  1.000 286.22000 ? 102 DA  A C8    1 
ATOM   33  N  N7    . DA  A 1 2  ? -8.16743  -2.24482  31.51487  1.000 282.18000 ? 102 DA  A N7    1 
ATOM   34  C  C5    . DA  A 1 2  ? -7.37990  -1.11788  31.52817  1.000 285.63000 ? 102 DA  A C5    1 
ATOM   35  C  C6    . DA  A 1 2  ? -5.96747  -0.94482  31.54361  1.000 281.07000 ? 102 DA  A C6    1 
ATOM   36  N  N6    . DA  A 1 2  ? -5.10135  -1.96450  31.53684  1.000 273.85000 ? 102 DA  A N6    1 
ATOM   37  N  N1    . DA  A 1 2  ? -5.50387  0.32035   31.55286  1.000 284.43000 ? 102 DA  A N1    1 
ATOM   38  C  C2    . DA  A 1 2  ? -6.37608  1.33821   31.55669  1.000 287.63000 ? 102 DA  A C2    1 
ATOM   39  N  N3    . DA  A 1 2  ? -7.71282  1.29863   31.54633  1.000 288.42000 ? 102 DA  A N3    1 
ATOM   40  C  C4    . DA  A 1 2  ? -8.15287  0.04000   31.53907  1.000 288.94000 ? 102 DA  A C4    1 
HETATM 41  P  P     . 7GU A 1 3  ? -13.79349 1.81043   28.12981  1.000 254.12000 ? 103 7GU A P     1 
HETATM 42  O  OP1   . 7GU A 1 3  ? -15.27756 2.07765   28.04474  1.000 251.22000 ? 103 7GU A OP1   1 
HETATM 43  O  OP2   . 7GU A 1 3  ? -13.35745 0.79284   27.10540  1.000 256.80000 ? 103 7GU A OP2   1 
HETATM 44  O  "O5'" . 7GU A 1 3  ? -12.91604 3.21236   28.00384  1.000 270.93000 ? 103 7GU A "O5'" 1 
HETATM 45  N  N9    . 7GU A 1 3  ? -8.41165  2.61564   27.98472  1.000 281.35000 ? 103 7GU A N9    1 
HETATM 46  C  C4    . 7GU A 1 3  ? -7.05762  2.44450   28.06013  1.000 284.17000 ? 103 7GU A C4    1 
HETATM 47  N  N3    . 7GU A 1 3  ? -5.93250  3.38949   27.87493  1.000 288.87000 ? 103 7GU A N3    1 
HETATM 48  C  C2    . 7GU A 1 3  ? -4.56936  2.89162   28.01936  1.000 297.72000 ? 103 7GU A C2    1 
HETATM 49  N  N2    . 7GU A 1 3  ? -3.44472  3.77661   27.84755  1.000 303.44000 ? 103 7GU A N2    1 
HETATM 50  N  N1    . 7GU A 1 3  ? -4.30518  1.51279   28.32891  1.000 297.69000 ? 103 7GU A N1    1 
HETATM 51  C  C6    . 7GU A 1 3  ? -5.38006  0.60220   28.50309  1.000 292.88000 ? 103 7GU A C6    1 
HETATM 52  O  O6    . 7GU A 1 3  ? -5.13199  -0.52436  28.76491  1.000 290.43000 ? 103 7GU A O6    1 
HETATM 53  C  C5    . 7GU A 1 3  ? -6.80519  1.11863   28.35773  1.000 287.74000 ? 103 7GU A C5    1 
HETATM 54  C  C7    . 7GU A 1 3  ? -7.98165  0.47238   28.47224  1.000 285.23000 ? 103 7GU A C7    1 
HETATM 55  C  C8    . 7GU A 1 3  ? -8.95359  1.40306   28.22668  1.000 282.79000 ? 103 7GU A C8    1 
HETATM 56  C  "C2'" . 7GU A 1 3  ? -9.01411  4.26576   26.12488  1.000 273.62000 ? 103 7GU A "C2'" 1 
HETATM 57  C  "C5'" . 7GU A 1 3  ? -11.59397 3.13910   27.53088  1.000 278.45000 ? 103 7GU A "C5'" 1 
HETATM 58  C  "C4'" . 7GU A 1 3  ? -10.93237 4.36864   27.42825  1.000 280.62000 ? 103 7GU A "C4'" 1 
HETATM 59  O  "O4'" . 7GU A 1 3  ? -9.68076  4.43791   28.37914  1.000 277.31000 ? 103 7GU A "O4'" 1 
HETATM 60  C  "C1'" . 7GU A 1 3  ? -8.64908  4.00842   27.69276  1.000 277.56000 ? 103 7GU A "C1'" 1 
HETATM 61  C  "C3'" . 7GU A 1 3  ? -10.32121 4.50213   26.01702  1.000 279.55000 ? 103 7GU A "C3'" 1 
HETATM 62  O  "O3'" . 7GU A 1 3  ? -10.67641 5.81303   25.36933  1.000 278.13000 ? 103 7GU A "O3'" 1 
ATOM   63  P  P     . DC  A 1 4  ? -9.75163  7.12148   25.51674  1.000 269.10000 ? 104 DC  A P     1 
ATOM   64  O  OP1   . DC  A 1 4  ? -9.33101  7.24810   26.93136  1.000 271.39000 ? 104 DC  A OP1   1 
ATOM   65  O  OP2   . DC  A 1 4  ? -10.49212 8.23637   24.87366  1.000 261.18000 ? 104 DC  A OP2   1 
ATOM   66  O  "O5'" . DC  A 1 4  ? -8.46699  6.80897   24.61116  1.000 267.96000 ? 104 DC  A "O5'" 1 
ATOM   67  C  "C5'" . DC  A 1 4  ? -7.17973  7.28066   25.00815  1.000 272.32000 ? 104 DC  A "C5'" 1 
ATOM   68  C  "C4'" . DC  A 1 4  ? -6.07345  6.51934   24.29426  1.000 276.10000 ? 104 DC  A "C4'" 1 
ATOM   69  O  "O4'" . DC  A 1 4  ? -5.74169  5.32902   25.03755  1.000 278.51000 ? 104 DC  A "O4'" 1 
ATOM   70  C  "C3'" . DC  A 1 4  ? -6.44059  5.99153   22.91909  1.000 280.25000 ? 104 DC  A "C3'" 1 
ATOM   71  O  "O3'" . DC  A 1 4  ? -6.24707  6.99003   21.86056  1.000 283.91000 ? 104 DC  A "O3'" 1 
ATOM   72  C  "C2'" . DC  A 1 4  ? -5.52548  4.77021   22.74964  1.000 288.23000 ? 104 DC  A "C2'" 1 
ATOM   73  C  "C1'" . DC  A 1 4  ? -5.03077  4.47002   24.17563  1.000 284.83000 ? 104 DC  A "C1'" 1 
ATOM   74  N  N1    . DC  A 1 4  ? -5.24248  3.04046   24.59778  1.000 284.81000 ? 104 DC  A N1    1 
ATOM   75  C  C2    . DC  A 1 4  ? -4.13937  2.22596   24.90211  1.000 293.68000 ? 104 DC  A C2    1 
ATOM   76  O  O2    . DC  A 1 4  ? -3.00101  2.70267   24.84308  1.000 298.19000 ? 104 DC  A O2    1 
ATOM   77  N  N3    . DC  A 1 4  ? -4.35786  0.93408   25.26884  1.000 295.73000 ? 104 DC  A N3    1 
ATOM   78  C  C4    . DC  A 1 4  ? -5.59925  0.45510   25.32173  1.000 291.35000 ? 104 DC  A C4    1 
ATOM   79  N  N4    . DC  A 1 4  ? -5.76973  -0.82477  25.68744  1.000 291.72000 ? 104 DC  A N4    1 
ATOM   80  C  C5    . DC  A 1 4  ? -6.72800  1.26610   25.00697  1.000 282.31000 ? 104 DC  A C5    1 
ATOM   81  C  C6    . DC  A 1 4  ? -6.50407  2.53516   24.64996  1.000 278.92000 ? 104 DC  A C6    1 
HETATM 82  P  P     . 7DA A 1 5  ? -4.99429  8.01002   21.81414  1.000 277.14000 ? 105 7DA A P     1 
HETATM 83  O  OP1   . 7DA A 1 5  ? -5.11708  9.04799   22.83358  1.000 272.96000 ? 105 7DA A OP1   1 
HETATM 84  O  OP2   . 7DA A 1 5  ? -4.95051  8.66088   20.45275  1.000 272.29000 ? 105 7DA A OP2   1 
HETATM 85  O  "O5'" . 7DA A 1 5  ? -3.63544  7.07468   22.00262  1.000 289.33000 ? 105 7DA A "O5'" 1 
HETATM 86  N  N9    . 7DA A 1 5  ? -1.85419  3.25649   21.58224  1.000 318.49000 ? 105 7DA A N9    1 
HETATM 87  C  C4    . 7DA A 1 5  ? -1.33693  2.00767   21.90410  1.000 313.14000 ? 105 7DA A C4    1 
HETATM 88  N  N3    . 7DA A 1 5  ? -0.09579  1.53506   22.16060  1.000 314.34000 ? 105 7DA A N3    1 
HETATM 89  C  C2    . 7DA A 1 5  ? 0.09606   0.20727   22.43851  1.000 306.99000 ? 105 7DA A C2    1 
HETATM 90  N  N1    . 7DA A 1 5  ? -0.96761  -0.65768  22.47153  1.000 301.58000 ? 105 7DA A N1    1 
HETATM 91  C  C6    . 7DA A 1 5  ? -2.19082  -0.19405  22.21990  1.000 303.05000 ? 105 7DA A C6    1 
HETATM 92  N  N6    . 7DA A 1 5  ? -3.05705  -1.35826  22.33017  1.000 292.87000 ? 105 7DA A N6    1 
HETATM 93  C  C5    . 7DA A 1 5  ? -2.38367  1.13432   21.93488  1.000 307.26000 ? 105 7DA A C5    1 
HETATM 94  C  C7    . 7DA A 1 5  ? -3.52764  1.81033   21.65105  1.000 306.98000 ? 105 7DA A C7    1 
HETATM 95  C  C8    . 7DA A 1 5  ? -3.17883  3.12273   21.43508  1.000 311.11000 ? 105 7DA A C8    1 
HETATM 96  C  "C2'" . 7DA A 1 5  ? -1.11327  5.04724   20.29775  1.000 338.93000 ? 105 7DA A "C2'" 1 
HETATM 97  C  "C5'" . 7DA A 1 5  ? -2.42140  7.74867   21.83675  1.000 296.83000 ? 105 7DA A "C5'" 1 
HETATM 98  C  "C4'" . 7DA A 1 5  ? -1.22668  6.86852   21.84812  1.000 314.01000 ? 105 7DA A "C4'" 1 
HETATM 99  O  "O4'" . 7DA A 1 5  ? -1.49578  5.45215   22.51724  1.000 311.17000 ? 105 7DA A "O4'" 1 
HETATM 100 C  "C1'" . 7DA A 1 5  ? -0.97607  4.39647   21.49640  1.000 331.48000 ? 105 7DA A "C1'" 1 
HETATM 101 C  "C3'" . 7DA A 1 5  ? -0.79005  6.61165   20.59154  1.000 328.12000 ? 105 7DA A "C3'" 1 
HETATM 102 O  "O3'" . 7DA A 1 5  ? 0.60839   6.83405   20.54277  1.000 346.18000 ? 105 7DA A "O3'" 1 
HETATM 103 P  P     . 7GU A 1 6  ? 1.32785   7.21955   19.15808  1.000 345.61000 ? 106 7GU A P     1 
HETATM 104 O  OP1   . 7GU A 1 6  ? 2.37224   8.27757   19.43037  1.000 344.67000 ? 106 7GU A OP1   1 
HETATM 105 O  OP2   . 7GU A 1 6  ? 0.29039   7.72958   18.18505  1.000 329.99000 ? 106 7GU A OP2   1 
HETATM 106 O  "O5'" . 7GU A 1 6  ? 2.03635   5.80796   18.65339  1.000 350.58000 ? 106 7GU A "O5'" 1 
HETATM 107 N  N9    . 7GU A 1 6  ? 0.65996   2.13445   18.18118  1.000 355.61000 ? 106 7GU A N9    1 
HETATM 108 C  C4    . 7GU A 1 6  ? 0.24078   0.83931   18.42314  1.000 333.76000 ? 106 7GU A C4    1 
HETATM 109 N  N3    . 7GU A 1 6  ? 0.97203   -0.40685  18.81276  1.000 334.45000 ? 106 7GU A N3    1 
HETATM 110 C  C2    . 7GU A 1 6  ? 0.21641   -1.65692  18.99670  1.000 299.31000 ? 106 7GU A C2    1 
HETATM 111 N  N2    . 7GU A 1 6  ? 0.86470   -2.89292  19.37106  1.000 290.04000 ? 106 7GU A N2    1 
HETATM 112 N  N1    . 7GU A 1 6  ? -1.21470  -1.69805  18.80760  1.000 294.13000 ? 106 7GU A N1    1 
HETATM 113 C  C6    . 7GU A 1 6  ? -1.91590  -0.51466  18.43526  1.000 296.39000 ? 106 7GU A C6    1 
HETATM 114 O  O6    . 7GU A 1 6  ? -3.09258  -0.57503  18.28335  1.000 280.34000 ? 106 7GU A O6    1 
HETATM 115 C  C5    . 7GU A 1 6  ? -1.13583  0.79541   18.24101  1.000 315.20000 ? 106 7GU A C5    1 
HETATM 116 C  C7    . 7GU A 1 6  ? -1.55913  2.04168   17.89440  1.000 325.06000 ? 106 7GU A C7    1 
HETATM 117 C  C8    . 7GU A 1 6  ? -0.44800  2.86007   17.85841  1.000 346.77000 ? 106 7GU A C8    1 
HETATM 118 C  "C2'" . 7GU A 1 6  ? 2.80234   2.91319   17.10038  1.000 326.25000 ? 106 7GU A "C2'" 1 
HETATM 119 C  "C5'" . 7GU A 1 6  ? 3.04792   5.24153   19.45063  1.000 349.05000 ? 106 7GU A "C5'" 1 
HETATM 120 C  "C4'" . 7GU A 1 6  ? 3.44467   3.95394   19.05225  1.000 342.66000 ? 106 7GU A "C4'" 1 
HETATM 121 O  "O4'" . 7GU A 1 6  ? 2.37880   2.86607   19.43903  1.000 359.00000 ? 106 7GU A "O4'" 1 
HETATM 122 C  "C1'" . 7GU A 1 6  ? 2.09352   2.16694   18.37259  1.000 344.69000 ? 106 7GU A "C1'" 1 
HETATM 123 C  "C3'" . 7GU A 1 6  ? 3.65847   3.83585   17.53006  1.000 331.55000 ? 106 7GU A "C3'" 1 
HETATM 124 O  "O3'" . 7GU A 1 6  ? 5.08857   3.46788   17.28535  1.000 322.23000 ? 106 7GU A "O3'" 1 
ATOM   125 P  P     . DC  A 1 7  ? 5.63379   3.12394   15.80641  1.000 307.22000 ? 107 DC  A P     1 
ATOM   126 O  OP1   . DC  A 1 7  ? 7.10097   3.32978   15.79742  1.000 313.46000 ? 107 DC  A OP1   1 
ATOM   127 O  OP2   . DC  A 1 7  ? 4.80136   3.83332   14.81464  1.000 304.48000 ? 107 DC  A OP2   1 
ATOM   128 O  "O5'" . DC  A 1 7  ? 5.34018   1.56525   15.65476  1.000 300.77000 ? 107 DC  A "O5'" 1 
ATOM   129 C  "C5'" . DC  A 1 7  ? 5.36597   0.71922   16.79911  1.000 305.72000 ? 107 DC  A "C5'" 1 
ATOM   130 C  "C4'" . DC  A 1 7  ? 4.57931   -0.54281  16.53284  1.000 301.91000 ? 107 DC  A "C4'" 1 
ATOM   131 O  "O4'" . DC  A 1 7  ? 3.15067   -0.28211  16.61617  1.000 312.36000 ? 107 DC  A "O4'" 1 
ATOM   132 C  "C3'" . DC  A 1 7  ? 4.81370   -1.14458  15.14069  1.000 291.65000 ? 107 DC  A "C3'" 1 
ATOM   133 O  "O3'" . DC  A 1 7  ? 5.30954   -2.46577  15.26260  1.000 288.76000 ? 107 DC  A "O3'" 1 
ATOM   134 C  "C2'" . DC  A 1 7  ? 3.42493   -1.11862  14.49332  1.000 287.53000 ? 107 DC  A "C2'" 1 
ATOM   135 C  "C1'" . DC  A 1 7  ? 2.52534   -1.15367  15.71458  1.000 294.20000 ? 107 DC  A "C1'" 1 
ATOM   136 N  N1    . DC  A 1 7  ? 1.08153   -0.72975  15.45153  1.000 300.10000 ? 107 DC  A N1    1 
ATOM   137 C  C2    . DC  A 1 7  ? 0.04590   -1.66989  15.60676  1.000 274.31000 ? 107 DC  A C2    1 
ATOM   138 O  O2    . DC  A 1 7  ? 0.34376   -2.81978  15.94729  1.000 271.82000 ? 107 DC  A O2    1 
ATOM   139 N  N3    . DC  A 1 7  ? -1.23793  -1.29957  15.34223  1.000 262.68000 ? 107 DC  A N3    1 
ATOM   140 C  C4    . DC  A 1 7  ? -1.50930  -0.04963  14.96236  1.000 273.15000 ? 107 DC  A C4    1 
ATOM   141 N  N4    . DC  A 1 7  ? -2.79070  0.27707   14.72566  1.000 250.88000 ? 107 DC  A N4    1 
ATOM   142 C  C5    . DC  A 1 7  ? -0.47133  0.92345   14.80530  1.000 305.08000 ? 107 DC  A C5    1 
ATOM   143 C  C6    . DC  A 1 7  ? 0.79527   0.54279   15.05342  1.000 310.94000 ? 107 DC  A C6    1 
ATOM   144 P  P     . DC  A 1 8  ? 6.46649   -2.99164  14.27795  1.000 292.26000 ? 108 DC  A P     1 
ATOM   145 O  OP1   . DC  A 1 8  ? 7.76261   -2.86392  14.98510  1.000 296.93000 ? 108 DC  A OP1   1 
ATOM   146 O  OP2   . DC  A 1 8  ? 6.27606   -2.31928  12.97310  1.000 287.51000 ? 108 DC  A OP2   1 
ATOM   147 O  "O5'" . DC  A 1 8  ? 6.11864   -4.54406  14.08502  1.000 273.79000 ? 108 DC  A "O5'" 1 
ATOM   148 C  "C5'" . DC  A 1 8  ? 5.24298   -4.95406  13.03909  1.000 264.83000 ? 108 DC  A "C5'" 1 
ATOM   149 C  "C4'" . DC  A 1 8  ? 4.26005   -6.00775  13.52543  1.000 255.81000 ? 108 DC  A "C4'" 1 
ATOM   150 O  "O4'" . DC  A 1 8  ? 3.16439   -5.36003  14.20766  1.000 252.37000 ? 108 DC  A "O4'" 1 
ATOM   151 C  "C3'" . DC  A 1 8  ? 3.65593   -6.85654  12.41643  1.000 253.41000 ? 108 DC  A "C3'" 1 
ATOM   152 O  "O3'" . DC  A 1 8  ? 4.29885   -8.13935  12.39508  1.000 258.07000 ? 108 DC  A "O3'" 1 
ATOM   153 C  "C2'" . DC  A 1 8  ? 2.16450   -6.97890  12.76653  1.000 252.47000 ? 108 DC  A "C2'" 1 
ATOM   154 C  "C1'" . DC  A 1 8  ? 1.91965   -5.92231  13.84524  1.000 249.28000 ? 108 DC  A "C1'" 1 
ATOM   155 N  N1    . DC  A 1 8  ? 1.02538   -4.79587  13.42750  1.000 243.77000 ? 108 DC  A N1    1 
ATOM   156 C  C2    . DC  A 1 8  ? -0.35834  -4.98358  13.25109  1.000 233.54000 ? 108 DC  A C2    1 
ATOM   157 O  O2    . DC  A 1 8  ? -0.85245  -6.09752  13.41798  1.000 235.27000 ? 108 DC  A O2    1 
ATOM   158 N  N3    . DC  A 1 8  ? -1.11996  -3.91115  12.88489  1.000 230.88000 ? 108 DC  A N3    1 
ATOM   159 C  C4    . DC  A 1 8  ? -0.55832  -2.71991  12.70920  1.000 240.84000 ? 108 DC  A C4    1 
ATOM   160 N  N4    . DC  A 1 8  ? -1.33952  -1.69032  12.34954  1.000 244.27000 ? 108 DC  A N4    1 
ATOM   161 C  C5    . DC  A 1 8  ? 0.83834   -2.52631  12.87696  1.000 253.10000 ? 108 DC  A C5    1 
ATOM   162 C  C6    . DC  A 1 8  ? 1.57539   -3.57172  13.24999  1.000 254.00000 ? 108 DC  A C6    1 
ATOM   163 P  P     . DT  A 1 9  ? 4.66160   -8.85885  11.00092  1.000 262.41000 ? 109 DT  A P     1 
ATOM   164 O  OP1   . DT  A 1 9  ? 5.66826   -9.91033  11.27208  1.000 263.56000 ? 109 DT  A OP1   1 
ATOM   165 O  OP2   . DT  A 1 9  ? 4.98259   -7.79919  10.02187  1.000 273.13000 ? 109 DT  A OP2   1 
ATOM   166 O  "O5'" . DT  A 1 9  ? 3.29401   -9.57050  10.57020  1.000 260.09000 ? 109 DT  A "O5'" 1 
ATOM   167 C  "C5'" . DT  A 1 9  ? 2.75810   -10.61530 11.37712  1.000 261.00000 ? 109 DT  A "C5'" 1 
ATOM   168 C  "C4'" . DT  A 1 9  ? 1.31449   -10.92108 11.00159  1.000 268.20000 ? 109 DT  A "C4'" 1 
ATOM   169 O  "O4'" . DT  A 1 9  ? 0.49430   -9.73645  11.18381  1.000 263.98000 ? 109 DT  A "O4'" 1 
ATOM   170 C  "C3'" . DT  A 1 9  ? 1.09415   -11.37869 9.55130   1.000 272.55000 ? 109 DT  A "C3'" 1 
ATOM   171 O  "O3'" . DT  A 1 9  ? 0.43702   -12.65845 9.52129   1.000 288.30000 ? 109 DT  A "O3'" 1 
ATOM   172 C  "C2'" . DT  A 1 9  ? 0.21651   -10.27862 8.94944   1.000 264.12000 ? 109 DT  A "C2'" 1 
ATOM   173 C  "C1'" . DT  A 1 9  ? -0.47902  -9.71194  10.17347  1.000 259.06000 ? 109 DT  A "C1'" 1 
ATOM   174 N  N1    . DT  A 1 9  ? -0.96194  -8.30443  9.99783   1.000 253.66000 ? 109 DT  A N1    1 
ATOM   175 C  C2    . DT  A 1 9  ? -2.28563  -8.07594  9.69269   1.000 247.50000 ? 109 DT  A C2    1 
ATOM   176 O  O2    . DT  A 1 9  ? -3.10157  -8.96757  9.54936   1.000 247.40000 ? 109 DT  A O2    1 
ATOM   177 N  N3    . DT  A 1 9  ? -2.62322  -6.75207  9.56210   1.000 243.08000 ? 109 DT  A N3    1 
ATOM   178 C  C4    . DT  A 1 9  ? -1.78785  -5.66315  9.70293   1.000 243.83000 ? 109 DT  A C4    1 
ATOM   179 O  O4    . DT  A 1 9  ? -2.18103  -4.51153  9.56713   1.000 243.51000 ? 109 DT  A O4    1 
ATOM   180 C  C5    . DT  A 1 9  ? -0.41845  -5.97429  10.02094  1.000 247.23000 ? 109 DT  A C5    1 
ATOM   181 C  C7    . DT  A 1 9  ? 0.58024   -4.87221  10.18641  1.000 258.26000 ? 109 DT  A C7    1 
ATOM   182 C  C6    . DT  A 1 9  ? -0.07587  -7.26326  10.15116  1.000 251.91000 ? 109 DT  A C6    1 
HETATM 183 P  P     . 7GU A 1 10 ? 0.19056   -13.42743 8.12714   1.000 316.41000 ? 110 7GU A P     1 
HETATM 184 O  OP1   . 7GU A 1 10 ? -0.08083  -14.89134 8.39667   1.000 299.77000 ? 110 7GU A OP1   1 
HETATM 185 O  OP2   . 7GU A 1 10 ? 1.40045   -13.27946 7.23245   1.000 306.44000 ? 110 7GU A OP2   1 
HETATM 186 O  "O5'" . 7GU A 1 10 ? -1.14782  -12.69496 7.48341   1.000 274.63000 ? 110 7GU A "O5'" 1 
HETATM 187 N  N9    . 7GU A 1 10 ? -2.31066  -9.10911  6.07803   1.000 233.87000 ? 110 7GU A N9    1 
HETATM 188 C  C4    . 7GU A 1 10 ? -3.00918  -7.94080  5.88309   1.000 229.42000 ? 110 7GU A C4    1 
HETATM 189 N  N3    . 7GU A 1 10 ? -4.40409  -7.66781  5.43627   1.000 235.78000 ? 110 7GU A N3    1 
HETATM 190 C  C2    . 7GU A 1 10 ? -4.87240  -6.27973  5.31654   1.000 234.59000 ? 110 7GU A C2    1 
HETATM 191 N  N2    . 7GU A 1 10 ? -6.21891  -5.97119  4.88491   1.000 260.83000 ? 110 7GU A N2    1 
HETATM 192 N  N1    . 7GU A 1 10 ? -4.00034  -5.17622  5.62595   1.000 227.51000 ? 110 7GU A N1    1 
HETATM 193 C  C6    . 7GU A 1 10 ? -2.66680  -5.43228  6.05249   1.000 220.64000 ? 110 7GU A C6    1 
HETATM 194 O  O6    . 7GU A 1 10 ? -1.97316  -4.50401  6.29540   1.000 217.87000 ? 110 7GU A O6    1 
HETATM 195 C  C5    . 7GU A 1 10 ? -2.17519  -6.87993  6.17834   1.000 224.50000 ? 110 7GU A C5    1 
HETATM 196 C  C7    . 7GU A 1 10 ? -0.97744  -7.38979  6.55680   1.000 230.18000 ? 110 7GU A C7    1 
HETATM 197 C  C8    . 7GU A 1 10 ? -1.06444  -8.76257  6.49103   1.000 233.58000 ? 110 7GU A C8    1 
HETATM 198 C  "C2'" . 7GU A 1 10 ? -2.94819  -10.84576 4.28899   1.000 234.33000 ? 110 7GU A "C2'" 1 
HETATM 199 C  "C5'" . 7GU A 1 10 ? -1.55557  -13.00774 6.17837   1.000 259.21000 ? 110 7GU A "C5'" 1 
HETATM 200 C  "C4'" . 7GU A 1 10 ? -2.82513  -12.48991 5.89786   1.000 249.54000 ? 110 7GU A "C4'" 1 
HETATM 201 O  "O4'" . 7GU A 1 10 ? -3.08603  -11.13510 6.64848   1.000 241.67000 ? 110 7GU A "O4'" 1 
HETATM 202 C  "C1'" . 7GU A 1 10 ? -3.22547  -10.18435 5.76099   1.000 234.86000 ? 110 7GU A "C1'" 1 
HETATM 203 C  "C3'" . 7GU A 1 10 ? -2.94739  -12.17306 4.39611   1.000 238.04000 ? 110 7GU A "C3'" 1 
HETATM 204 O  "O3'" . 7GU A 1 10 ? -4.18806  -12.78033 3.82761   1.000 237.15000 ? 110 7GU A "O3'" 1 
ATOM   205 P  P     . DT  A 1 11 ? -4.08216  -13.91442 2.68459   1.000 237.19000 ? 111 DT  A P     1 
ATOM   206 O  OP1   . DT  A 1 11 ? -4.87034  -15.09113 3.08940   1.000 241.08000 ? 111 DT  A OP1   1 
ATOM   207 O  OP2   . DT  A 1 11 ? -2.65264  -14.08350 2.36868   1.000 227.66000 ? 111 DT  A OP2   1 
ATOM   208 O  "O5'" . DT  A 1 11 ? -4.80036  -13.26691 1.41328   1.000 223.80000 ? 111 DT  A "O5'" 1 
ATOM   209 C  "C5'" . DT  A 1 11 ? -4.45409  -11.96137 1.00403   1.000 214.98000 ? 111 DT  A "C5'" 1 
ATOM   210 C  "C4'" . DT  A 1 11 ? -5.66751  -11.21565 0.48621   1.000 216.23000 ? 111 DT  A "C4'" 1 
ATOM   211 O  "O4'" . DT  A 1 11 ? -5.68671  -9.88596  1.05021   1.000 209.50000 ? 111 DT  A "O4'" 1 
ATOM   212 C  "C3'" . DT  A 1 11 ? -5.69917  -11.00648 -1.01335  1.000 210.90000 ? 111 DT  A "C3'" 1 
ATOM   213 O  "O3'" . DT  A 1 11 ? -7.03247  -10.81157 -1.43373  1.000 219.48000 ? 111 DT  A "O3'" 1 
ATOM   214 C  "C2'" . DT  A 1 11 ? -4.88511  -9.73189  -1.16784  1.000 216.24000 ? 111 DT  A "C2'" 1 
ATOM   215 C  "C1'" . DT  A 1 11 ? -5.24256  -8.95036  0.09776   1.000 210.92000 ? 111 DT  A "C1'" 1 
ATOM   216 N  N1    . DT  A 1 11 ? -4.07909  -8.23753  0.68082   1.000 214.90000 ? 111 DT  A N1    1 
ATOM   217 C  C2    . DT  A 1 11 ? -4.13553  -6.87917  0.82977   1.000 227.00000 ? 111 DT  A C2    1 
ATOM   218 O  O2    . DT  A 1 11 ? -5.10017  -6.21252  0.51137   1.000 234.15000 ? 111 DT  A O2    1 
ATOM   219 N  N3    . DT  A 1 11 ? -3.00219  -6.30876  1.36093   1.000 233.35000 ? 111 DT  A N3    1 
ATOM   220 C  C4    . DT  A 1 11 ? -1.85482  -6.92916  1.76972   1.000 224.32000 ? 111 DT  A C4    1 
ATOM   221 O  O4    . DT  A 1 11 ? -0.89950  -6.28894  2.24329   1.000 223.08000 ? 111 DT  A O4    1 
ATOM   222 C  C5    . DT  A 1 11 ? -1.84894  -8.36838  1.59567   1.000 222.90000 ? 111 DT  A C5    1 
ATOM   223 C  C7    . DT  A 1 11 ? -0.64421  -9.16743  1.99707   1.000 224.16000 ? 111 DT  A C7    1 
ATOM   224 C  C6    . DT  A 1 11 ? -2.95569  -8.94640  1.06490   1.000 215.56000 ? 111 DT  A C6    1 
HETATM 225 P  P     . 7DA A 1 12 ? -7.47957  -11.18679 -2.93059  1.000 218.90000 ? 112 7DA A P     1 
HETATM 226 O  OP1   . 7DA A 1 12 ? -8.86508  -11.65777 -2.89909  1.000 216.69000 ? 112 7DA A OP1   1 
HETATM 227 O  OP2   . 7DA A 1 12 ? -6.57715  -12.28607 -3.43892  1.000 204.28000 ? 112 7DA A OP2   1 
HETATM 228 O  "O5'" . 7DA A 1 12 ? -7.30474  -9.75090  -3.77334  1.000 228.90000 ? 112 7DA A "O5'" 1 
HETATM 229 N  N9    . 7DA A 1 12 ? -3.91254  -6.15689  -3.06192  1.000 253.49000 ? 112 7DA A N9    1 
HETATM 230 C  C4    . 7DA A 1 12 ? -3.27444  -4.99072  -2.64933  1.000 245.88000 ? 112 7DA A C4    1 
HETATM 231 N  N3    . 7DA A 1 12 ? -3.62975  -3.68912  -2.64659  1.000 243.75000 ? 112 7DA A N3    1 
HETATM 232 C  C2    . 7DA A 1 12 ? -2.76929  -2.74819  -2.14380  1.000 239.20000 ? 112 7DA A C2    1 
HETATM 233 N  N1    . 7DA A 1 12 ? -1.54126  -3.08415  -1.63275  1.000 232.23000 ? 112 7DA A N1    1 
HETATM 234 C  C6    . 7DA A 1 12 ? -1.17976  -4.36955  -1.63081  1.000 237.25000 ? 112 7DA A C6    1 
HETATM 235 N  N6    . 7DA A 1 12 ? 0.15710   -4.35246  -1.03298  1.000 219.95000 ? 112 7DA A N6    1 
HETATM 236 C  C5    . 7DA A 1 12 ? -2.04391  -5.32525  -2.13993  1.000 244.73000 ? 112 7DA A C5    1 
HETATM 237 C  C7    . 7DA A 1 12 ? -1.90562  -6.67415  -2.24543  1.000 253.76000 ? 112 7DA A C7    1 
HETATM 238 C  C8    . 7DA A 1 12 ? -3.05803  -7.16801  -2.82240  1.000 261.94000 ? 112 7DA A C8    1 
HETATM 239 C  "C2'" . 7DA A 1 12 ? -5.15804  -7.07995  -4.64616  1.000 247.88000 ? 112 7DA A "C2'" 1 
HETATM 240 C  "C5'" . 7DA A 1 12 ? -7.94822  -8.57667  -3.32103  1.000 233.20000 ? 112 7DA A "C5'" 1 
HETATM 241 C  "C4'" . 7DA A 1 12 ? -7.41386  -7.30754  -3.90547  1.000 234.60000 ? 112 7DA A "C4'" 1 
HETATM 242 O  "O4'" . 7DA A 1 12 ? -6.44394  -6.59533  -2.84598  1.000 234.86000 ? 112 7DA A "O4'" 1 
HETATM 243 C  "C1'" . 7DA A 1 12 ? -5.22459  -6.10712  -3.68248  1.000 242.73000 ? 112 7DA A "C1'" 1 
HETATM 244 C  "C3'" . 7DA A 1 12 ? -6.65932  -7.57841  -5.00891  1.000 235.16000 ? 112 7DA A "C3'" 1 
HETATM 245 O  "O3'" . 7DA A 1 12 ? -6.94715  -7.03200  -6.31430  1.000 230.42000 ? 112 7DA A "O3'" 1 
ATOM   246 P  P     . DC  A 1 13 ? -8.26515  -6.18176  -6.68898  1.000 224.49000 ? 113 DC  A P     1 
ATOM   247 O  OP1   . DC  A 1 13 ? -9.48984  -6.81691  -6.15388  1.000 235.86000 ? 113 DC  A OP1   1 
ATOM   248 O  OP2   . DC  A 1 13 ? -8.16782  -5.97344  -8.15290  1.000 216.05000 ? 113 DC  A OP2   1 
ATOM   249 O  "O5'" . DC  A 1 13 ? -8.01972  -4.74797  -6.01892  1.000 227.46000 ? 113 DC  A "O5'" 1 
ATOM   250 C  "C5'" . DC  A 1 13 ? -8.93638  -3.68629  -6.26769  1.000 227.04000 ? 113 DC  A "C5'" 1 
ATOM   251 C  "C4'" . DC  A 1 13 ? -8.21369  -2.42008  -6.69492  1.000 219.10000 ? 113 DC  A "C4'" 1 
ATOM   252 O  "O4'" . DC  A 1 13 ? -6.92002  -2.34677  -6.04137  1.000 215.04000 ? 113 DC  A "O4'" 1 
ATOM   253 C  "C3'" . DC  A 1 13 ? -7.92118  -2.30695  -8.18923  1.000 211.69000 ? 113 DC  A "C3'" 1 
ATOM   254 O  "O3'" . DC  A 1 13 ? -7.96830  -0.93982  -8.57963  1.000 209.00000 ? 113 DC  A "O3'" 1 
ATOM   255 C  "C2'" . DC  A 1 13 ? -6.50630  -2.84650  -8.26550  1.000 209.79000 ? 113 DC  A "C2'" 1 
ATOM   256 C  "C1'" . DC  A 1 13 ? -5.92068  -2.20204  -7.02347  1.000 218.00000 ? 113 DC  A "C1'" 1 
ATOM   257 N  N1    . DC  A 1 13 ? -4.69763  -2.86177  -6.54151  1.000 235.98000 ? 113 DC  A N1    1 
ATOM   258 C  C2    . DC  A 1 13 ? -3.72354  -2.12200  -5.84710  1.000 241.72000 ? 113 DC  A C2    1 
ATOM   259 O  O2    . DC  A 1 13 ? -3.90667  -0.91036  -5.64568  1.000 249.38000 ? 113 DC  A O2    1 
ATOM   260 N  N3    . DC  A 1 13 ? -2.59872  -2.76919  -5.41317  1.000 246.21000 ? 113 DC  A N3    1 
ATOM   261 C  C4    . DC  A 1 13 ? -2.44085  -4.07168  -5.64942  1.000 239.70000 ? 113 DC  A C4    1 
ATOM   262 N  N4    . DC  A 1 13 ? -1.31807  -4.67803  -5.21043  1.000 246.48000 ? 113 DC  A N4    1 
ATOM   263 C  C5    . DC  A 1 13 ? -3.42108  -4.82044  -6.36226  1.000 236.75000 ? 113 DC  A C5    1 
ATOM   264 C  C6    . DC  A 1 13 ? -4.52108  -4.18491  -6.77705  1.000 231.95000 ? 113 DC  A C6    1 
HETATM 265 P  P     . 7GU A 1 14 ? -9.36381  -0.26293  -8.98660  1.000 225.89000 ? 114 7GU A P     1 
HETATM 266 O  OP1   . 7GU A 1 14 ? -10.46066 -0.84006  -8.12558  1.000 221.46000 ? 114 7GU A OP1   1 
HETATM 267 O  OP2   . 7GU A 1 14 ? -9.65322  -0.55350  -10.43920 1.000 219.08000 ? 114 7GU A OP2   1 
HETATM 268 O  "O5'" . 7GU A 1 14 ? -9.14385  1.35078   -8.68903  1.000 210.74000 ? 114 7GU A "O5'" 1 
HETATM 269 N  N9    . 7GU A 1 14 ? -5.53090  1.32814   -9.97001  1.000 224.06000 ? 114 7GU A N9    1 
HETATM 270 C  C4    . 7GU A 1 14 ? -4.33675  0.95003   -9.39441  1.000 219.32000 ? 114 7GU A C4    1 
HETATM 271 N  N3    . 7GU A 1 14 ? -3.31636  1.69187   -8.58497  1.000 223.42000 ? 114 7GU A N3    1 
HETATM 272 C  C2    . 7GU A 1 14 ? -2.11062  0.99783   -8.10508  1.000 231.98000 ? 114 7GU A C2    1 
HETATM 273 N  N2    . 7GU A 1 14 ? -1.06811  1.63760   -7.31983  1.000 230.33000 ? 114 7GU A N2    1 
HETATM 274 N  N1    . 7GU A 1 14 ? -1.92652  -0.39690  -8.44090  1.000 240.52000 ? 114 7GU A N1    1 
HETATM 275 C  C6    . 7GU A 1 14 ? -2.89018  -1.11345  -9.20457  1.000 224.82000 ? 114 7GU A C6    1 
HETATM 276 O  O6    . 7GU A 1 14 ? -2.71578  -2.25798  -9.46864  1.000 228.54000 ? 114 7GU A O6    1 
HETATM 277 C  C5    . 7GU A 1 14 ? -4.13670  -0.38274  -9.69394  1.000 215.59000 ? 114 7GU A C5    1 
HETATM 278 C  C7    . 7GU A 1 14 ? -5.18197  -0.82034  -10.43205 1.000 223.73000 ? 114 7GU A C7    1 
HETATM 279 C  C8    . 7GU A 1 14 ? -6.04889  0.23472   -10.59369 1.000 224.31000 ? 114 7GU A C8    1 
HETATM 280 C  "C2'" . 7GU A 1 14 ? -6.40979  3.62396   -10.77548 1.000 213.41000 ? 114 7GU A "C2'" 1 
HETATM 281 C  "C5'" . 7GU A 1 14 ? -8.63202  2.20068   -9.68370  1.000 213.29000 ? 114 7GU A "C5'" 1 
HETATM 282 C  "C4'" . 7GU A 1 14 ? -7.90366  3.26791   -9.14421  1.000 215.98000 ? 114 7GU A "C4'" 1 
HETATM 283 O  "O4'" . 7GU A 1 14 ? -6.53198  2.76014   -8.58531  1.000 230.16000 ? 114 7GU A "O4'" 1 
HETATM 284 C  "C1'" . 7GU A 1 14 ? -5.71117  2.71519   -9.60642  1.000 224.10000 ? 114 7GU A "C1'" 1 
HETATM 285 C  "C3'" . 7GU A 1 14 ? -7.44330  4.25677   -10.23453 1.000 213.09000 ? 114 7GU A "C3'" 1 
HETATM 286 O  "O3'" . 7GU A 1 14 ? -7.04282  5.57591   -9.64559  1.000 216.68000 ? 114 7GU A "O3'" 1 
HETATM 287 P  P     . 7GU A 1 15 ? -6.27682  6.68953   -10.52800 1.000 222.94000 ? 115 7GU A P     1 
HETATM 288 O  OP1   . 7GU A 1 15 ? -6.57374  8.06978   -9.98743  1.000 221.54000 ? 115 7GU A OP1   1 
HETATM 289 O  OP2   . 7GU A 1 15 ? -6.70837  6.60282   -11.97263 1.000 217.77000 ? 115 7GU A OP2   1 
HETATM 290 O  "O5'" . 7GU A 1 15 ? -4.67457  6.32065   -10.35505 1.000 219.84000 ? 115 7GU A "O5'" 1 
HETATM 291 N  N9    . 7GU A 1 15 ? -2.36964  3.48884   -11.18214 1.000 226.33000 ? 115 7GU A N9    1 
HETATM 292 C  C4    . 7GU A 1 15 ? -1.63025  2.34668   -11.05321 1.000 233.09000 ? 115 7GU A C4    1 
HETATM 293 N  N3    . 7GU A 1 15 ? -0.37518  2.07415   -10.30244 1.000 237.65000 ? 115 7GU A N3    1 
HETATM 294 C  C2    . 7GU A 1 15 ? 0.19981   0.72827   -10.33793 1.000 250.82000 ? 115 7GU A C2    1 
HETATM 295 N  N2    . 7GU A 1 15 ? 1.41940   0.41171   -9.62174  1.000 286.11000 ? 115 7GU A N2    1 
HETATM 296 N  N1    . 7GU A 1 15 ? -0.44173  -0.32189  -11.09458 1.000 244.79000 ? 115 7GU A N1    1 
HETATM 297 C  C6    . 7GU A 1 15 ? -1.64241  -0.06081  -11.82054 1.000 235.17000 ? 115 7GU A C6    1 
HETATM 298 O  O6    . 7GU A 1 15 ? -2.13502  -0.95712  -12.42256 1.000 225.79000 ? 115 7GU A O6    1 
HETATM 299 C  C5    . 7GU A 1 15 ? -2.24736  1.34592   -11.77889 1.000 227.14000 ? 115 7GU A C5    1 
HETATM 300 C  C7    . 7GU A 1 15 ? -3.35842  1.87085   -12.35328 1.000 221.38000 ? 115 7GU A C7    1 
HETATM 301 C  C8    . 7GU A 1 15 ? -3.42509  3.19961   -11.98921 1.000 227.40000 ? 115 7GU A C8    1 
HETATM 302 C  "C2'" . 7GU A 1 15 ? -1.54293  5.86537   -11.22000 1.000 222.74000 ? 115 7GU A "C2'" 1 
HETATM 303 C  "C5'" . 7GU A 1 15 ? -4.05366  6.35280   -9.09768  1.000 223.10000 ? 115 7GU A "C5'" 1 
HETATM 304 C  "C4'" . 7GU A 1 15 ? -2.67706  6.22748   -9.26478  1.000 214.99000 ? 115 7GU A "C4'" 1 
HETATM 305 O  "O4'" . 7GU A 1 15 ? -2.26580  4.71272   -9.26996  1.000 214.81000 ? 115 7GU A "O4'" 1 
HETATM 306 C  "C1'" . 7GU A 1 15 ? -1.65319  4.46359   -10.39594 1.000 221.69000 ? 115 7GU A "C1'" 1 
HETATM 307 C  "C3'" . 7GU A 1 15 ? -2.30081  6.78406   -10.64696 1.000 221.76000 ? 115 7GU A "C3'" 1 
HETATM 308 O  "O3'" . 7GU A 1 15 ? -1.63374  8.12213   -10.61860 1.000 223.78000 ? 115 7GU A "O3'" 1 
HETATM 309 P  P     . 7DA A 1 16 ? -0.56866  8.51347   -9.47931  1.000 225.68000 ? 116 7DA A P     1 
HETATM 310 O  OP1   . 7DA A 1 16 ? -1.25787  8.77251   -8.21409  1.000 227.22000 ? 116 7DA A OP1   1 
HETATM 311 O  OP2   . 7DA A 1 16 ? 0.19627   9.72787   -9.95557  1.000 229.28000 ? 116 7DA A OP2   1 
HETATM 312 O  "O5'" . 7DA A 1 16 ? 0.45327   7.20496   -9.36022  1.000 230.55000 ? 116 7DA A "O5'" 1 
HETATM 313 N  N9    . 7DA A 1 16 ? 2.35082   5.56720   -11.98531 1.000 239.32000 ? 116 7DA A N9    1 
HETATM 314 C  C4    . 7DA A 1 16 ? 2.51714   4.28938   -12.46018 1.000 239.86000 ? 116 7DA A C4    1 
HETATM 315 N  N3    . 7DA A 1 16 ? 3.41295   3.34403   -12.14603 1.000 238.89000 ? 116 7DA A N3    1 
HETATM 316 C  C2    . 7DA A 1 16 ? 3.34472   2.15591   -12.80095 1.000 240.60000 ? 116 7DA A C2    1 
HETATM 317 N  N1    . 7DA A 1 16 ? 2.41341   1.88587   -13.78165 1.000 241.34000 ? 116 7DA A N1    1 
HETATM 318 C  C6    . 7DA A 1 16 ? 1.51652   2.83604   -14.07923 1.000 237.94000 ? 116 7DA A C6    1 
HETATM 319 N  N6    . 7DA A 1 16 ? 0.71280   2.17971   -15.11630 1.000 236.90000 ? 116 7DA A N6    1 
HETATM 320 C  C5    . 7DA A 1 16 ? 1.57041   4.05506   -13.41862 1.000 240.02000 ? 116 7DA A C5    1 
HETATM 321 C  C7    . 7DA A 1 16 ? 0.81673   5.18651   -13.52870 1.000 240.70000 ? 116 7DA A C7    1 
HETATM 322 C  C8    . 7DA A 1 16 ? 1.30884   6.11848   -12.63251 1.000 238.70000 ? 116 7DA A C8    1 
HETATM 323 C  "C2'" . 7DA A 1 16 ? 3.23279   7.34798   -10.83201 1.000 234.52000 ? 116 7DA A "C2'" 1 
HETATM 324 C  "C5'" . 7DA A 1 16 ? 1.34357   7.17272   -8.28088  1.000 237.57000 ? 116 7DA A "C5'" 1 
HETATM 325 C  "C4'" . 7DA A 1 16 ? 2.71855   6.71032   -8.61944  1.000 243.75000 ? 116 7DA A "C4'" 1 
HETATM 326 O  "O4'" . 7DA A 1 16 ? 2.73987   5.44622   -9.58248  1.000 235.62000 ? 116 7DA A "O4'" 1 
HETATM 327 C  "C1'" . 7DA A 1 16 ? 3.25926   5.98153   -10.94900 1.000 235.46000 ? 116 7DA A "C1'" 1 
HETATM 328 C  "C3'" . 7DA A 1 16 ? 3.45939   7.65563   -9.25614  1.000 245.66000 ? 116 7DA A "C3'" 1 
HETATM 329 O  "O3'" . 7DA A 1 16 ? 4.81396   7.51327   -8.83246  1.000 248.01000 ? 116 7DA A "O3'" 1 
ATOM   330 P  P     . DC  A 1 17 ? 6.05285   7.96506   -9.76354  1.000 243.44000 ? 117 DC  A P     1 
ATOM   331 O  OP1   . DC  A 1 17 ? 7.22077   8.17249   -8.88132  1.000 244.36000 ? 117 DC  A OP1   1 
ATOM   332 O  OP2   . DC  A 1 17 ? 5.65067   9.07009   -10.65932 1.000 236.39000 ? 117 DC  A OP2   1 
ATOM   333 O  "O5'" . DC  A 1 17 ? 6.33343   6.67729   -10.66093 1.000 232.66000 ? 117 DC  A "O5'" 1 
ATOM   334 C  "C5'" . DC  A 1 17 ? 6.51071   5.39604   -10.06179 1.000 232.33000 ? 117 DC  A "C5'" 1 
ATOM   335 C  "C4'" . DC  A 1 17 ? 7.13563   4.44483   -11.05602 1.000 230.38000 ? 117 DC  A "C4'" 1 
ATOM   336 O  "O4'" . DC  A 1 17 ? 6.13834   3.97941   -12.01090 1.000 233.10000 ? 117 DC  A "O4'" 1 
ATOM   337 C  "C3'" . DC  A 1 17 ? 8.24718   5.06482   -11.89928 1.000 233.12000 ? 117 DC  A "C3'" 1 
ATOM   338 O  "O3'" . DC  A 1 17 ? 9.25834   4.12199   -12.06216 1.000 230.78000 ? 117 DC  A "O3'" 1 
ATOM   339 C  "C2'" . DC  A 1 17 ? 7.54415   5.35273   -13.22825 1.000 240.96000 ? 117 DC  A "C2'" 1 
ATOM   340 C  "C1'" . DC  A 1 17 ? 6.67303   4.12195   -13.31389 1.000 240.53000 ? 117 DC  A "C1'" 1 
ATOM   341 N  N1    . DC  A 1 17 ? 5.54873   4.17861   -14.32468 1.000 241.60000 ? 117 DC  A N1    1 
ATOM   342 C  C2    . DC  A 1 17 ? 5.31626   3.06235   -15.13929 1.000 238.60000 ? 117 DC  A C2    1 
ATOM   343 O  O2    . DC  A 1 17 ? 6.05128   2.07735   -15.01590 1.000 242.01000 ? 117 DC  A O2    1 
ATOM   344 N  N3    . DC  A 1 17 ? 4.30114   3.09137   -16.03515 1.000 232.66000 ? 117 DC  A N3    1 
ATOM   345 C  C4    . DC  A 1 17 ? 3.53721   4.17491   -16.13986 1.000 229.51000 ? 117 DC  A C4    1 
ATOM   346 N  N4    . DC  A 1 17 ? 2.54832   4.14693   -17.04300 1.000 224.34000 ? 117 DC  A N4    1 
ATOM   347 C  C5    . DC  A 1 17 ? 3.75411   5.33069   -15.32063 1.000 236.28000 ? 117 DC  A C5    1 
ATOM   348 C  C6    . DC  A 1 17 ? 4.76324   5.28937   -14.43365 1.000 240.25000 ? 117 DC  A C6    1 
HETATM 349 P  P     . 7DA A 1 18 ? 10.79249  4.57574   -12.10205 1.000 229.67000 ? 118 7DA A P     1 
HETATM 350 O  OP1   . 7DA A 1 18 ? 11.30716  4.53341   -10.73828 1.000 236.90000 ? 118 7DA A OP1   1 
HETATM 351 O  OP2   . 7DA A 1 18 ? 10.90085  5.96634   -12.67917 1.000 231.48000 ? 118 7DA A OP2   1 
HETATM 352 O  "O5'" . 7DA A 1 18 ? 11.48959  3.42418   -13.06343 1.000 237.35000 ? 118 7DA A "O5'" 1 
HETATM 353 N  N9    . 7DA A 1 18 ? 8.71696   3.10734   -16.92315 1.000 234.31000 ? 118 7DA A N9    1 
HETATM 354 C  C4    . 7DA A 1 18 ? 7.80906   2.49865   -17.75579 1.000 234.37000 ? 118 7DA A C4    1 
HETATM 355 N  N3    . 7DA A 1 18 ? 7.77801   1.28816   -18.33574 1.000 230.01000 ? 118 7DA A N3    1 
HETATM 356 C  C2    . 7DA A 1 18 ? 6.73219   0.96287   -19.14068 1.000 237.74000 ? 118 7DA A C2    1 
HETATM 357 N  N1    . 7DA A 1 18 ? 5.70456   1.83554   -19.36938 1.000 235.51000 ? 118 7DA A N1    1 
HETATM 358 C  C6    . 7DA A 1 18 ? 5.74393   3.03915   -18.78640 1.000 229.70000 ? 118 7DA A C6    1 
HETATM 359 N  N6    . 7DA A 1 18 ? 4.53061   3.70728   -19.22913 1.000 228.56000 ? 118 7DA A N6    1 
HETATM 360 C  C5    . 7DA A 1 18 ? 6.79846   3.37682   -17.97689 1.000 232.58000 ? 118 7DA A C5    1 
HETATM 361 C  C7    . 7DA A 1 18 ? 7.06742   4.51718   -17.28489 1.000 231.93000 ? 118 7DA A C7    1 
HETATM 362 C  C8    . 7DA A 1 18 ? 8.26342   4.33240   -16.62139 1.000 235.67000 ? 118 7DA A C8    1 
HETATM 363 C  "C2'" . 7DA A 1 18 ? 10.91463  3.07353   -16.18343 1.000 240.21000 ? 118 7DA A "C2'" 1 
HETATM 364 C  "C5'" . 7DA A 1 18 ? 10.83521  2.18892   -13.05166 1.000 237.57000 ? 118 7DA A "C5'" 1 
HETATM 365 C  "C4'" . 7DA A 1 18 ? 10.83107  1.53669   -14.38164 1.000 241.48000 ? 118 7DA A "C4'" 1 
HETATM 366 O  "O4'" . 7DA A 1 18 ? 9.45946   1.66078   -15.17932 1.000 241.20000 ? 118 7DA A "O4'" 1 
HETATM 367 C  "C1'" . 7DA A 1 18 ? 9.84333   2.31063   -16.54168 1.000 237.45000 ? 118 7DA A "C1'" 1 
HETATM 368 C  "C3'" . 7DA A 1 18 ? 11.74049  2.07133   -15.21628 1.000 242.11000 ? 118 7DA A "C3'" 1 
HETATM 369 O  "O3'" . 7DA A 1 18 ? 12.16277  0.98398   -15.99100 1.000 260.33000 ? 118 7DA A "O3'" 1 
ATOM   370 P  P     . DT  A 1 19 ? 13.53599  1.04552   -16.80407 1.000 257.29000 ? 119 DT  A P     1 
ATOM   371 O  OP1   . DT  A 1 19 ? 14.56730  0.44483   -15.92617 1.000 274.72000 ? 119 DT  A OP1   1 
ATOM   372 O  OP2   . DT  A 1 19 ? 13.71267  2.41843   -17.32964 1.000 247.02000 ? 119 DT  A OP2   1 
ATOM   373 O  "O5'" . DT  A 1 19 ? 13.25771  0.07476   -18.04060 1.000 251.72000 ? 119 DT  A "O5'" 1 
ATOM   374 C  "C5'" . DT  A 1 19 ? 11.91883  -0.28751  -18.35325 1.000 247.16000 ? 119 DT  A "C5'" 1 
ATOM   375 C  "C4'" . DT  A 1 19 ? 11.58899  0.08435   -19.78289 1.000 245.30000 ? 119 DT  A "C4'" 1 
ATOM   376 O  "O4'" . DT  A 1 19 ? 10.40683  0.90183   -19.79868 1.000 237.90000 ? 119 DT  A "O4'" 1 
ATOM   377 C  "C3'" . DT  A 1 19 ? 12.65243  0.92310   -20.48439 1.000 245.13000 ? 119 DT  A "C3'" 1 
ATOM   378 O  "O3'" . DT  A 1 19 ? 13.60841  0.07657   -21.23605 1.000 249.12000 ? 119 DT  A "O3'" 1 
ATOM   379 C  "C2'" . DT  A 1 19 ? 11.85407  1.90975   -21.36285 1.000 240.55000 ? 119 DT  A "C2'" 1 
ATOM   380 C  "C1'" . DT  A 1 19 ? 10.38970  1.61062   -21.00559 1.000 232.28000 ? 119 DT  A "C1'" 1 
ATOM   381 N  N1    . DT  A 1 19 ? 9.48208   2.81806   -20.84537 1.000 222.63000 ? 119 DT  A N1    1 
ATOM   382 C  C2    . DT  A 1 19 ? 8.24065   2.76492   -21.41387 1.000 224.03000 ? 119 DT  A C2    1 
ATOM   383 O  O2    . DT  A 1 19 ? 7.85627   1.80405   -22.05647 1.000 232.97000 ? 119 DT  A O2    1 
ATOM   384 N  N3    . DT  A 1 19 ? 7.46470   3.87878   -21.22041 1.000 224.61000 ? 119 DT  A N3    1 
ATOM   385 C  C4    . DT  A 1 19 ? 7.79353   5.01936   -20.51129 1.000 223.97000 ? 119 DT  A C4    1 
ATOM   386 O  O4    . DT  A 1 19 ? 7.02196   5.96760   -20.40012 1.000 226.65000 ? 119 DT  A O4    1 
ATOM   387 C  C5    . DT  A 1 19 ? 9.11374   5.02010   -19.92565 1.000 227.44000 ? 119 DT  A C5    1 
ATOM   388 C  C7    . DT  A 1 19 ? 9.58403   6.21328   -19.13721 1.000 225.14000 ? 119 DT  A C7    1 
ATOM   389 C  C6    . DT  A 1 19 ? 9.88750   3.92404   -20.10693 1.000 225.90000 ? 119 DT  A C6    1 
ATOM   390 P  P     . DC  A 1 20 ? 13.23438  -0.70117  -22.60809 1.000 256.41000 ? 120 DC  A P     1 
ATOM   391 O  OP1   . DC  A 1 20 ? 11.82377  -1.13717  -22.58617 1.000 256.77000 ? 120 DC  A OP1   1 
ATOM   392 O  OP2   . DC  A 1 20 ? 14.28600  -1.72856  -22.80249 1.000 242.41000 ? 120 DC  A OP2   1 
ATOM   393 O  "O5'" . DC  A 1 20 ? 13.45673  0.39740   -23.75293 1.000 245.49000 ? 120 DC  A "O5'" 1 
ATOM   394 C  "C5'" . DC  A 1 20 ? 13.02795  0.14893   -25.09551 1.000 242.23000 ? 120 DC  A "C5'" 1 
ATOM   395 C  "C4'" . DC  A 1 20 ? 11.55446  0.47000   -25.24059 1.000 245.30000 ? 120 DC  A "C4'" 1 
ATOM   396 O  "O4'" . DC  A 1 20 ? 11.19817  1.53626   -24.33979 1.000 247.43000 ? 120 DC  A "O4'" 1 
ATOM   397 C  "C3'" . DC  A 1 20 ? 11.11590  0.98082   -26.60207 1.000 248.98000 ? 120 DC  A "C3'" 1 
ATOM   398 O  "O3'" . DC  A 1 20 ? 10.77454  -0.12885  -27.46482 1.000 240.98000 ? 120 DC  A "O3'" 1 
ATOM   399 C  "C2'" . DC  A 1 20 ? 9.87702   1.84215   -26.24930 1.000 253.40000 ? 120 DC  A "C2'" 1 
ATOM   400 C  "C1'" . DC  A 1 20 ? 9.92948   1.98285   -24.72130 1.000 243.98000 ? 120 DC  A "C1'" 1 
ATOM   401 N  N1    . DC  A 1 20 ? 9.66622   3.39162   -24.15757 1.000 238.81000 ? 120 DC  A N1    1 
ATOM   402 C  C2    . DC  A 1 20 ? 8.40298   3.96758   -24.29731 1.000 234.76000 ? 120 DC  A C2    1 
ATOM   403 O  O2    . DC  A 1 20 ? 7.53468   3.33430   -24.89420 1.000 243.87000 ? 120 DC  A O2    1 
ATOM   404 N  N3    . DC  A 1 20 ? 8.16807   5.19631   -23.76508 1.000 230.67000 ? 120 DC  A N3    1 
ATOM   405 C  C4    . DC  A 1 20 ? 9.13919   5.84128   -23.12191 1.000 230.20000 ? 120 DC  A C4    1 
ATOM   406 N  N4    . DC  A 1 20 ? 8.86623   7.04986   -22.61407 1.000 232.56000 ? 120 DC  A N4    1 
ATOM   407 C  C5    . DC  A 1 20 ? 10.42913  5.26920   -22.96061 1.000 233.70000 ? 120 DC  A C5    1 
ATOM   408 C  C6    . DC  A 1 20 ? 10.64560  4.05738   -23.48490 1.000 233.92000 ? 120 DC  A C6    1 
HETATM 409 P  P     . 7DA A 1 21 ? 11.49577  -0.33240  -28.89243 1.000 229.26000 ? 121 7DA A P     1 
HETATM 410 O  OP1   . 7DA A 1 21 ? 11.20824  -1.67532  -29.38717 1.000 221.92000 ? 121 7DA A OP1   1 
HETATM 411 O  OP2   . 7DA A 1 21 ? 12.98570  -0.15216  -28.74403 1.000 234.09000 ? 121 7DA A OP2   1 
HETATM 412 O  "O5'" . 7DA A 1 21 ? 10.81027  0.82071   -29.89060 1.000 253.51000 ? 121 7DA A "O5'" 1 
HETATM 413 N  N9    . 7DA A 1 21 ? 8.75838   4.65716   -28.06624 1.000 267.81000 ? 121 7DA A N9    1 
HETATM 414 C  C4    . 7DA A 1 21 ? 8.02579   5.75702   -27.68363 1.000 266.59000 ? 121 7DA A C4    1 
HETATM 415 N  N3    . 7DA A 1 21 ? 6.80137   6.17825   -28.02402 1.000 262.38000 ? 121 7DA A N3    1 
HETATM 416 C  C2    . 7DA A 1 21 ? 6.32534   7.33075   -27.49320 1.000 263.08000 ? 121 7DA A C2    1 
HETATM 417 N  N1    . 7DA A 1 21 ? 7.05821   8.07909   -26.61614 1.000 265.52000 ? 121 7DA A N1    1 
HETATM 418 C  C6    . 7DA A 1 21 ? 8.27867   7.66306   -26.27419 1.000 260.18000 ? 121 7DA A C6    1 
HETATM 419 N  N6    . 7DA A 1 21 ? 8.76963   8.67538   -25.34564 1.000 265.53000 ? 121 7DA A N6    1 
HETATM 420 C  C5    . 7DA A 1 21 ? 8.76749   6.49533   -26.80976 1.000 259.79000 ? 121 7DA A C5    1 
HETATM 421 C  C7    . 7DA A 1 21 ? 9.95635   5.86379   -26.62895 1.000 260.46000 ? 121 7DA A C7    1 
HETATM 422 C  C8    . 7DA A 1 21 ? 9.93433   4.73123   -27.41481 1.000 264.54000 ? 121 7DA A C8    1 
HETATM 423 C  "C2'" . 7DA A 1 21 ? 8.26205   3.97706   -30.31958 1.000 282.05000 ? 121 7DA A "C2'" 1 
HETATM 424 C  "C5'" . 7DA A 1 21 ? 9.58025   0.59361   -30.53548 1.000 259.59000 ? 121 7DA A "C5'" 1 
HETATM 425 C  "C4'" . 7DA A 1 21 ? 8.50589   1.55225   -30.14990 1.000 272.95000 ? 121 7DA A "C4'" 1 
HETATM 426 O  "O4'" . 7DA A 1 21 ? 8.89490   2.36834   -28.86112 1.000 271.11000 ? 121 7DA A "O4'" 1 
HETATM 427 C  "C1'" . 7DA A 1 21 ? 8.13461   3.71303   -28.97938 1.000 277.41000 ? 121 7DA A "C1'" 1 
HETATM 428 C  "C3'" . 7DA A 1 21 ? 8.30051   2.52394   -31.07579 1.000 277.49000 ? 121 7DA A "C3'" 1 
HETATM 429 O  "O3'" . 7DA A 1 21 ? 7.09355   2.29182   -31.78253 1.000 276.00000 ? 121 7DA A "O3'" 1 
ATOM   430 P  P     . DC  B 2 1  ? 3.73770   -8.42347  -11.07199 1.000 253.34000 ? 119 DC  B P     1 
ATOM   431 O  OP1   . DC  B 2 1  ? 3.04424   -8.09426  -12.32780 1.000 234.54000 ? 119 DC  B OP1   1 
ATOM   432 O  OP2   . DC  B 2 1  ? 3.49425   -9.74821  -10.45937 1.000 237.88000 ? 119 DC  B OP2   1 
ATOM   433 O  "O5'" . DC  B 2 1  ? 5.30622   -8.13773  -11.25229 1.000 261.93000 ? 119 DC  B "O5'" 1 
ATOM   434 C  "C5'" . DC  B 2 1  ? 6.08591   -7.71833  -10.14704 1.000 267.09000 ? 119 DC  B "C5'" 1 
ATOM   435 C  "C4'" . DC  B 2 1  ? 6.04186   -6.20559  -9.96829  1.000 262.12000 ? 119 DC  B "C4'" 1 
ATOM   436 O  "O4'" . DC  B 2 1  ? 4.99769   -5.61034  -10.79619 1.000 251.26000 ? 119 DC  B "O4'" 1 
ATOM   437 C  "C3'" . DC  B 2 1  ? 5.74846   -5.74970  -8.54103  1.000 267.31000 ? 119 DC  B "C3'" 1 
ATOM   438 O  "O3'" . DC  B 2 1  ? 6.60331   -4.69009  -8.19740  1.000 263.68000 ? 119 DC  B "O3'" 1 
ATOM   439 C  "C2'" . DC  B 2 1  ? 4.29065   -5.29411  -8.61681  1.000 261.79000 ? 119 DC  B "C2'" 1 
ATOM   440 C  "C1'" . DC  B 2 1  ? 4.24795   -4.70760  -10.00893 1.000 254.19000 ? 119 DC  B "C1'" 1 
ATOM   441 N  N1    . DC  B 2 1  ? 2.85803   -4.56595  -10.59011 1.000 237.17000 ? 119 DC  B N1    1 
ATOM   442 C  C2    . DC  B 2 1  ? 2.23381   -3.31570  -10.59910 1.000 241.89000 ? 119 DC  B C2    1 
ATOM   443 O  O2    . DC  B 2 1  ? 2.83709   -2.34273  -10.11433 1.000 260.30000 ? 119 DC  B O2    1 
ATOM   444 N  N3    . DC  B 2 1  ? 0.98950   -3.20686  -11.14287 1.000 232.43000 ? 119 DC  B N3    1 
ATOM   445 C  C4    . DC  B 2 1  ? 0.38664   -4.28103  -11.65065 1.000 221.07000 ? 119 DC  B C4    1 
ATOM   446 N  N4    . DC  B 2 1  ? -0.83552  -4.12700  -12.16938 1.000 219.30000 ? 119 DC  B N4    1 
ATOM   447 C  C5    . DC  B 2 1  ? 1.00993   -5.55842  -11.64602 1.000 213.14000 ? 119 DC  B C5    1 
ATOM   448 C  C6    . DC  B 2 1  ? 2.22582   -5.64838  -11.10960 1.000 225.11000 ? 119 DC  B C6    1 
ATOM   449 P  P     . DC  B 2 2  ? 7.11220   -4.54066  -6.68378  1.000 279.21000 ? 120 DC  B P     1 
ATOM   450 O  OP1   . DC  B 2 2  ? 8.40394   -5.25212  -6.57666  1.000 304.90000 ? 120 DC  B OP1   1 
ATOM   451 O  OP2   . DC  B 2 2  ? 6.01062   -4.95701  -5.78971  1.000 261.26000 ? 120 DC  B OP2   1 
ATOM   452 O  "O5'" . DC  B 2 2  ? 7.36166   -2.97097  -6.54352  1.000 263.22000 ? 120 DC  B "O5'" 1 
ATOM   453 C  "C5'" . DC  B 2 2  ? 6.51615   -2.05088  -7.22041  1.000 254.77000 ? 120 DC  B "C5'" 1 
ATOM   454 C  "C4'" . DC  B 2 2  ? 5.83170   -1.16821  -6.21218  1.000 251.50000 ? 120 DC  B "C4'" 1 
ATOM   455 O  "O4'" . DC  B 2 2  ? 4.43618   -0.99987  -6.58605  1.000 253.43000 ? 120 DC  B "O4'" 1 
ATOM   456 C  "C3'" . DC  B 2 2  ? 5.79701   -1.76068  -4.81101  1.000 250.24000 ? 120 DC  B "C3'" 1 
ATOM   457 O  "O3'" . DC  B 2 2  ? 5.66597   -0.72906  -3.86877  1.000 253.80000 ? 120 DC  B "O3'" 1 
ATOM   458 C  "C2'" . DC  B 2 2  ? 4.52731   -2.58504  -4.87815  1.000 247.38000 ? 120 DC  B "C2'" 1 
ATOM   459 C  "C1'" . DC  B 2 2  ? 3.61903   -1.60641  -5.60092  1.000 256.07000 ? 120 DC  B "C1'" 1 
ATOM   460 N  N1    . DC  B 2 2  ? 2.46236   -2.25003  -6.26438  1.000 254.49000 ? 120 DC  B N1    1 
ATOM   461 C  C2    . DC  B 2 2  ? 1.37283   -1.46845  -6.68576  1.000 254.22000 ? 120 DC  B C2    1 
ATOM   462 O  O2    . DC  B 2 2  ? 1.39266   -0.23477  -6.48902  1.000 264.58000 ? 120 DC  B O2    1 
ATOM   463 N  N3    . DC  B 2 2  ? 0.32884   -2.09426  -7.29962  1.000 251.44000 ? 120 DC  B N3    1 
ATOM   464 C  C4    . DC  B 2 2  ? 0.35640   -3.42190  -7.48776  1.000 247.20000 ? 120 DC  B C4    1 
ATOM   465 N  N4    . DC  B 2 2  ? -0.68694  -3.99868  -8.09261  1.000 235.78000 ? 120 DC  B N4    1 
ATOM   466 C  C5    . DC  B 2 2  ? 1.45170   -4.21853  -7.05607  1.000 247.69000 ? 120 DC  B C5    1 
ATOM   467 C  C6    . DC  B 2 2  ? 2.46677   -3.59890  -6.45269  1.000 255.89000 ? 120 DC  B C6    1 
HETATM 468 P  P     . 7GU B 2 3  ? 6.89249   -0.29379  -2.92828  1.000 261.14000 ? 121 7GU B P     1 
HETATM 469 O  OP1   . 7GU B 2 3  ? 8.12715   -0.16327  -3.78520  1.000 257.20000 ? 121 7GU B OP1   1 
HETATM 470 O  OP2   . 7GU B 2 3  ? 7.09068   -1.30727  -1.82129  1.000 254.52000 ? 121 7GU B OP2   1 
HETATM 471 O  "O5'" . 7GU B 2 3  ? 6.41428   1.18214   -2.35643  1.000 252.45000 ? 121 7GU B "O5'" 1 
HETATM 472 N  N9    . 7GU B 2 3  ? 3.03698   0.40001   -2.08207  1.000 236.00000 ? 121 7GU B N9    1 
HETATM 473 C  C4    . 7GU B 2 3  ? 1.87054   0.05253   -2.70147  1.000 233.77000 ? 121 7GU B C4    1 
HETATM 474 N  N3    . 7GU B 2 3  ? 0.72013   0.85802   -3.20276  1.000 224.31000 ? 121 7GU B N3    1 
HETATM 475 C  C2    . 7GU B 2 3  ? -0.40289  0.16494   -3.83853  1.000 234.82000 ? 121 7GU B C2    1 
HETATM 476 N  N2    . 7GU B 2 3  ? -1.56149  0.87216   -4.35266  1.000 235.93000 ? 121 7GU B N2    1 
HETATM 477 N  N1    . 7GU B 2 3  ? -0.37342  -1.27593  -3.96039  1.000 241.98000 ? 121 7GU B N1    1 
HETATM 478 C  C6    . 7GU B 2 3  ? 0.72905   -2.04362  -3.48096  1.000 230.35000 ? 121 7GU B C6    1 
HETATM 479 O  O6    . 7GU B 2 3  ? 0.74763   -3.22269  -3.58982  1.000 235.35000 ? 121 7GU B O6    1 
HETATM 480 C  C5    . 7GU B 2 3  ? 1.88362   -1.31563  -2.82879  1.000 227.44000 ? 121 7GU B C5    1 
HETATM 481 C  C7    . 7GU B 2 3  ? 3.02048   -1.79866  -2.28578  1.000 230.80000 ? 121 7GU B C7    1 
HETATM 482 C  C8    . 7GU B 2 3  ? 3.74709   -0.72956  -1.83386  1.000 240.04000 ? 121 7GU B C8    1 
HETATM 483 C  "C2'" . 7GU B 2 3  ? 3.99551   2.26801   -0.81155  1.000 228.01000 ? 121 7GU B "C2'" 1 
HETATM 484 C  "C5'" . 7GU B 2 3  ? 5.85386   2.04209   -3.31777  1.000 241.77000 ? 121 7GU B "C5'" 1 
HETATM 485 C  "C4'" . 7GU B 2 3  ? 4.85421   2.90264   -2.83617  1.000 240.75000 ? 121 7GU B "C4'" 1 
HETATM 486 O  "O4'" . 7GU B 2 3  ? 3.40188   2.37095   -3.11302  1.000 230.32000 ? 121 7GU B "O4'" 1 
HETATM 487 C  "C1'" . 7GU B 2 3  ? 2.98025   1.82821   -1.99758  1.000 227.57000 ? 121 7GU B "C1'" 1 
HETATM 488 C  "C3'" . 7GU B 2 3  ? 4.89062   3.09848   -1.31260  1.000 231.11000 ? 121 7GU B "C3'" 1 
HETATM 489 O  "O3'" . 7GU B 2 3  ? 4.50617   4.50624   -1.04236  1.000 229.86000 ? 121 7GU B "O3'" 1 
ATOM   490 P  P     . DT  B 2 4  ? 3.77787   4.92725   0.32887   1.000 231.48000 ? 122 DT  B P     1 
ATOM   491 O  OP1   . DT  B 2 4  ? 3.89446   6.39782   0.40498   1.000 272.38000 ? 122 DT  B OP1   1 
ATOM   492 O  OP2   . DT  B 2 4  ? 4.30279   4.13485   1.46437   1.000 229.28000 ? 122 DT  B OP2   1 
ATOM   493 O  "O5'" . DT  B 2 4  ? 2.24288   4.53727   0.09282   1.000 229.24000 ? 122 DT  B "O5'" 1 
ATOM   494 C  "C5'" . DT  B 2 4  ? 1.52428   5.03469   -1.04552  1.000 231.24000 ? 122 DT  B "C5'" 1 
ATOM   495 C  "C4'" . DT  B 2 4  ? 0.05021   4.66393   -0.95500  1.000 243.01000 ? 122 DT  B "C4'" 1 
ATOM   496 O  "O4'" . DT  B 2 4  ? -0.12200  3.25452   -1.30571  1.000 230.04000 ? 122 DT  B "O4'" 1 
ATOM   497 C  "C3'" . DT  B 2 4  ? -0.55695  4.81946   0.44437   1.000 252.94000 ? 122 DT  B "C3'" 1 
ATOM   498 O  "O3'" . DT  B 2 4  ? -1.94507  5.21876   0.36786   1.000 265.66000 ? 122 DT  B "O3'" 1 
ATOM   499 C  "C2'" . DT  B 2 4  ? -0.40927  3.41368   0.99948   1.000 246.03000 ? 122 DT  B "C2'" 1 
ATOM   500 C  "C1'" . DT  B 2 4  ? -0.74421  2.57782   -0.22775  1.000 237.66000 ? 122 DT  B "C1'" 1 
ATOM   501 N  N1    . DT  B 2 4  ? -0.21977  1.16378   -0.15660  1.000 222.02000 ? 122 DT  B N1    1 
ATOM   502 C  C2    . DT  B 2 4  ? -0.97061  0.12480   -0.66613  1.000 215.87000 ? 122 DT  B C2    1 
ATOM   503 O  O2    . DT  B 2 4  ? -2.06451  0.27874   -1.19233  1.000 213.31000 ? 122 DT  B O2    1 
ATOM   504 N  N3    . DT  B 2 4  ? -0.38234  -1.11394  -0.54347  1.000 217.67000 ? 122 DT  B N3    1 
ATOM   505 C  C4    . DT  B 2 4  ? 0.84045   -1.41087  0.03505   1.000 216.26000 ? 122 DT  B C4    1 
ATOM   506 O  O4    . DT  B 2 4  ? 1.28356   -2.55249  0.09239   1.000 217.66000 ? 122 DT  B O4    1 
ATOM   507 C  C5    . DT  B 2 4  ? 1.56726   -0.27913  0.54860   1.000 221.33000 ? 122 DT  B C5    1 
ATOM   508 C  C7    . DT  B 2 4  ? 2.90530   -0.47599  1.20057   1.000 222.72000 ? 122 DT  B C7    1 
ATOM   509 C  C6    . DT  B 2 4  ? 1.00341   0.93393   0.44201   1.000 226.47000 ? 122 DT  B C6    1 
HETATM 510 P  P     . 7DA B 2 5  ? -2.62037  6.08018   1.56163   1.000 296.89000 ? 123 7DA B P     1 
HETATM 511 O  OP1   . 7DA B 2 5  ? -2.94747  7.43013   1.09867   1.000 284.75000 ? 123 7DA B OP1   1 
HETATM 512 O  OP2   . 7DA B 2 5  ? -1.71696  6.13594   2.77059   1.000 288.22000 ? 123 7DA B OP2   1 
HETATM 513 O  "O5'" . 7DA B 2 5  ? -4.00864  5.25308   1.95115   1.000 255.80000 ? 123 7DA B "O5'" 1 
HETATM 514 N  N9    . 7DA B 2 5  ? -4.09026  1.72635   1.92704   1.000 221.15000 ? 123 7DA B N9    1 
HETATM 515 C  C4    . 7DA B 2 5  ? -3.92104  0.37203   1.79086   1.000 218.89000 ? 123 7DA B C4    1 
HETATM 516 N  N3    . 7DA B 2 5  ? -4.76147  -0.58009  1.37284   1.000 222.46000 ? 123 7DA B N3    1 
HETATM 517 C  C2    . 7DA B 2 5  ? -4.31622  -1.85469  1.34246   1.000 229.14000 ? 123 7DA B C2    1 
HETATM 518 N  N1    . 7DA B 2 5  ? -3.04602  -2.20644  1.71330   1.000 230.70000 ? 123 7DA B N1    1 
HETATM 519 C  C6    . 7DA B 2 5  ? -2.21718  -1.25921  2.13622   1.000 222.27000 ? 123 7DA B C6    1 
HETATM 520 N  N6    . 7DA B 2 5  ? -1.02481  -2.05797  2.42641   1.000 221.33000 ? 123 7DA B N6    1 
HETATM 521 C  C5    . 7DA B 2 5  ? -2.65093  0.05561   2.17531   1.000 221.13000 ? 123 7DA B C5    1 
HETATM 522 C  C7    . 7DA B 2 5  ? -2.04734  1.21495   2.55371   1.000 229.52000 ? 123 7DA B C7    1 
HETATM 523 C  C8    . 7DA B 2 5  ? -2.95258  2.25020   2.39559   1.000 232.61000 ? 123 7DA B C8    1 
HETATM 524 C  "C2'" . 7DA B 2 5  ? -6.00777  2.82215   2.63852   1.000 213.46000 ? 123 7DA B "C2'" 1 
HETATM 525 C  "C5'" . 7DA B 2 5  ? -5.22123  5.69969   1.42484   1.000 253.91000 ? 123 7DA B "C5'" 1 
HETATM 526 C  "C4'" . 7DA B 2 5  ? -6.08367  4.57849   1.00498   1.000 238.15000 ? 123 7DA B "C4'" 1 
HETATM 527 O  "O4'" . 7DA B 2 5  ? -5.24196  3.34090   0.48399   1.000 228.33000 ? 123 7DA B "O4'" 1 
HETATM 528 C  "C1'" . 7DA B 2 5  ? -5.38869  2.23337   1.56204   1.000 216.50000 ? 123 7DA B "C1'" 1 
HETATM 529 C  "C3'" . 7DA B 2 5  ? -6.77121  4.13962   2.07554   1.000 215.19000 ? 123 7DA B "C3'" 1 
HETATM 530 O  "O3'" . 7DA B 2 5  ? -8.09039  3.83952   1.66798   1.000 207.24000 ? 123 7DA B "O3'" 1 
ATOM   531 P  P     . DC  B 2 6  ? -9.29491  3.99565   2.71291   1.000 188.12000 ? 124 DC  B P     1 
ATOM   532 O  OP1   . DC  B 2 6  ? -10.50801 3.35867   2.14593   1.000 174.02000 ? 124 DC  B OP1   1 
ATOM   533 O  OP2   . DC  B 2 6  ? -9.33584  5.41780   3.12517   1.000 185.38000 ? 124 DC  B OP2   1 
ATOM   534 O  "O5'" . DC  B 2 6  ? -8.76126  3.16714   3.95942   1.000 191.46000 ? 124 DC  B "O5'" 1 
ATOM   535 C  "C5'" . DC  B 2 6  ? -9.60642  2.29506   4.63377   1.000 189.22000 ? 124 DC  B "C5'" 1 
ATOM   536 C  "C4'" . DC  B 2 6  ? -9.67529  0.94603   3.94545   1.000 183.92000 ? 124 DC  B "C4'" 1 
ATOM   537 O  "O4'" . DC  B 2 6  ? -8.33950  0.48836   3.60916   1.000 179.30000 ? 124 DC  B "O4'" 1 
ATOM   538 C  "C3'" . DC  B 2 6  ? -10.29373 -0.13165  4.81725   1.000 181.41000 ? 124 DC  B "C3'" 1 
ATOM   539 O  "O3'" . DC  B 2 6  ? -11.32525 -0.82386  4.12673   1.000 180.43000 ? 124 DC  B "O3'" 1 
ATOM   540 C  "C2'" . DC  B 2 6  ? -9.12691  -1.03164  5.20022   1.000 194.13000 ? 124 DC  B "C2'" 1 
ATOM   541 C  "C1'" . DC  B 2 6  ? -8.16415  -0.83690  4.05852   1.000 185.82000 ? 124 DC  B "C1'" 1 
ATOM   542 N  N1    . DC  B 2 6  ? -6.76607  -1.01727  4.48246   1.000 193.40000 ? 124 DC  B N1    1 
ATOM   543 C  C2    . DC  B 2 6  ? -6.29069  -2.30484  4.73960   1.000 211.68000 ? 124 DC  B C2    1 
ATOM   544 O  O2    . DC  B 2 6  ? -7.05982  -3.26528  4.58875   1.000 227.27000 ? 124 DC  B O2    1 
ATOM   545 N  N3    . DC  B 2 6  ? -5.00177  -2.45772  5.13628   1.000 213.19000 ? 124 DC  B N3    1 
ATOM   546 C  C4    . DC  B 2 6  ? -4.21797  -1.39030  5.28150   1.000 211.67000 ? 124 DC  B C4    1 
ATOM   547 N  N4    . DC  B 2 6  ? -2.95076  -1.58728  5.67059   1.000 207.02000 ? 124 DC  B N4    1 
ATOM   548 C  C5    . DC  B 2 6  ? -4.69530  -0.06952  5.03328   1.000 208.51000 ? 124 DC  B C5    1 
ATOM   549 C  C6    . DC  B 2 6  ? -5.96541  0.06800   4.64701   1.000 204.48000 ? 124 DC  B C6    1 
HETATM 550 P  P     . 7DA B 2 7  ? -12.75449 -0.99070  4.84911   1.000 211.88000 ? 125 7DA B P     1 
HETATM 551 O  OP1   . 7DA B 2 7  ? -13.83960 -0.64332  3.92730   1.000 213.28000 ? 125 7DA B OP1   1 
HETATM 552 O  OP2   . 7DA B 2 7  ? -12.79140 -0.09075  6.05525   1.000 219.66000 ? 125 7DA B OP2   1 
HETATM 553 O  "O5'" . 7DA B 2 7  ? -12.78220 -2.57397  5.36717   1.000 213.12000 ? 125 7DA B "O5'" 1 
HETATM 554 N  N9    . 7DA B 2 7  ? -8.87530  -3.60387  8.52541   1.000 222.23000 ? 125 7DA B N9    1 
HETATM 555 C  C4    . 7DA B 2 7  ? -7.71225  -4.30265  8.73805   1.000 220.28000 ? 125 7DA B C4    1 
HETATM 556 N  N3    . 7DA B 2 7  ? -7.46572  -5.62032  8.80530   1.000 227.20000 ? 125 7DA B N3    1 
HETATM 557 C  C2    . 7DA B 2 7  ? -6.20004  -6.05917  9.02993   1.000 228.68000 ? 125 7DA B C2    1 
HETATM 558 N  N1    . 7DA B 2 7  ? -5.16126  -5.18390  9.18732   1.000 229.14000 ? 125 7DA B N1    1 
HETATM 559 C  C6    . 7DA B 2 7  ? -5.41331  -3.86689  9.11658   1.000 225.43000 ? 125 7DA B C6    1 
HETATM 560 N  N6    . 7DA B 2 7  ? -4.11386  -3.24387  9.32591   1.000 227.61000 ? 125 7DA B N6    1 
HETATM 561 C  C5    . 7DA B 2 7  ? -6.69312  -3.41666  8.89068   1.000 221.91000 ? 125 7DA B C5    1 
HETATM 562 C  C7    . 7DA B 2 7  ? -7.21119  -2.16085  8.78086   1.000 222.36000 ? 125 7DA B C7    1 
HETATM 563 C  C8    . 7DA B 2 7  ? -8.57167  -2.29135  8.55389   1.000 222.72000 ? 125 7DA B C8    1 
HETATM 564 C  "C2'" . 7DA B 2 7  ? -11.20940 -3.75245  8.63251   1.000 214.53000 ? 125 7DA B "C2'" 1 
HETATM 565 C  "C5'" . 7DA B 2 7  ? -11.56444 -3.24999  5.53011   1.000 214.94000 ? 125 7DA B "C5'" 1 
HETATM 566 C  "C4'" . 7DA B 2 7  ? -11.63607 -4.45205  6.38795   1.000 223.59000 ? 125 7DA B "C4'" 1 
HETATM 567 O  "O4'" . 7DA B 2 7  ? -10.18458 -4.87869  6.86750   1.000 221.73000 ? 125 7DA B "O4'" 1 
HETATM 568 C  "C1'" . 7DA B 2 7  ? -10.05014 -4.43221  8.34897   1.000 216.06000 ? 125 7DA B "C1'" 1 
HETATM 569 C  "C3'" . 7DA B 2 7  ? -12.30592 -4.21606  7.52487   1.000 208.11000 ? 125 7DA B "C3'" 1 
HETATM 570 O  "O3'" . 7DA B 2 7  ? -12.95807 -5.41331  7.90285   1.000 201.97000 ? 125 7DA B "O3'" 1 
ATOM   571 P  P     . DG  C 3 1  ? -11.15916 -3.59555  14.43429  1.000 262.70000 ? 209 DG  C P     1 
ATOM   572 O  OP1   . DG  C 3 1  ? -9.68163  -3.44001  14.53126  1.000 238.32000 ? 209 DG  C OP1   1 
ATOM   573 O  OP2   . DG  C 3 1  ? -11.91608 -4.43511  15.39703  1.000 226.31000 ? 209 DG  C OP2   1 
ATOM   574 O  "O5'" . DG  C 3 1  ? -11.55714 -4.06504  12.95082  1.000 247.88000 ? 209 DG  C "O5'" 1 
ATOM   575 C  "C5'" . DG  C 3 1  ? -11.80519 -5.44164  12.65935  1.000 237.39000 ? 209 DG  C "C5'" 1 
ATOM   576 C  "C4'" . DG  C 3 1  ? -10.51348 -6.14371  12.31027  1.000 226.90000 ? 209 DG  C "C4'" 1 
ATOM   577 O  "O4'" . DG  C 3 1  ? -9.61760  -5.19177  11.71768  1.000 220.73000 ? 209 DG  C "O4'" 1 
ATOM   578 C  "C3'" . DG  C 3 1  ? -9.75762  -6.66679  13.51288  1.000 217.09000 ? 209 DG  C "C3'" 1 
ATOM   579 O  "O3'" . DG  C 3 1  ? -10.17190 -7.99365  13.80718  1.000 214.25000 ? 209 DG  C "O3'" 1 
ATOM   580 C  "C2'" . DG  C 3 1  ? -8.28996  -6.60880  13.07653  1.000 216.86000 ? 209 DG  C "C2'" 1 
ATOM   581 C  "C1'" . DG  C 3 1  ? -8.29963  -5.64226  11.89853  1.000 214.76000 ? 209 DG  C "C1'" 1 
ATOM   582 N  N9    . DG  C 3 1  ? -7.40049  -4.49036  12.02514  1.000 218.68000 ? 209 DG  C N9    1 
ATOM   583 C  C8    . DG  C 3 1  ? -7.71267  -3.16490  11.84753  1.000 215.57000 ? 209 DG  C C8    1 
ATOM   584 N  N7    . DG  C 3 1  ? -6.68629  -2.36795  11.97380  1.000 204.54000 ? 209 DG  C N7    1 
ATOM   585 C  C5    . DG  C 3 1  ? -5.62969  -3.22492  12.24635  1.000 209.07000 ? 209 DG  C C5    1 
ATOM   586 C  C6    . DG  C 3 1  ? -4.26631  -2.95364  12.46766  1.000 216.60000 ? 209 DG  C C6    1 
ATOM   587 O  O6    . DG  C 3 1  ? -3.71107  -1.85845  12.49827  1.000 223.95000 ? 209 DG  C O6    1 
ATOM   588 N  N1    . DG  C 3 1  ? -3.53419  -4.11696  12.72121  1.000 219.09000 ? 209 DG  C N1    1 
ATOM   589 C  C2    . DG  C 3 1  ? -4.05707  -5.38598  12.71694  1.000 226.63000 ? 209 DG  C C2    1 
ATOM   590 N  N2    . DG  C 3 1  ? -3.21595  -6.39887  12.97535  1.000 232.40000 ? 209 DG  C N2    1 
ATOM   591 N  N3    . DG  C 3 1  ? -5.32953  -5.64764  12.50492  1.000 224.14000 ? 209 DG  C N3    1 
ATOM   592 C  C4    . DG  C 3 1  ? -6.05141  -4.53070  12.27223  1.000 219.41000 ? 209 DG  C C4    1 
ATOM   593 P  P     . DG  C 3 2  ? -10.31639 -8.46012  15.33910  1.000 214.95000 ? 210 DG  C P     1 
ATOM   594 O  OP1   . DG  C 3 2  ? -11.16992 -9.66629  15.39071  1.000 211.11000 ? 210 DG  C OP1   1 
ATOM   595 O  OP2   . DG  C 3 2  ? -10.74297 -7.27011  16.10659  1.000 213.31000 ? 210 DG  C OP2   1 
ATOM   596 O  "O5'" . DG  C 3 2  ? -8.81343  -8.84030  15.74325  1.000 215.06000 ? 210 DG  C "O5'" 1 
ATOM   597 C  "C5'" . DG  C 3 2  ? -7.95559  -9.49413  14.79429  1.000 211.81000 ? 210 DG  C "C5'" 1 
ATOM   598 C  "C4'" . DG  C 3 2  ? -6.50364  -9.30192  15.17613  1.000 209.23000 ? 210 DG  C "C4'" 1 
ATOM   599 O  "O4'" . DG  C 3 2  ? -6.04581  -7.99797  14.72961  1.000 212.08000 ? 210 DG  C "O4'" 1 
ATOM   600 C  "C3'" . DG  C 3 2  ? -6.25830  -9.35392  16.67782  1.000 225.08000 ? 210 DG  C "C3'" 1 
ATOM   601 O  "O3'" . DG  C 3 2  ? -5.18186  -10.21008 16.96730  1.000 227.51000 ? 210 DG  C "O3'" 1 
ATOM   602 C  "C2'" . DG  C 3 2  ? -5.95974  -7.90137  17.05525  1.000 229.46000 ? 210 DG  C "C2'" 1 
ATOM   603 C  "C1'" . DG  C 3 2  ? -5.35338  -7.36430  15.78140  1.000 209.86000 ? 210 DG  C "C1'" 1 
ATOM   604 N  N9    . DG  C 3 2  ? -5.47013  -5.91348  15.61375  1.000 217.82000 ? 210 DG  C N9    1 
ATOM   605 C  C8    . DG  C 3 2  ? -6.61416  -5.18400  15.37706  1.000 229.28000 ? 210 DG  C C8    1 
ATOM   606 N  N7    . DG  C 3 2  ? -6.39213  -3.90407  15.23565  1.000 220.64000 ? 210 DG  C N7    1 
ATOM   607 C  C5    . DG  C 3 2  ? -5.01734  -3.77712  15.39482  1.000 211.83000 ? 210 DG  C C5    1 
ATOM   608 C  C6    . DG  C 3 2  ? -4.18462  -2.62959  15.36211  1.000 217.73000 ? 210 DG  C C6    1 
ATOM   609 O  O6    . DG  C 3 2  ? -4.50701  -1.45002  15.15509  1.000 221.30000 ? 210 DG  C O6    1 
ATOM   610 N  N1    . DG  C 3 2  ? -2.84884  -2.96908  15.56028  1.000 231.87000 ? 210 DG  C N1    1 
ATOM   611 C  C2    . DG  C 3 2  ? -2.37015  -4.24002  15.77785  1.000 229.29000 ? 210 DG  C C2    1 
ATOM   612 N  N2    . DG  C 3 2  ? -1.05555  -4.37946  15.97556  1.000 239.31000 ? 210 DG  C N2    1 
ATOM   613 N  N3    . DG  C 3 2  ? -3.14092  -5.31191  15.82349  1.000 217.85000 ? 210 DG  C N3    1 
ATOM   614 C  C4    . DG  C 3 2  ? -4.44565  -5.01087  15.62816  1.000 212.14000 ? 210 DG  C C4    1 
ATOM   615 P  P     . DC  C 3 3  ? -5.39287  -11.40703 18.02233  1.000 243.19000 ? 211 DC  C P     1 
ATOM   616 O  OP1   . DC  C 3 3  ? -5.36701  -12.67886 17.26908  1.000 237.75000 ? 211 DC  C OP1   1 
ATOM   617 O  OP2   . DC  C 3 3  ? -6.59122  -11.08073 18.83141  1.000 239.41000 ? 211 DC  C OP2   1 
ATOM   618 O  "O5'" . DC  C 3 3  ? -4.08712  -11.31573 18.94518  1.000 240.49000 ? 211 DC  C "O5'" 1 
ATOM   619 C  "C5'" . DC  C 3 3  ? -3.70922  -10.06828 19.52127  1.000 241.48000 ? 211 DC  C "C5'" 1 
ATOM   620 C  "C4'" . DC  C 3 3  ? -2.20372  -9.87078  19.47020  1.000 242.05000 ? 211 DC  C "C4'" 1 
ATOM   621 O  "O4'" . DC  C 3 3  ? -1.91363  -8.70117  18.66788  1.000 231.85000 ? 211 DC  C "O4'" 1 
ATOM   622 C  "C3'" . DC  C 3 3  ? -1.55515  -9.60060  20.82310  1.000 258.47000 ? 211 DC  C "C3'" 1 
ATOM   623 O  "O3'" . DC  C 3 3  ? -0.18030  -10.00384 20.82416  1.000 269.64000 ? 211 DC  C "O3'" 1 
ATOM   624 C  "C2'" . DC  C 3 3  ? -1.69251  -8.09353  20.94545  1.000 256.19000 ? 211 DC  C "C2'" 1 
ATOM   625 C  "C1'" . DC  C 3 3  ? -1.51610  -7.63088  19.50454  1.000 242.12000 ? 211 DC  C "C1'" 1 
ATOM   626 N  N1    . DC  C 3 3  ? -2.33227  -6.43142  19.17873  1.000 233.46000 ? 211 DC  C N1    1 
ATOM   627 C  C2    . DC  C 3 3  ? -1.69668  -5.21016  18.98719  1.000 256.10000 ? 211 DC  C C2    1 
ATOM   628 O  O2    . DC  C 3 3  ? -0.46089  -5.16980  19.06979  1.000 263.04000 ? 211 DC  C O2    1 
ATOM   629 N  N3    . DC  C 3 3  ? -2.44903  -4.11330  18.70151  1.000 253.19000 ? 211 DC  C N3    1 
ATOM   630 C  C4    . DC  C 3 3  ? -3.77538  -4.21722  18.62226  1.000 232.43000 ? 211 DC  C C4    1 
ATOM   631 N  N4    . DC  C 3 3  ? -4.48077  -3.11449  18.33407  1.000 224.66000 ? 211 DC  C N4    1 
ATOM   632 C  C5    . DC  C 3 3  ? -4.43648  -5.45776  18.82818  1.000 231.18000 ? 211 DC  C C5    1 
ATOM   633 C  C6    . DC  C 3 3  ? -3.68370  -6.52670  19.10655  1.000 228.01000 ? 211 DC  C C6    1 
ATOM   634 P  P     . DT  C 3 4  ? 0.45822   -10.73330 22.11460  1.000 287.10000 ? 212 DT  C P     1 
ATOM   635 O  OP1   . DT  C 3 4  ? 1.86630   -11.07033 21.82553  1.000 291.20000 ? 212 DT  C OP1   1 
ATOM   636 O  OP2   . DT  C 3 4  ? -0.46753  -11.80583 22.53762  1.000 286.97000 ? 212 DT  C OP2   1 
ATOM   637 O  "O5'" . DT  C 3 4  ? 0.45738   -9.60474  23.24539  1.000 290.46000 ? 212 DT  C "O5'" 1 
ATOM   638 C  "C5'" . DT  C 3 4  ? 1.49884   -9.56984  24.22008  1.000 294.91000 ? 212 DT  C "C5'" 1 
ATOM   639 C  "C4'" . DT  C 3 4  ? 2.55832   -8.55757  23.82713  1.000 307.51000 ? 212 DT  C "C4'" 1 
ATOM   640 O  "O4'" . DT  C 3 4  ? 1.93886   -7.51556  23.01618  1.000 312.47000 ? 212 DT  C "O4'" 1 
ATOM   641 C  "C3'" . DT  C 3 4  ? 3.20406   -7.83373  25.00032  1.000 322.67000 ? 212 DT  C "C3'" 1 
ATOM   642 O  "O3'" . DT  C 3 4  ? 4.55942   -7.44785  24.68474  1.000 331.55000 ? 212 DT  C "O3'" 1 
ATOM   643 C  "C2'" . DT  C 3 4  ? 2.28441   -6.62892  25.14965  1.000 324.42000 ? 212 DT  C "C2'" 1 
ATOM   644 C  "C1'" . DT  C 3 4  ? 2.01276   -6.27845  23.69626  1.000 309.86000 ? 212 DT  C "C1'" 1 
ATOM   645 N  N1    . DT  C 3 4  ? 0.72995   -5.49883  23.47574  1.000 301.95000 ? 212 DT  C N1    1 
ATOM   646 C  C2    . DT  C 3 4  ? 0.80374   -4.15864  23.16269  1.000 300.16000 ? 212 DT  C C2    1 
ATOM   647 O  O2    . DT  C 3 4  ? 1.85680   -3.55733  23.05181  1.000 301.36000 ? 212 DT  C O2    1 
ATOM   648 N  N3    . DT  C 3 4  ? -0.40548  -3.54202  22.97987  1.000 295.08000 ? 212 DT  C N3    1 
ATOM   649 C  C4    . DT  C 3 4  ? -1.65884  -4.11841  23.07645  1.000 287.92000 ? 212 DT  C C4    1 
ATOM   650 O  O4    . DT  C 3 4  ? -2.68851  -3.48433  22.89497  1.000 284.09000 ? 212 DT  C O4    1 
ATOM   651 C  C5    . DT  C 3 4  ? -1.67145  -5.51815  23.40770  1.000 287.23000 ? 212 DT  C C5    1 
ATOM   652 C  C7    . DT  C 3 4  ? -2.97888  -6.24094  23.54341  1.000 279.50000 ? 212 DT  C C7    1 
ATOM   653 C  C6    . DT  C 3 4  ? -0.49165  -6.13639  23.59117  1.000 294.00000 ? 212 DT  C C6    1 
ATOM   654 P  P     . DG  C 3 5  ? 5.61857   -7.15833  25.86819  1.000 349.71000 ? 213 DG  C P     1 
ATOM   655 O  OP1   . DG  C 3 5  ? 6.69194   -6.28788  25.33679  1.000 342.54000 ? 213 DG  C OP1   1 
ATOM   656 O  OP2   . DG  C 3 5  ? 5.98684   -8.46371  26.46811  1.000 342.37000 ? 213 DG  C OP2   1 
ATOM   657 O  "O5'" . DG  C 3 5  ? 4.75887   -6.33513  26.94492  1.000 350.41000 ? 213 DG  C "O5'" 1 
ATOM   658 C  "C5'" . DG  C 3 5  ? 5.20320   -5.06231  27.43052  1.000 345.16000 ? 213 DG  C "C5'" 1 
ATOM   659 C  "C4'" . DG  C 3 5  ? 4.55041   -3.90198  26.67621  1.000 346.28000 ? 213 DG  C "C4'" 1 
ATOM   660 O  "O4'" . DG  C 3 5  ? 3.15450   -4.17070  26.40266  1.000 344.92000 ? 213 DG  C "O4'" 1 
ATOM   661 C  "C3'" . DG  C 3 5  ? 4.55662   -2.57062  27.42786  1.000 348.43000 ? 213 DG  C "C3'" 1 
ATOM   662 O  "O3'" . DG  C 3 5  ? 5.46405   -1.68076  26.82374  1.000 352.97000 ? 213 DG  C "O3'" 1 
ATOM   663 C  "C2'" . DG  C 3 5  ? 3.10443   -2.05450  27.32874  1.000 345.87000 ? 213 DG  C "C2'" 1 
ATOM   664 C  "C1'" . DG  C 3 5  ? 2.50849   -2.93228  26.24289  1.000 339.15000 ? 213 DG  C "C1'" 1 
ATOM   665 N  N9    . DG  C 3 5  ? 1.04942   -3.10508  26.35154  1.000 332.80000 ? 213 DG  C N9    1 
ATOM   666 C  C8    . DG  C 3 5  ? 0.36789   -4.24409  26.71234  1.000 320.74000 ? 213 DG  C C8    1 
ATOM   667 N  N7    . DG  C 3 5  ? -0.93156  -4.09733  26.71657  1.000 311.20000 ? 213 DG  C N7    1 
ATOM   668 C  C5    . DG  C 3 5  ? -1.12865  -2.77471  26.33415  1.000 308.63000 ? 213 DG  C C5    1 
ATOM   669 C  C6    . DG  C 3 5  ? -2.33075  -2.04059  26.16226  1.000 300.93000 ? 213 DG  C C6    1 
ATOM   670 O  O6    . DG  C 3 5  ? -3.49668  -2.42748  26.31972  1.000 295.78000 ? 213 DG  C O6    1 
ATOM   671 N  N1    . DG  C 3 5  ? -2.08383  -0.72686  25.76774  1.000 301.88000 ? 213 DG  C N1    1 
ATOM   672 C  C2    . DG  C 3 5  ? -0.83699  -0.18912  25.56659  1.000 304.96000 ? 213 DG  C C2    1 
ATOM   673 N  N2    . DG  C 3 5  ? -0.79100  1.09805   25.18930  1.000 308.68000 ? 213 DG  C N2    1 
ATOM   674 N  N3    . DG  C 3 5  ? 0.29706   -0.86533  25.72056  1.000 310.78000 ? 213 DG  C N3    1 
ATOM   675 C  C4    . DG  C 3 5  ? 0.07705   -2.14778  26.10599  1.000 314.05000 ? 213 DG  C C4    1 
ATOM   676 P  P     . DC  C 3 6  ? 6.10168   -0.49691  27.69342  1.000 369.27000 ? 214 DC  C P     1 
ATOM   677 O  OP1   . DC  C 3 6  ? 7.20526   0.08745   26.89893  1.000 379.63000 ? 214 DC  C OP1   1 
ATOM   678 O  OP2   . DC  C 3 6  ? 6.37391   -1.07273  29.02923  1.000 352.12000 ? 214 DC  C OP2   1 
ATOM   679 O  "O5'" . DC  C 3 6  ? 4.91048   0.57661   27.83408  1.000 356.89000 ? 214 DC  C "O5'" 1 
ATOM   680 C  "C5'" . DC  C 3 6  ? 4.31349   1.14369   26.65366  1.000 352.66000 ? 214 DC  C "C5'" 1 
ATOM   681 C  "C4'" . DC  C 3 6  ? 3.27456   2.20674   26.99844  1.000 343.07000 ? 214 DC  C "C4'" 1 
ATOM   682 O  "O4'" . DC  C 3 6  ? 1.95112   1.61671   27.06587  1.000 333.70000 ? 214 DC  C "O4'" 1 
ATOM   683 C  "C3'" . DC  C 3 6  ? 3.49268   2.93111   28.33305  1.000 340.16000 ? 214 DC  C "C3'" 1 
ATOM   684 O  "O3'" . DC  C 3 6  ? 3.61338   4.33295   28.11176  1.000 340.29000 ? 214 DC  C "O3'" 1 
ATOM   685 C  "C2'" . DC  C 3 6  ? 2.24106   2.58995   29.15898  1.000 332.02000 ? 214 DC  C "C2'" 1 
ATOM   686 C  "C1'" . DC  C 3 6  ? 1.22163   2.26750   28.07624  1.000 327.59000 ? 214 DC  C "C1'" 1 
ATOM   687 N  N1    . DC  C 3 6  ? 0.11303   1.36229   28.52909  1.000 321.57000 ? 214 DC  C N1    1 
ATOM   688 C  C2    . DC  C 3 6  ? -1.19800  1.84325   28.57488  1.000 312.56000 ? 214 DC  C C2    1 
ATOM   689 O  O2    . DC  C 3 6  ? -1.41013  3.01943   28.25390  1.000 309.10000 ? 214 DC  C O2    1 
ATOM   690 N  N3    . DC  C 3 6  ? -2.18800  1.00657   28.98373  1.000 308.59000 ? 214 DC  C N3    1 
ATOM   691 C  C4    . DC  C 3 6  ? -1.90688  -0.25251  29.32297  1.000 306.49000 ? 214 DC  C C4    1 
ATOM   692 N  N4    . DC  C 3 6  ? -2.91271  -1.04016  29.71814  1.000 295.56000 ? 214 DC  C N4    1 
ATOM   693 C  C5    . DC  C 3 6  ? -0.57902  -0.75818  29.27641  1.000 322.69000 ? 214 DC  C C5    1 
ATOM   694 C  C6    . DC  C 3 6  ? 0.38930   0.07360   28.87838  1.000 336.46000 ? 214 DC  C C6    1 
ATOM   695 O  "O5'" . DT  D 4 1  ? 12.98472  18.99801  -19.70662 1.000 384.96000 ? 201 DT  D "O5'" 1 
ATOM   696 C  "C5'" . DT  D 4 1  ? 11.83018  18.26243  -20.11127 1.000 376.72000 ? 201 DT  D "C5'" 1 
ATOM   697 C  "C4'" . DT  D 4 1  ? 11.27892  18.79879  -21.42182 1.000 363.55000 ? 201 DT  D "C4'" 1 
ATOM   698 O  "O4'" . DT  D 4 1  ? 12.29446  18.69623  -22.45527 1.000 339.68000 ? 201 DT  D "O4'" 1 
ATOM   699 C  "C3'" . DT  D 4 1  ? 10.07904  18.04675  -21.98245 1.000 362.37000 ? 201 DT  D "C3'" 1 
ATOM   700 O  "O3'" . DT  D 4 1  ? 8.86262   18.53591  -21.40076 1.000 400.61000 ? 201 DT  D "O3'" 1 
ATOM   701 C  "C2'" . DT  D 4 1  ? 10.16914  18.40685  -23.45727 1.000 347.70000 ? 201 DT  D "C2'" 1 
ATOM   702 C  "C1'" . DT  D 4 1  ? 11.68156  18.38678  -23.69786 1.000 334.53000 ? 201 DT  D "C1'" 1 
ATOM   703 N  N1    . DT  D 4 1  ? 12.21388  17.05992  -24.18216 1.000 321.62000 ? 201 DT  D N1    1 
ATOM   704 C  C2    . DT  D 4 1  ? 11.65605  16.45448  -25.29113 1.000 308.83000 ? 201 DT  D C2    1 
ATOM   705 O  O2    . DT  D 4 1  ? 10.72415  16.92697  -25.92330 1.000 309.47000 ? 201 DT  D O2    1 
ATOM   706 N  N3    . DT  D 4 1  ? 12.23032  15.25284  -25.63642 1.000 301.08000 ? 201 DT  D N3    1 
ATOM   707 C  C4    . DT  D 4 1  ? 13.27914  14.61138  -25.00381 1.000 303.06000 ? 201 DT  D C4    1 
ATOM   708 O  O4    . DT  D 4 1  ? 13.72351  13.53032  -25.39021 1.000 291.01000 ? 201 DT  D O4    1 
ATOM   709 C  C5    . DT  D 4 1  ? 13.82069  15.30338  -23.86123 1.000 315.03000 ? 201 DT  D C5    1 
ATOM   710 C  C7    . DT  D 4 1  ? 14.96573  14.71258  -23.09810 1.000 321.85000 ? 201 DT  D C7    1 
ATOM   711 C  C6    . DT  D 4 1  ? 13.27178  16.47877  -23.51298 1.000 318.87000 ? 201 DT  D C6    1 
ATOM   712 P  P     . DC  D 4 2  ? 7.49055   17.69526  -21.51631 1.000 417.77000 ? 202 DC  D P     1 
ATOM   713 O  OP1   . DC  D 4 2  ? 6.40337   18.56562  -21.02434 1.000 435.93000 ? 202 DC  D OP1   1 
ATOM   714 O  OP2   . DC  D 4 2  ? 7.68400   16.37178  -20.88669 1.000 384.90000 ? 202 DC  D OP2   1 
ATOM   715 O  "O5'" . DC  D 4 2  ? 7.26824   17.49303  -23.09000 1.000 362.91000 ? 202 DC  D "O5'" 1 
ATOM   716 C  "C5'" . DC  D 4 2  ? 6.25553   16.60570  -23.55026 1.000 348.64000 ? 202 DC  D "C5'" 1 
ATOM   717 C  "C4'" . DC  D 4 2  ? 5.70305   17.03643  -24.90421 1.000 341.89000 ? 202 DC  D "C4'" 1 
ATOM   718 O  "O4'" . DC  D 4 2  ? 6.70355   16.85832  -25.93445 1.000 322.50000 ? 202 DC  D "O4'" 1 
ATOM   719 C  "C3'" . DC  D 4 2  ? 4.49760   16.23953  -25.36741 1.000 335.76000 ? 202 DC  D "C3'" 1 
ATOM   720 O  "O3'" . DC  D 4 2  ? 3.59835   17.06134  -26.09005 1.000 348.56000 ? 202 DC  D "O3'" 1 
ATOM   721 C  "C2'" . DC  D 4 2  ? 5.09140   15.13472  -26.24624 1.000 321.91000 ? 202 DC  D "C2'" 1 
ATOM   722 C  "C1'" . DC  D 4 2  ? 6.45260   15.67417  -26.67252 1.000 312.79000 ? 202 DC  D "C1'" 1 
ATOM   723 N  N1    . DC  D 4 2  ? 7.58378   14.72692  -26.42470 1.000 301.69000 ? 202 DC  D N1    1 
ATOM   724 C  C2    . DC  D 4 2  ? 7.73886   13.56781  -27.20745 1.000 293.13000 ? 202 DC  D C2    1 
ATOM   725 O  O2    . DC  D 4 2  ? 6.92000   13.32357  -28.10329 1.000 285.48000 ? 202 DC  D O2    1 
ATOM   726 N  N3    . DC  D 4 2  ? 8.78934   12.74538  -26.94946 1.000 288.45000 ? 202 DC  D N3    1 
ATOM   727 C  C4    . DC  D 4 2  ? 9.65161   13.04566  -25.97391 1.000 291.89000 ? 202 DC  D C4    1 
ATOM   728 N  N4    . DC  D 4 2  ? 10.67388  12.21831  -25.74493 1.000 277.49000 ? 202 DC  D N4    1 
ATOM   729 C  C5    . DC  D 4 2  ? 9.49453   14.20589  -25.17617 1.000 301.07000 ? 202 DC  D C5    1 
ATOM   730 C  C6    . DC  D 4 2  ? 8.47359   15.01085  -25.44091 1.000 313.72000 ? 202 DC  D C6    1 
ATOM   731 P  P     . DT  D 4 3  ? 2.03538   16.68763  -26.10412 1.000 390.31000 ? 203 DT  D P     1 
ATOM   732 O  OP1   . DT  D 4 3  ? 1.35353   17.53216  -27.10802 1.000 374.01000 ? 203 DT  D OP1   1 
ATOM   733 O  OP2   . DT  D 4 3  ? 1.56247   16.64585  -24.70319 1.000 401.29000 ? 203 DT  D OP2   1 
ATOM   734 O  "O5'" . DT  D 4 3  ? 2.02248   15.19214  -26.63314 1.000 342.03000 ? 203 DT  D "O5'" 1 
ATOM   735 C  "C5'" . DT  D 4 3  ? 0.83109   14.46392  -26.65368 1.000 327.44000 ? 203 DT  D "C5'" 1 
ATOM   736 C  "C4'" . DT  D 4 3  ? 1.07234   13.13114  -27.31145 1.000 312.66000 ? 203 DT  D "C4'" 1 
ATOM   737 O  "O4'" . DT  D 4 3  ? 2.48434   12.79447  -27.22192 1.000 316.34000 ? 203 DT  D "O4'" 1 
ATOM   738 C  "C3'" . DT  D 4 3  ? 0.31807   11.96645  -26.68421 1.000 301.82000 ? 203 DT  D "C3'" 1 
ATOM   739 O  "O3'" . DT  D 4 3  ? -0.24288  11.18316  -27.70257 1.000 297.99000 ? 203 DT  D "O3'" 1 
ATOM   740 C  "C2'" . DT  D 4 3  ? 1.40786   11.20782  -25.92738 1.000 299.87000 ? 203 DT  D "C2'" 1 
ATOM   741 C  "C1'" . DT  D 4 3  ? 2.59671   11.45067  -26.83235 1.000 303.05000 ? 203 DT  D "C1'" 1 
ATOM   742 N  N1    . DT  D 4 3  ? 3.92292   11.23401  -26.18034 1.000 299.88000 ? 203 DT  D N1    1 
ATOM   743 C  C2    . DT  D 4 3  ? 4.66522   10.14595  -26.55127 1.000 286.71000 ? 203 DT  D C2    1 
ATOM   744 O  O2    . DT  D 4 3  ? 4.28742   9.34481   -27.38398 1.000 283.58000 ? 203 DT  D O2    1 
ATOM   745 N  N3    . DT  D 4 3  ? 5.87142   10.02584  -25.91395 1.000 283.00000 ? 203 DT  D N3    1 
ATOM   746 C  C4    . DT  D 4 3  ? 6.39608   10.87200  -24.95946 1.000 290.82000 ? 203 DT  D C4    1 
ATOM   747 O  O4    . DT  D 4 3  ? 7.49074   10.67626  -24.44356 1.000 285.31000 ? 203 DT  D O4    1 
ATOM   748 C  C5    . DT  D 4 3  ? 5.56515   11.99964  -24.61235 1.000 301.21000 ? 203 DT  D C5    1 
ATOM   749 C  C7    . DT  D 4 3  ? 6.03036   12.98958  -23.58476 1.000 313.95000 ? 203 DT  D C7    1 
ATOM   750 C  C6    . DT  D 4 3  ? 4.37757   12.12201  -25.22908 1.000 305.26000 ? 203 DT  D C6    1 
ATOM   751 P  P     . DG  D 4 4  ? -1.67004  10.49321  -27.47639 1.000 322.12000 ? 204 DG  D P     1 
ATOM   752 O  OP1   . DG  D 4 4  ? -2.53593  10.85579  -28.62047 1.000 321.93000 ? 204 DG  D OP1   1 
ATOM   753 O  OP2   . DG  D 4 4  ? -2.08966  10.82856  -26.09743 1.000 335.82000 ? 204 DG  D OP2   1 
ATOM   754 O  "O5'" . DG  D 4 4  ? -1.33772  8.93088   -27.53251 1.000 291.40000 ? 204 DG  D "O5'" 1 
ATOM   755 C  "C5'" . DG  D 4 4  ? -0.28066  8.47015   -28.36951 1.000 280.48000 ? 204 DG  D "C5'" 1 
ATOM   756 C  "C4'" . DG  D 4 4  ? 0.28017   7.15384   -27.86517 1.000 268.71000 ? 204 DG  D "C4'" 1 
ATOM   757 O  "O4'" . DG  D 4 4  ? 1.60009   7.36447   -27.28102 1.000 269.63000 ? 204 DG  D "O4'" 1 
ATOM   758 C  "C3'" . DG  D 4 4  ? -0.55190  6.46683   -26.77552 1.000 262.73000 ? 204 DG  D "C3'" 1 
ATOM   759 O  "O3'" . DG  D 4 4  ? -0.54769  5.05863   -26.99454 1.000 246.69000 ? 204 DG  D "O3'" 1 
ATOM   760 C  "C2'" . DG  D 4 4  ? 0.22264   6.82802   -25.50768 1.000 270.51000 ? 204 DG  D "C2'" 1 
ATOM   761 C  "C1'" . DG  D 4 4  ? 1.63379   6.69827   -26.04034 1.000 266.34000 ? 204 DG  D "C1'" 1 
ATOM   762 N  N9    . DG  D 4 4  ? 2.69120   7.26371   -25.19053 1.000 269.18000 ? 204 DG  D N9    1 
ATOM   763 C  C8    . DG  D 4 4  ? 2.68210   8.45398   -24.49809 1.000 274.09000 ? 204 DG  D C8    1 
ATOM   764 N  N7    . DG  D 4 4  ? 3.79289   8.67933   -23.83846 1.000 273.64000 ? 204 DG  D N7    1 
ATOM   765 C  C5    . DG  D 4 4  ? 4.58013   7.56320   -24.11295 1.000 260.72000 ? 204 DG  D C5    1 
ATOM   766 C  C6    . DG  D 4 4  ? 5.89069   7.22906   -23.68594 1.000 252.75000 ? 204 DG  D C6    1 
ATOM   767 O  O6    . DG  D 4 4  ? 6.64860   7.86708   -22.95220 1.000 250.29000 ? 204 DG  D O6    1 
ATOM   768 N  N1    . DG  D 4 4  ? 6.30393   5.99672   -24.20294 1.000 246.98000 ? 204 DG  D N1    1 
ATOM   769 C  C2    . DG  D 4 4  ? 5.54407   5.20169   -25.02720 1.000 250.87000 ? 204 DG  D C2    1 
ATOM   770 N  N2    . DG  D 4 4  ? 6.08495   4.05016   -25.44429 1.000 244.72000 ? 204 DG  D N2    1 
ATOM   771 N  N3    . DG  D 4 4  ? 4.32977   5.50775   -25.42883 1.000 260.08000 ? 204 DG  D N3    1 
ATOM   772 C  C4    . DG  D 4 4  ? 3.91250   6.69172   -24.93942 1.000 261.09000 ? 204 DG  D C4    1 
ATOM   773 P  P     . DA  D 4 5  ? -1.87676  4.29091   -27.48367 1.000 242.04000 ? 205 DA  D P     1 
ATOM   774 O  OP1   . DA  D 4 5  ? -2.35807  4.91589   -28.73217 1.000 247.11000 ? 205 DA  D OP1   1 
ATOM   775 O  OP2   . DA  D 4 5  ? -2.79399  4.18040   -26.33134 1.000 244.80000 ? 205 DA  D OP2   1 
ATOM   776 O  "O5'" . DA  D 4 5  ? -1.34500  2.82103   -27.82174 1.000 245.77000 ? 205 DA  D "O5'" 1 
ATOM   777 C  "C5'" . DA  D 4 5  ? 0.04758   2.60533   -28.09692 1.000 247.10000 ? 205 DA  D "C5'" 1 
ATOM   778 C  "C4'" . DA  D 4 5  ? 0.63587   1.61767   -27.10818 1.000 244.87000 ? 205 DA  D "C4'" 1 
ATOM   779 O  "O4'" . DA  D 4 5  ? 1.68585   2.27034   -26.32770 1.000 243.43000 ? 205 DA  D "O4'" 1 
ATOM   780 C  "C3'" . DA  D 4 5  ? -0.38061  1.07748   -26.09303 1.000 251.90000 ? 205 DA  D "C3'" 1 
ATOM   781 O  "O3'" . DA  D 4 5  ? -0.15188  -0.30661  -25.82077 1.000 256.92000 ? 205 DA  D "O3'" 1 
ATOM   782 C  "C2'" . DA  D 4 5  ? -0.07384  1.91987   -24.86465 1.000 249.66000 ? 205 DA  D "C2'" 1 
ATOM   783 C  "C1'" . DA  D 4 5  ? 1.44101   2.02198   -24.96454 1.000 252.58000 ? 205 DA  D "C1'" 1 
ATOM   784 N  N9    . DA  D 4 5  ? 2.01168   3.09535   -24.13666 1.000 253.80000 ? 205 DA  D N9    1 
ATOM   785 C  C8    . DA  D 4 5  ? 1.40800   4.26619   -23.78384 1.000 257.40000 ? 205 DA  D C8    1 
ATOM   786 N  N7    . DA  D 4 5  ? 2.13669   5.03561   -23.00872 1.000 255.69000 ? 205 DA  D N7    1 
ATOM   787 C  C5    . DA  D 4 5  ? 3.29694   4.31380   -22.82287 1.000 250.39000 ? 205 DA  D C5    1 
ATOM   788 C  C6    . DA  D 4 5  ? 4.47078   4.58595   -22.10309 1.000 240.02000 ? 205 DA  D C6    1 
ATOM   789 N  N6    . DA  D 4 5  ? 4.66102   5.70933   -21.40333 1.000 240.21000 ? 205 DA  D N6    1 
ATOM   790 N  N1    . DA  D 4 5  ? 5.44192   3.65590   -22.12632 1.000 244.64000 ? 205 DA  D N1    1 
ATOM   791 C  C2    . DA  D 4 5  ? 5.24215   2.53417   -22.82882 1.000 238.40000 ? 205 DA  D C2    1 
ATOM   792 N  N3    . DA  D 4 5  ? 4.18752   2.16664   -23.54690 1.000 249.45000 ? 205 DA  D N3    1 
ATOM   793 C  C4    . DA  D 4 5  ? 3.24006   3.10995   -23.50710 1.000 248.92000 ? 205 DA  D C4    1 
ATOM   794 P  P     . DT  D 4 6  ? -0.69692  -1.47428  -26.78990 1.000 263.68000 ? 206 DT  D P     1 
ATOM   795 O  OP1   . DT  D 4 6  ? -0.78247  -0.95284  -28.17064 1.000 259.27000 ? 206 DT  D OP1   1 
ATOM   796 O  OP2   . DT  D 4 6  ? -1.89513  -2.09377  -26.17519 1.000 259.21000 ? 206 DT  D OP2   1 
ATOM   797 O  "O5'" . DT  D 4 6  ? 0.49083   -2.54184  -26.70699 1.000 268.52000 ? 206 DT  D "O5'" 1 
ATOM   798 C  "C5'" . DT  D 4 6  ? 1.80854   -2.08433  -26.36550 1.000 262.98000 ? 206 DT  D "C5'" 1 
ATOM   799 C  "C4'" . DT  D 4 6  ? 2.38985   -2.85539  -25.19125 1.000 262.35000 ? 206 DT  D "C4'" 1 
ATOM   800 O  "O4'" . DT  D 4 6  ? 3.04218   -1.93105  -24.27254 1.000 267.96000 ? 206 DT  D "O4'" 1 
ATOM   801 C  "C3'" . DT  D 4 6  ? 1.38398   -3.65385  -24.36500 1.000 259.18000 ? 206 DT  D "C3'" 1 
ATOM   802 O  "O3'" . DT  D 4 6  ? 1.90056   -4.98404  -24.16386 1.000 258.23000 ? 206 DT  D "O3'" 1 
ATOM   803 C  "C2'" . DT  D 4 6  ? 1.26456   -2.84135  -23.05745 1.000 254.66000 ? 206 DT  D "C2'" 1 
ATOM   804 C  "C1'" . DT  D 4 6  ? 2.64349   -2.20139  -22.94677 1.000 249.46000 ? 206 DT  D "C1'" 1 
ATOM   805 N  N1    . DT  D 4 6  ? 2.70470   -0.89229  -22.14346 1.000 246.36000 ? 206 DT  D N1    1 
ATOM   806 C  C2    . DT  D 4 6  ? 3.84947   -0.59673  -21.43113 1.000 242.62000 ? 206 DT  D C2    1 
ATOM   807 O  O2    . DT  D 4 6  ? 4.81180   -1.33891  -21.37467 1.000 245.99000 ? 206 DT  D O2    1 
ATOM   808 N  N3    . DT  D 4 6  ? 3.82407   0.60272   -20.76710 1.000 241.87000 ? 206 DT  D N3    1 
ATOM   809 C  C4    . DT  D 4 6  ? 2.80483   1.52837   -20.74671 1.000 244.80000 ? 206 DT  D C4    1 
ATOM   810 O  O4    . DT  D 4 6  ? 2.87774   2.57385   -20.11153 1.000 236.25000 ? 206 DT  D O4    1 
ATOM   811 C  C5    . DT  D 4 6  ? 1.63801   1.17094   -21.50149 1.000 244.46000 ? 206 DT  D C5    1 
ATOM   812 C  C7    . DT  D 4 6  ? 0.46799   2.10449   -21.52432 1.000 249.31000 ? 206 DT  D C7    1 
ATOM   813 C  C6    . DT  D 4 6  ? 1.63921   -0.00516  -22.16804 1.000 247.20000 ? 206 DT  D C6    1 
ATOM   814 P  P     . DG  D 4 7  ? 1.02663   -6.14213  -23.46772 1.000 256.75000 ? 207 DG  D P     1 
ATOM   815 O  OP1   . DG  D 4 7  ? 1.06873   -7.34398  -24.33019 1.000 250.84000 ? 207 DG  D OP1   1 
ATOM   816 O  OP2   . DG  D 4 7  ? -0.29281  -5.58554  -23.08118 1.000 255.52000 ? 207 DG  D OP2   1 
ATOM   817 O  "O5'" . DG  D 4 7  ? 1.89088   -6.49029  -22.17158 1.000 245.40000 ? 207 DG  D "O5'" 1 
ATOM   818 C  "C5'" . DG  D 4 7  ? 3.31246   -6.61107  -22.28565 1.000 244.95000 ? 207 DG  D "C5'" 1 
ATOM   819 C  "C4'" . DG  D 4 7  ? 3.99491   -6.14947  -21.00972 1.000 247.09000 ? 207 DG  D "C4'" 1 
ATOM   820 O  "O4'" . DG  D 4 7  ? 3.82690   -4.71341  -20.85404 1.000 244.69000 ? 207 DG  D "O4'" 1 
ATOM   821 C  "C3'" . DG  D 4 7  ? 3.43833   -6.79105  -19.74197 1.000 241.61000 ? 207 DG  D "C3'" 1 
ATOM   822 O  "O3'" . DG  D 4 7  ? 4.42248   -7.64070  -19.13537 1.000 248.43000 ? 207 DG  D "O3'" 1 
ATOM   823 C  "C2'" . DG  D 4 7  ? 3.05249   -5.60733  -18.84109 1.000 231.54000 ? 207 DG  D "C2'" 1 
ATOM   824 C  "C1'" . DG  D 4 7  ? 3.72573   -4.40496  -19.48833 1.000 229.69000 ? 207 DG  D "C1'" 1 
ATOM   825 N  N9    . DG  D 4 7  ? 2.97565   -3.14490  -19.32723 1.000 228.29000 ? 207 DG  D N9    1 
ATOM   826 C  C8    . DG  D 4 7  ? 1.74402   -2.83085  -19.84885 1.000 233.86000 ? 207 DG  D C8    1 
ATOM   827 N  N7    . DG  D 4 7  ? 1.32801   -1.63174  -19.53992 1.000 238.99000 ? 207 DG  D N7    1 
ATOM   828 C  C5    . DG  D 4 7  ? 2.33808   -1.11862  -18.74394 1.000 245.57000 ? 207 DG  D C5    1 
ATOM   829 C  C6    . DG  D 4 7  ? 2.44547   0.14658   -18.10227 1.000 242.18000 ? 207 DG  D C6    1 
ATOM   830 O  O6    . DG  D 4 7  ? 1.64755   1.10607   -18.11347 1.000 239.97000 ? 207 DG  D O6    1 
ATOM   831 N  N1    . DG  D 4 7  ? 3.63951   0.26235   -17.40639 1.000 242.91000 ? 207 DG  D N1    1 
ATOM   832 C  C2    . DG  D 4 7  ? 4.59922   -0.71862  -17.31838 1.000 238.05000 ? 207 DG  D C2    1 
ATOM   833 N  N2    . DG  D 4 7  ? 5.68182   -0.41799  -16.58672 1.000 253.09000 ? 207 DG  D N2    1 
ATOM   834 N  N3    . DG  D 4 7  ? 4.51490   -1.90770  -17.90786 1.000 237.39000 ? 207 DG  D N3    1 
ATOM   835 C  C4    . DG  D 4 7  ? 3.36223   -2.03839  -18.60182 1.000 233.25000 ? 207 DG  D C4    1 
ATOM   836 P  P     . DT  D 4 8  ? 4.02609   -9.11423  -18.60838 1.000 251.97000 ? 208 DT  D P     1 
ATOM   837 O  OP1   . DT  D 4 8  ? 4.52056   -10.14709 -19.55520 1.000 236.05000 ? 208 DT  D OP1   1 
ATOM   838 O  OP2   . DT  D 4 8  ? 2.58139   -9.10202  -18.32687 1.000 249.95000 ? 208 DT  D OP2   1 
ATOM   839 O  "O5'" . DT  D 4 8  ? 4.76309   -9.18899  -17.18317 1.000 259.87000 ? 208 DT  D "O5'" 1 
ATOM   840 C  "C5'" . DT  D 4 8  ? 4.32758   -8.32916  -16.09259 1.000 247.70000 ? 208 DT  D "C5'" 1 
ATOM   841 C  "C4'" . DT  D 4 8  ? 5.39985   -7.31532  -15.69018 1.000 242.73000 ? 208 DT  D "C4'" 1 
ATOM   842 O  "O4'" . DT  D 4 8  ? 4.97083   -5.97407  -16.06384 1.000 237.81000 ? 208 DT  D "O4'" 1 
ATOM   843 C  "C3'" . DT  D 4 8  ? 5.67317   -7.23232  -14.19144 1.000 247.95000 ? 208 DT  D "C3'" 1 
ATOM   844 O  "O3'" . DT  D 4 8  ? 7.03085   -6.83981  -13.95539 1.000 251.13000 ? 208 DT  D "O3'" 1 
ATOM   845 C  "C2'" . DT  D 4 8  ? 4.69079   -6.14701  -13.75445 1.000 241.60000 ? 208 DT  D "C2'" 1 
ATOM   846 C  "C1'" . DT  D 4 8  ? 4.83193   -5.17781  -14.90129 1.000 236.82000 ? 208 DT  D "C1'" 1 
ATOM   847 N  N1    . DT  D 4 8  ? 3.67850   -4.23098  -15.08894 1.000 228.69000 ? 208 DT  D N1    1 
ATOM   848 C  C2    . DT  D 4 8  ? 3.72986   -2.98740  -14.52290 1.000 239.24000 ? 208 DT  D C2    1 
ATOM   849 O  O2    . DT  D 4 8  ? 4.65557   -2.61712  -13.82345 1.000 248.10000 ? 208 DT  D O2    1 
ATOM   850 N  N3    . DT  D 4 8  ? 2.65388   -2.16838  -14.80933 1.000 240.50000 ? 208 DT  D N3    1 
ATOM   851 C  C4    . DT  D 4 8  ? 1.54202   -2.48390  -15.56506 1.000 243.54000 ? 208 DT  D C4    1 
ATOM   852 O  O4    . DT  D 4 8  ? 0.60991   -1.67741  -15.75034 1.000 246.97000 ? 208 DT  D O4    1 
ATOM   853 C  C5    . DT  D 4 8  ? 1.56236   -3.81075  -16.13827 1.000 236.47000 ? 208 DT  D C5    1 
ATOM   854 C  C7    . DT  D 4 8  ? 0.43077   -4.27662  -16.99606 1.000 239.18000 ? 208 DT  D C7    1 
ATOM   855 C  C6    . DT  D 4 8  ? 2.61279   -4.60979  -15.86850 1.000 228.37000 ? 208 DT  D C6    1 
HETATM 856 AG AG    . AG  E 5 .  ? -2.61287  -4.25020  1.49839   1.000 230.14000 ? 201 AG  A AG    1 
HETATM 857 AG AG    . AG  F 5 .  ? 2.49284   -0.06631  -14.58819 1.000 240.57000 ? 301 AG  D AG    1 
# 
